data_4Q5V
#
_entry.id   4Q5V
#
_cell.length_a   105.051
_cell.length_b   116.432
_cell.length_c   233.026
_cell.angle_alpha   90.00
_cell.angle_beta   90.00
_cell.angle_gamma   90.00
#
_symmetry.space_group_name_H-M   'P 21 21 21'
#
loop_
_entity.id
_entity.type
_entity.pdbx_description
1 polymer 'DNA polymerase alpha catalytic subunit'
2 polymer 'RNA primer'
3 polymer 'DNA template'
4 non-polymer '(3R,4R,4aR,6aS,8R,9R,11aS,11bS)-4,9-bis(hydroxymethyl)-4,11b-dimethyltetradecahydro-8,11a-methanocyclohepta[a]naphthale ne-3,9-diol'
5 water water
#
loop_
_entity_poly.entity_id
_entity_poly.type
_entity_poly.pdbx_seq_one_letter_code
_entity_poly.pdbx_strand_id
1 'polypeptide(L)'
;DEEQVFHFYWLDAYEDQYNQPGVVFLFGKVWIESAETHVSCCVMVKNIERTLYFLPREMKIDLNTGKETGTPISMKDVYE
EFDEKIATKYKIMKFKSKPVEKNYAFEIPDVPEKSEYLEVKYSAEMPQLPQDLKGETFSHVFGTNTSSLELFLMNRKIKG
PCWLEVKSPQLLNQPVSWCKAEAMALKPDLVNVIKDVSPPPLVVMAFSMKTMQNAKNHQNEIIAMAALVHHSFALDKAAP
KPPFQSHFCVVSKPKDCIFPYAFKEVIEKKNVKVEVAATERTLLGFFLAKVHKIDPDIIVGHNIYGFELEVLLQRINVCK
APHWSKIGRLKRSNMPKLGGRSGFGERNATCGRMICDVEISAKELIRCKSYHLSELVQQILKTERVVIPMENIQNMYSES
SQLLYLLEHTWKDAKFILQIMCELNVLPLALQITNIAGNIMSRTLMGGRSERNEFLLLHAFYENNYIVPDKQIFRKPQQK
LGDEDEEIDGDTNKYKKGRKKAAYAGGLVLDPKVGFYDKFILLLDFNSLYPSIIQEFNICFTTVQRVASEAQKVTEDGEQ
EQIPELPDPSLEMGILPREIRKLVERRKQVKQLMKQQDLNPDLILQYDIRQKALKLTANSMYGCLGFSYSRFYAKPLAAL
VTYKGREILMHTKEMVQKMNLEVIYGDTDSIMINTNSTNLEEVFKLGNKVKSEVNKLYKLLEIDIDGVFKSLLLLKKKKY
AALVVEPTSDGNYVTKQELKGLDIVRRDWCDLAKDTGNFVIGQILSDQSRDTIVENIQKRLIEIGENVLNGSVPVSQFEI
NKALTKDPQDYPDKKSLPHVHVALWINSQGGRKVKAGDTVSYVICQDGSNLTASQRAYAPEQLQKQDNLTIDTQYYLAQQ
IHPVVARICEPIDGIDAVLIATWLGLDPTQFRVHHYHKDEEN
;
A,E
2 'polyribonucleotide' GCCUGGAGCG(DC) B,F
3 'polydeoxyribonucleotide'
;(DA)(DT)(DT)(DA)(DC)(DT)(DA)(DT)(DA)(DG)(DG)(DC)(DG)(DC)(DT)(DC)(DC)(DA)(DG)(DG)
(DC)
;
C,G
#
loop_
_chem_comp.id
_chem_comp.type
_chem_comp.name
_chem_comp.formula
2ZE non-polymer '(3R,4R,4aR,6aS,8R,9R,11aS,11bS)-4,9-bis(hydroxymethyl)-4,11b-dimethyltetradecahydro-8,11a-methanocyclohepta[a]naphthale ne-3,9-diol' 'C20 H34 O4'
A RNA linking ADENOSINE-5'-MONOPHOSPHATE 'C10 H14 N5 O7 P'
C RNA linking CYTIDINE-5'-MONOPHOSPHATE 'C9 H14 N3 O8 P'
DA DNA linking 2'-DEOXYADENOSINE-5'-MONOPHOSPHATE 'C10 H14 N5 O6 P'
DC DNA linking 2'-DEOXYCYTIDINE-5'-MONOPHOSPHATE 'C9 H14 N3 O7 P'
DG DNA linking 2'-DEOXYGUANOSINE-5'-MONOPHOSPHATE 'C10 H14 N5 O7 P'
DT DNA linking THYMIDINE-5'-MONOPHOSPHATE 'C10 H15 N2 O8 P'
G RNA linking GUANOSINE-5'-MONOPHOSPHATE 'C10 H14 N5 O8 P'
U RNA linking URIDINE-5'-MONOPHOSPHATE 'C9 H13 N2 O9 P'
#
# COMPACT_ATOMS: atom_id res chain seq x y z
N GLU A 3 3.14 -19.13 -24.46
CA GLU A 3 2.02 -20.09 -24.28
C GLU A 3 0.99 -19.59 -23.27
N GLN A 4 1.38 -19.46 -22.01
CA GLN A 4 0.47 -19.00 -20.96
C GLN A 4 1.22 -18.87 -19.63
N VAL A 5 0.85 -17.87 -18.83
CA VAL A 5 1.58 -17.64 -17.59
C VAL A 5 0.90 -16.78 -16.55
N PHE A 6 1.10 -17.09 -15.27
CA PHE A 6 0.54 -16.27 -14.22
C PHE A 6 1.57 -15.94 -13.12
N HIS A 7 1.36 -14.84 -12.40
CA HIS A 7 2.29 -14.47 -11.34
C HIS A 7 1.72 -14.63 -9.94
N PHE A 8 2.59 -14.88 -8.98
CA PHE A 8 2.14 -15.01 -7.61
C PHE A 8 3.27 -14.83 -6.62
N TYR A 9 2.94 -14.29 -5.45
CA TYR A 9 3.93 -14.03 -4.42
C TYR A 9 3.86 -15.13 -3.38
N TRP A 10 4.88 -15.98 -3.35
CA TRP A 10 4.90 -17.11 -2.42
C TRP A 10 5.37 -16.76 -1.00
N LEU A 11 4.77 -17.40 0.00
CA LEU A 11 5.08 -17.14 1.37
C LEU A 11 5.54 -18.35 2.14
N ASP A 12 4.95 -19.51 1.84
CA ASP A 12 5.28 -20.72 2.58
C ASP A 12 5.36 -21.94 1.67
N ALA A 13 6.10 -22.95 2.11
CA ALA A 13 6.23 -24.18 1.33
C ALA A 13 6.04 -25.41 2.21
N TYR A 14 5.54 -26.48 1.61
CA TYR A 14 5.30 -27.71 2.34
C TYR A 14 5.58 -28.93 1.48
N GLU A 15 6.14 -29.96 2.09
CA GLU A 15 6.44 -31.20 1.37
C GLU A 15 6.11 -32.43 2.21
N ASP A 16 5.48 -33.42 1.57
CA ASP A 16 5.11 -34.67 2.23
C ASP A 16 5.92 -35.75 1.55
N GLN A 17 7.15 -35.91 2.01
CA GLN A 17 8.09 -36.88 1.46
C GLN A 17 7.51 -38.26 1.39
N TYR A 18 6.87 -38.66 2.49
CA TYR A 18 6.25 -39.97 2.63
C TYR A 18 5.07 -40.25 1.69
N ASN A 19 4.05 -39.40 1.68
CA ASN A 19 2.90 -39.62 0.81
C ASN A 19 3.00 -38.97 -0.57
N GLN A 20 3.77 -37.90 -0.70
CA GLN A 20 3.84 -37.24 -2.00
C GLN A 20 5.24 -36.80 -2.36
N PRO A 21 6.16 -37.76 -2.52
CA PRO A 21 7.54 -37.45 -2.88
C PRO A 21 7.64 -36.77 -4.24
N GLY A 22 8.64 -35.91 -4.39
CA GLY A 22 8.82 -35.21 -5.66
C GLY A 22 7.91 -34.02 -5.85
N VAL A 23 7.11 -33.71 -4.82
CA VAL A 23 6.18 -32.60 -4.85
C VAL A 23 6.33 -31.59 -3.71
N VAL A 24 6.30 -30.32 -4.09
CA VAL A 24 6.39 -29.21 -3.15
C VAL A 24 5.18 -28.31 -3.35
N PHE A 25 4.45 -28.05 -2.27
CA PHE A 25 3.30 -27.16 -2.32
C PHE A 25 3.76 -25.75 -1.90
N LEU A 26 3.44 -24.75 -2.71
CA LEU A 26 3.80 -23.39 -2.38
C LEU A 26 2.51 -22.66 -2.11
N PHE A 27 2.47 -21.88 -1.02
CA PHE A 27 1.28 -21.08 -0.68
C PHE A 27 1.68 -19.62 -0.68
N GLY A 28 0.85 -18.75 -1.25
CA GLY A 28 1.14 -17.33 -1.32
C GLY A 28 -0.05 -16.46 -1.73
N LYS A 29 0.21 -15.40 -2.49
CA LYS A 29 -0.85 -14.48 -2.90
C LYS A 29 -0.88 -14.23 -4.40
N VAL A 30 -2.09 -14.06 -4.94
CA VAL A 30 -2.30 -13.76 -6.36
C VAL A 30 -3.18 -12.56 -6.33
N TRP A 31 -3.00 -11.71 -7.34
CA TRP A 31 -3.78 -10.50 -7.51
C TRP A 31 -4.91 -10.90 -8.43
N ILE A 32 -6.11 -10.46 -8.09
CA ILE A 32 -7.31 -10.73 -8.87
C ILE A 32 -7.82 -9.35 -9.30
N GLU A 33 -7.57 -8.97 -10.54
CA GLU A 33 -8.01 -7.68 -11.04
C GLU A 33 -9.50 -7.41 -10.87
N SER A 34 -10.32 -8.41 -11.20
CA SER A 34 -11.76 -8.34 -11.11
C SER A 34 -12.23 -7.98 -9.70
N ALA A 35 -11.46 -8.43 -8.69
CA ALA A 35 -11.84 -8.16 -7.30
C ALA A 35 -11.03 -7.06 -6.64
N GLU A 36 -10.02 -6.57 -7.34
CA GLU A 36 -9.15 -5.52 -6.84
C GLU A 36 -8.59 -5.81 -5.47
N THR A 37 -8.10 -7.04 -5.30
CA THR A 37 -7.49 -7.47 -4.05
C THR A 37 -6.72 -8.76 -4.28
N HIS A 38 -5.76 -9.07 -3.39
CA HIS A 38 -5.00 -10.32 -3.52
C HIS A 38 -5.77 -11.35 -2.72
N VAL A 39 -5.73 -12.60 -3.17
CA VAL A 39 -6.39 -13.69 -2.45
C VAL A 39 -5.35 -14.79 -2.32
N SER A 40 -5.58 -15.73 -1.41
CA SER A 40 -4.62 -16.84 -1.23
C SER A 40 -4.48 -17.73 -2.48
N CYS A 41 -3.34 -18.40 -2.61
CA CYS A 41 -3.11 -19.23 -3.78
C CYS A 41 -2.20 -20.36 -3.39
N CYS A 42 -2.43 -21.52 -4.00
CA CYS A 42 -1.62 -22.70 -3.73
C CYS A 42 -1.11 -23.24 -5.06
N VAL A 43 0.20 -23.40 -5.19
CA VAL A 43 0.75 -23.92 -6.42
C VAL A 43 1.48 -25.21 -6.14
N MET A 44 1.08 -26.27 -6.83
CA MET A 44 1.69 -27.58 -6.69
C MET A 44 2.76 -27.78 -7.78
N VAL A 45 4.00 -27.99 -7.35
CA VAL A 45 5.10 -28.19 -8.28
C VAL A 45 5.46 -29.67 -8.22
N LYS A 46 5.39 -30.34 -9.36
CA LYS A 46 5.69 -31.77 -9.41
C LYS A 46 6.98 -32.07 -10.12
N ASN A 47 7.38 -33.31 -9.99
CA ASN A 47 8.55 -33.83 -10.65
C ASN A 47 9.89 -33.22 -10.35
N ILE A 48 10.11 -32.96 -9.06
CA ILE A 48 11.37 -32.43 -8.61
C ILE A 48 12.09 -33.74 -8.43
N GLU A 49 13.11 -33.95 -9.26
CA GLU A 49 13.88 -35.21 -9.26
C GLU A 49 15.02 -35.28 -8.27
N ARG A 50 15.28 -36.49 -7.76
CA ARG A 50 16.40 -36.68 -6.85
C ARG A 50 17.62 -36.38 -7.72
N THR A 51 18.69 -35.89 -7.10
CA THR A 51 19.92 -35.59 -7.85
C THR A 51 21.09 -36.17 -7.08
N LEU A 52 21.84 -37.07 -7.73
CA LEU A 52 22.95 -37.69 -7.06
C LEU A 52 24.26 -37.37 -7.72
N TYR A 53 25.31 -37.41 -6.92
CA TYR A 53 26.65 -37.18 -7.42
C TYR A 53 27.61 -38.29 -7.01
N PHE A 54 27.86 -39.23 -7.92
CA PHE A 54 28.77 -40.36 -7.67
C PHE A 54 30.22 -39.95 -7.89
N LEU A 55 31.05 -40.20 -6.89
CA LEU A 55 32.47 -39.87 -6.95
C LEU A 55 33.29 -41.05 -7.51
N PRO A 56 33.81 -40.91 -8.73
CA PRO A 56 34.58 -42.02 -9.29
C PRO A 56 35.92 -42.27 -8.58
N ARG A 57 36.30 -43.54 -8.50
CA ARG A 57 37.55 -43.90 -7.87
C ARG A 57 38.69 -43.64 -8.82
N GLU A 58 39.89 -43.54 -8.28
CA GLU A 58 41.08 -43.33 -9.10
C GLU A 58 41.30 -44.70 -9.74
N MET A 59 41.13 -45.75 -8.94
CA MET A 59 41.36 -47.11 -9.42
C MET A 59 40.23 -48.07 -9.01
N LYS A 60 39.82 -48.91 -9.95
CA LYS A 60 38.76 -49.87 -9.70
C LYS A 60 39.16 -50.81 -8.59
N ILE A 61 38.21 -51.07 -7.71
CA ILE A 61 38.45 -51.92 -6.57
C ILE A 61 37.56 -53.13 -6.59
N ASP A 62 38.06 -54.22 -6.02
CA ASP A 62 37.28 -55.44 -5.91
C ASP A 62 36.78 -55.34 -4.47
N LEU A 63 35.46 -55.26 -4.28
CA LEU A 63 34.95 -55.11 -2.93
C LEU A 63 35.19 -56.30 -2.00
N ASN A 64 35.56 -57.43 -2.58
CA ASN A 64 35.80 -58.61 -1.77
C ASN A 64 37.23 -58.64 -1.24
N THR A 65 38.19 -58.31 -2.10
CA THR A 65 39.60 -58.30 -1.71
C THR A 65 40.02 -56.95 -1.12
N GLY A 66 39.37 -55.87 -1.58
CA GLY A 66 39.67 -54.54 -1.10
C GLY A 66 40.89 -53.98 -1.80
N LYS A 67 41.27 -54.61 -2.90
CA LYS A 67 42.43 -54.12 -3.63
C LYS A 67 42.15 -53.69 -5.04
N GLU A 68 42.96 -52.74 -5.51
CA GLU A 68 42.85 -52.23 -6.85
C GLU A 68 42.94 -53.46 -7.74
N THR A 69 42.47 -53.35 -8.98
CA THR A 69 42.55 -54.48 -9.89
C THR A 69 43.46 -54.13 -11.07
N GLY A 70 44.09 -52.97 -11.03
CA GLY A 70 44.98 -52.58 -12.10
C GLY A 70 44.32 -51.70 -13.13
N THR A 71 43.01 -51.78 -13.22
CA THR A 71 42.28 -50.96 -14.18
C THR A 71 41.87 -49.61 -13.62
N PRO A 72 42.20 -48.53 -14.33
CA PRO A 72 41.86 -47.18 -13.92
C PRO A 72 40.35 -47.04 -14.09
N ILE A 73 39.77 -45.97 -13.56
CA ILE A 73 38.35 -45.77 -13.72
C ILE A 73 38.05 -44.60 -14.65
N SER A 74 36.98 -44.75 -15.42
CA SER A 74 36.55 -43.71 -16.33
C SER A 74 35.07 -43.48 -15.99
N MET A 75 34.53 -42.36 -16.45
CA MET A 75 33.15 -42.07 -16.15
C MET A 75 32.27 -43.26 -16.57
N LYS A 76 32.54 -43.79 -17.77
CA LYS A 76 31.75 -44.92 -18.24
C LYS A 76 31.70 -46.10 -17.26
N ASP A 77 32.77 -46.31 -16.52
CA ASP A 77 32.80 -47.40 -15.57
C ASP A 77 31.74 -47.21 -14.52
N VAL A 78 31.61 -45.96 -14.05
CA VAL A 78 30.64 -45.60 -13.03
C VAL A 78 29.23 -45.76 -13.57
N TYR A 79 29.02 -45.26 -14.78
CA TYR A 79 27.70 -45.35 -15.40
C TYR A 79 27.24 -46.80 -15.34
N GLU A 80 28.04 -47.64 -15.98
CA GLU A 80 27.76 -49.06 -16.06
C GLU A 80 27.56 -49.73 -14.73
N GLU A 81 28.37 -49.39 -13.73
CA GLU A 81 28.19 -50.03 -12.44
C GLU A 81 26.85 -49.60 -11.87
N PHE A 82 26.52 -48.33 -12.05
CA PHE A 82 25.26 -47.82 -11.54
C PHE A 82 24.16 -48.49 -12.32
N ASP A 83 24.27 -48.41 -13.64
CA ASP A 83 23.29 -48.97 -14.57
C ASP A 83 23.00 -50.46 -14.37
N GLU A 84 24.08 -51.23 -14.25
CA GLU A 84 23.98 -52.67 -14.11
C GLU A 84 23.81 -53.21 -12.70
N LYS A 85 24.63 -52.77 -11.75
CA LYS A 85 24.55 -53.29 -10.39
C LYS A 85 23.75 -52.47 -9.36
N ILE A 86 23.84 -51.14 -9.43
CA ILE A 86 23.14 -50.25 -8.47
C ILE A 86 21.65 -50.06 -8.77
N ALA A 87 21.34 -49.56 -9.97
CA ALA A 87 19.95 -49.34 -10.37
C ALA A 87 19.13 -50.57 -10.09
N THR A 88 19.59 -51.69 -10.66
CA THR A 88 18.93 -52.99 -10.53
C THR A 88 18.66 -53.39 -9.08
N LYS A 89 19.72 -53.58 -8.31
CA LYS A 89 19.59 -53.98 -6.93
C LYS A 89 18.65 -53.13 -6.10
N TYR A 90 18.52 -51.84 -6.46
CA TYR A 90 17.67 -50.91 -5.70
C TYR A 90 16.37 -50.46 -6.37
N LYS A 91 16.09 -50.96 -7.57
CA LYS A 91 14.84 -50.65 -8.26
C LYS A 91 14.70 -49.27 -8.88
N ILE A 92 15.53 -48.96 -9.86
CA ILE A 92 15.42 -47.68 -10.53
C ILE A 92 15.25 -47.99 -12.01
N MET A 93 14.04 -47.76 -12.51
CA MET A 93 13.73 -48.04 -13.90
C MET A 93 14.28 -47.03 -14.88
N LYS A 94 14.00 -45.76 -14.64
CA LYS A 94 14.51 -44.73 -15.52
C LYS A 94 15.43 -43.82 -14.75
N PHE A 95 16.17 -43.01 -15.49
CA PHE A 95 17.09 -42.05 -14.93
C PHE A 95 17.84 -41.42 -16.07
N LYS A 96 18.48 -40.30 -15.78
CA LYS A 96 19.28 -39.60 -16.74
C LYS A 96 20.58 -39.52 -15.97
N SER A 97 21.70 -39.47 -16.68
CA SER A 97 23.00 -39.37 -16.05
C SER A 97 23.79 -38.46 -16.95
N LYS A 98 24.86 -37.89 -16.42
CA LYS A 98 25.65 -36.97 -17.20
C LYS A 98 26.88 -36.69 -16.38
N PRO A 99 28.05 -36.56 -17.02
CA PRO A 99 29.27 -36.27 -16.26
C PRO A 99 29.29 -34.78 -16.02
N VAL A 100 29.70 -34.36 -14.82
CA VAL A 100 29.75 -32.95 -14.50
C VAL A 100 30.95 -32.68 -13.62
N GLU A 101 31.46 -31.46 -13.69
CA GLU A 101 32.59 -31.08 -12.87
C GLU A 101 32.01 -30.33 -11.67
N LYS A 102 32.49 -30.64 -10.47
CA LYS A 102 31.99 -30.03 -9.25
C LYS A 102 33.10 -29.74 -8.24
N ASN A 103 33.04 -28.61 -7.57
CA ASN A 103 34.04 -28.31 -6.57
C ASN A 103 33.57 -28.88 -5.21
N TYR A 104 34.47 -29.04 -4.26
CA TYR A 104 34.10 -29.55 -2.94
C TYR A 104 35.04 -28.94 -1.93
N ALA A 105 34.57 -28.67 -0.72
CA ALA A 105 35.46 -28.08 0.28
C ALA A 105 34.96 -28.40 1.67
N PHE A 106 34.43 -29.59 1.86
CA PHE A 106 33.92 -29.92 3.17
C PHE A 106 34.57 -31.07 3.91
N GLU A 107 33.98 -31.46 5.02
CA GLU A 107 34.56 -32.44 5.93
C GLU A 107 34.84 -33.91 5.61
N ILE A 108 34.55 -34.37 4.40
CA ILE A 108 34.84 -35.77 4.06
C ILE A 108 36.21 -35.81 3.38
N PRO A 109 37.13 -36.61 3.93
CA PRO A 109 38.49 -36.73 3.38
C PRO A 109 38.52 -37.61 2.15
N ASP A 110 39.59 -37.47 1.38
CA ASP A 110 39.77 -38.27 0.17
C ASP A 110 38.79 -37.86 -0.92
N VAL A 111 38.28 -36.63 -0.81
CA VAL A 111 37.37 -36.08 -1.81
C VAL A 111 38.04 -34.83 -2.35
N PRO A 112 38.45 -34.86 -3.62
CA PRO A 112 39.13 -33.74 -4.29
C PRO A 112 38.39 -32.42 -4.34
N GLU A 113 39.17 -31.34 -4.35
CA GLU A 113 38.65 -29.98 -4.38
C GLU A 113 37.84 -29.79 -5.62
N LYS A 114 38.35 -30.31 -6.72
CA LYS A 114 37.66 -30.24 -7.99
C LYS A 114 37.71 -31.66 -8.48
N SER A 115 36.74 -32.05 -9.28
CA SER A 115 36.68 -33.42 -9.76
C SER A 115 35.46 -33.71 -10.60
N GLU A 116 35.57 -34.72 -11.44
CA GLU A 116 34.47 -35.13 -12.28
C GLU A 116 33.52 -36.02 -11.47
N TYR A 117 32.21 -35.93 -11.73
CA TYR A 117 31.21 -36.76 -11.04
C TYR A 117 30.15 -37.24 -12.01
N LEU A 118 29.50 -38.37 -11.68
CA LEU A 118 28.41 -38.88 -12.49
C LEU A 118 27.14 -38.42 -11.85
N GLU A 119 26.52 -37.40 -12.44
CA GLU A 119 25.25 -36.88 -11.94
C GLU A 119 24.16 -37.82 -12.43
N VAL A 120 23.38 -38.33 -11.49
CA VAL A 120 22.28 -39.22 -11.82
C VAL A 120 20.98 -38.59 -11.34
N LYS A 121 20.02 -38.40 -12.24
CA LYS A 121 18.72 -37.83 -11.83
C LYS A 121 17.58 -38.80 -12.09
N TYR A 122 16.74 -39.01 -11.10
CA TYR A 122 15.58 -39.90 -11.26
C TYR A 122 14.43 -39.57 -10.31
N SER A 123 13.22 -39.95 -10.72
CA SER A 123 12.01 -39.70 -9.93
C SER A 123 12.14 -39.99 -8.44
N ALA A 124 11.53 -39.12 -7.65
CA ALA A 124 11.56 -39.25 -6.20
C ALA A 124 10.67 -40.37 -5.74
N GLU A 125 9.89 -40.93 -6.66
CA GLU A 125 9.00 -42.03 -6.32
C GLU A 125 9.77 -43.35 -6.19
N MET A 126 10.83 -43.50 -6.97
CA MET A 126 11.67 -44.69 -6.89
C MET A 126 12.54 -44.59 -5.64
N PRO A 127 12.92 -45.73 -5.04
CA PRO A 127 13.73 -45.82 -3.81
C PRO A 127 14.94 -44.89 -3.65
N GLN A 128 15.30 -44.69 -2.39
CA GLN A 128 16.41 -43.84 -2.02
C GLN A 128 17.62 -44.71 -1.70
N LEU A 129 18.80 -44.30 -2.15
CA LEU A 129 19.99 -45.09 -1.88
C LEU A 129 20.54 -44.83 -0.48
N PRO A 130 21.32 -45.78 0.07
CA PRO A 130 21.90 -45.62 1.40
C PRO A 130 22.85 -44.44 1.31
N GLN A 131 23.07 -43.72 2.40
CA GLN A 131 23.96 -42.58 2.33
C GLN A 131 25.43 -42.97 2.24
N ASP A 132 25.74 -44.16 2.74
CA ASP A 132 27.12 -44.66 2.74
C ASP A 132 27.45 -45.57 1.53
N LEU A 133 26.52 -45.70 0.61
CA LEU A 133 26.72 -46.55 -0.56
C LEU A 133 28.09 -46.37 -1.24
N LYS A 134 28.79 -47.48 -1.42
CA LYS A 134 30.09 -47.49 -2.08
C LYS A 134 30.06 -48.53 -3.19
N GLY A 135 31.03 -48.47 -4.10
CA GLY A 135 31.04 -49.43 -5.17
C GLY A 135 32.42 -49.76 -5.69
N GLU A 136 32.47 -50.45 -6.82
CA GLU A 136 33.75 -50.82 -7.41
C GLU A 136 34.32 -49.64 -8.16
N THR A 137 33.45 -48.75 -8.64
CA THR A 137 33.92 -47.60 -9.38
C THR A 137 33.81 -46.24 -8.66
N PHE A 138 33.08 -46.20 -7.55
CA PHE A 138 32.91 -44.94 -6.83
C PHE A 138 33.03 -45.14 -5.33
N SER A 139 33.68 -44.18 -4.68
CA SER A 139 33.96 -44.21 -3.27
C SER A 139 32.92 -43.55 -2.39
N HIS A 140 32.07 -42.73 -3.00
CA HIS A 140 31.05 -42.00 -2.25
C HIS A 140 30.04 -41.45 -3.22
N VAL A 141 28.81 -41.23 -2.74
CA VAL A 141 27.76 -40.60 -3.55
C VAL A 141 27.02 -39.55 -2.71
N PHE A 142 26.95 -38.33 -3.26
CA PHE A 142 26.30 -37.20 -2.59
C PHE A 142 24.88 -36.96 -3.05
N GLY A 143 24.04 -36.45 -2.15
CA GLY A 143 22.66 -36.11 -2.49
C GLY A 143 21.58 -37.14 -2.28
N THR A 144 21.93 -38.28 -1.70
CA THR A 144 20.97 -39.35 -1.47
C THR A 144 19.74 -38.93 -0.68
N ASN A 145 19.93 -38.14 0.37
CA ASN A 145 18.81 -37.71 1.20
C ASN A 145 18.30 -36.28 1.01
N THR A 146 18.74 -35.60 -0.05
CA THR A 146 18.30 -34.23 -0.29
C THR A 146 16.78 -34.17 -0.49
N SER A 147 16.14 -33.28 0.27
CA SER A 147 14.70 -33.09 0.19
C SER A 147 14.34 -32.36 -1.10
N SER A 148 13.06 -32.43 -1.48
CA SER A 148 12.63 -31.77 -2.69
C SER A 148 12.60 -30.26 -2.53
N LEU A 149 12.18 -29.81 -1.35
CA LEU A 149 12.12 -28.39 -1.07
C LEU A 149 13.50 -27.74 -1.25
N GLU A 150 14.53 -28.38 -0.69
CA GLU A 150 15.88 -27.87 -0.85
C GLU A 150 16.32 -27.88 -2.32
N LEU A 151 16.08 -28.97 -3.03
CA LEU A 151 16.45 -29.05 -4.43
C LEU A 151 15.68 -27.99 -5.24
N PHE A 152 14.41 -27.79 -4.91
CA PHE A 152 13.61 -26.80 -5.63
C PHE A 152 14.10 -25.38 -5.35
N LEU A 153 14.21 -25.00 -4.08
CA LEU A 153 14.65 -23.64 -3.70
C LEU A 153 16.07 -23.33 -4.19
N MET A 154 16.96 -24.31 -4.08
CA MET A 154 18.33 -24.10 -4.56
C MET A 154 18.39 -23.96 -6.07
N ASN A 155 17.82 -24.93 -6.81
CA ASN A 155 17.83 -24.90 -8.26
C ASN A 155 17.09 -23.72 -8.89
N ARG A 156 16.02 -23.26 -8.25
CA ARG A 156 15.27 -22.14 -8.79
C ARG A 156 15.76 -20.79 -8.26
N LYS A 157 16.75 -20.83 -7.37
CA LYS A 157 17.32 -19.63 -6.78
C LYS A 157 16.32 -18.78 -6.00
N ILE A 158 15.30 -19.44 -5.48
CA ILE A 158 14.27 -18.77 -4.70
C ILE A 158 14.84 -18.46 -3.33
N LYS A 159 14.79 -17.20 -2.93
CA LYS A 159 15.33 -16.77 -1.65
C LYS A 159 14.27 -16.01 -0.84
N GLY A 160 13.51 -16.74 -0.03
CA GLY A 160 12.49 -16.14 0.80
C GLY A 160 11.30 -15.66 -0.02
N PRO A 161 10.25 -15.13 0.62
CA PRO A 161 9.08 -14.64 -0.11
C PRO A 161 9.50 -13.76 -1.28
N CYS A 162 8.84 -13.89 -2.42
CA CYS A 162 9.19 -13.08 -3.59
C CYS A 162 8.17 -13.42 -4.64
N TRP A 163 8.27 -12.77 -5.79
CA TRP A 163 7.34 -13.06 -6.88
C TRP A 163 7.87 -14.17 -7.79
N LEU A 164 6.97 -15.07 -8.16
CA LEU A 164 7.32 -16.17 -9.05
C LEU A 164 6.48 -16.11 -10.32
N GLU A 165 7.08 -16.49 -11.45
CA GLU A 165 6.38 -16.55 -12.72
C GLU A 165 6.25 -18.04 -12.99
N VAL A 166 5.02 -18.51 -13.15
CA VAL A 166 4.75 -19.92 -13.41
C VAL A 166 4.26 -20.08 -14.84
N LYS A 167 5.01 -20.80 -15.66
CA LYS A 167 4.60 -21.01 -17.06
C LYS A 167 3.86 -22.34 -17.23
N SER A 168 3.03 -22.39 -18.27
CA SER A 168 2.25 -23.59 -18.56
C SER A 168 1.53 -24.13 -17.34
N PRO A 169 0.84 -23.25 -16.58
CA PRO A 169 0.11 -23.73 -15.40
C PRO A 169 -0.97 -24.74 -15.78
N GLN A 170 -1.26 -25.67 -14.88
CA GLN A 170 -2.28 -26.70 -15.12
C GLN A 170 -3.36 -26.64 -14.06
N LEU A 171 -4.54 -27.19 -14.39
CA LEU A 171 -5.62 -27.22 -13.43
C LEU A 171 -5.60 -28.55 -12.72
N LEU A 172 -6.34 -28.67 -11.61
CA LEU A 172 -6.36 -29.93 -10.86
C LEU A 172 -7.72 -30.64 -10.96
N ASN A 173 -7.70 -31.97 -10.87
CA ASN A 173 -8.94 -32.74 -10.94
C ASN A 173 -9.84 -32.10 -9.91
N GLN A 174 -9.39 -32.24 -8.67
CA GLN A 174 -10.09 -31.71 -7.53
C GLN A 174 -9.15 -30.84 -6.72
N PRO A 175 -9.73 -29.88 -6.00
CA PRO A 175 -8.97 -28.95 -5.16
C PRO A 175 -8.20 -29.70 -4.10
N VAL A 176 -6.93 -29.32 -3.91
CA VAL A 176 -6.08 -29.94 -2.91
C VAL A 176 -5.83 -29.03 -1.71
N SER A 177 -6.17 -27.75 -1.84
CA SER A 177 -5.97 -26.79 -0.75
C SER A 177 -7.23 -26.05 -0.34
N TRP A 178 -7.11 -25.18 0.66
CA TRP A 178 -8.22 -24.38 1.11
C TRP A 178 -8.04 -22.95 0.60
N CYS A 179 -7.19 -22.78 -0.41
CA CYS A 179 -6.95 -21.45 -0.96
C CYS A 179 -8.02 -21.04 -1.95
N LYS A 180 -8.02 -19.78 -2.34
CA LYS A 180 -9.00 -19.28 -3.29
C LYS A 180 -8.63 -19.64 -4.72
N ALA A 181 -7.36 -19.94 -4.96
CA ALA A 181 -6.91 -20.31 -6.31
C ALA A 181 -5.87 -21.42 -6.21
N GLU A 182 -5.91 -22.38 -7.13
CA GLU A 182 -4.91 -23.44 -7.10
C GLU A 182 -4.34 -23.57 -8.49
N ALA A 183 -3.16 -24.15 -8.62
CA ALA A 183 -2.54 -24.35 -9.92
C ALA A 183 -1.46 -25.39 -9.76
N MET A 184 -1.05 -25.97 -10.89
CA MET A 184 -0.01 -26.99 -10.84
C MET A 184 1.02 -26.80 -11.92
N ALA A 185 2.28 -27.03 -11.57
CA ALA A 185 3.38 -26.92 -12.51
C ALA A 185 3.93 -28.35 -12.67
N LEU A 186 4.01 -28.84 -13.91
CA LEU A 186 4.48 -30.22 -14.16
C LEU A 186 5.94 -30.46 -13.84
N LYS A 187 6.78 -29.45 -13.99
CA LYS A 187 8.18 -29.61 -13.64
C LYS A 187 8.63 -28.29 -13.02
N PRO A 188 9.66 -28.31 -12.15
CA PRO A 188 10.11 -27.08 -11.51
C PRO A 188 10.68 -25.96 -12.36
N ASP A 189 11.28 -26.29 -13.51
CA ASP A 189 11.87 -25.24 -14.33
C ASP A 189 10.80 -24.41 -14.99
N LEU A 190 9.56 -24.59 -14.56
CA LEU A 190 8.46 -23.81 -15.09
C LEU A 190 8.23 -22.62 -14.16
N VAL A 191 8.96 -22.63 -13.04
CA VAL A 191 8.85 -21.58 -12.05
C VAL A 191 10.07 -20.67 -12.03
N ASN A 192 9.85 -19.37 -12.15
CA ASN A 192 10.94 -18.40 -12.14
C ASN A 192 10.73 -17.16 -11.27
N VAL A 193 11.84 -16.71 -10.69
CA VAL A 193 11.79 -15.56 -9.85
C VAL A 193 11.83 -14.31 -10.70
N ILE A 194 11.00 -13.33 -10.35
CA ILE A 194 10.95 -12.04 -11.02
C ILE A 194 11.20 -11.05 -9.85
N LYS A 195 12.10 -10.09 -10.06
CA LYS A 195 12.50 -9.16 -8.99
C LYS A 195 12.11 -7.71 -9.00
N ASP A 196 11.30 -7.25 -9.92
CA ASP A 196 11.01 -5.84 -9.88
C ASP A 196 9.54 -5.53 -9.63
N VAL A 197 9.00 -6.17 -8.60
CA VAL A 197 7.62 -5.96 -8.22
C VAL A 197 7.55 -6.02 -6.68
N SER A 198 6.92 -5.02 -6.05
CA SER A 198 6.84 -4.99 -4.59
C SER A 198 5.96 -6.04 -3.91
N PRO A 199 6.27 -6.39 -2.65
CA PRO A 199 5.48 -7.37 -1.90
C PRO A 199 4.06 -6.93 -1.63
N PRO A 200 3.09 -7.83 -1.78
CA PRO A 200 1.67 -7.55 -1.56
C PRO A 200 1.37 -7.53 -0.07
N PRO A 201 0.30 -6.87 0.34
CA PRO A 201 0.10 -6.90 1.79
C PRO A 201 -0.57 -8.19 2.28
N LEU A 202 -0.19 -8.67 3.45
CA LEU A 202 -0.77 -9.89 3.97
C LEU A 202 -2.01 -9.74 4.84
N VAL A 203 -2.58 -10.88 5.22
CA VAL A 203 -3.77 -10.95 6.07
C VAL A 203 -3.26 -11.47 7.39
N VAL A 204 -3.32 -10.63 8.42
CA VAL A 204 -2.80 -11.02 9.72
C VAL A 204 -3.94 -11.27 10.67
N MET A 205 -3.78 -12.28 11.52
CA MET A 205 -4.79 -12.61 12.52
C MET A 205 -4.13 -12.95 13.84
N ALA A 206 -4.40 -12.12 14.84
CA ALA A 206 -3.87 -12.33 16.19
C ALA A 206 -4.98 -12.94 17.02
N PHE A 207 -4.67 -13.91 17.85
CA PHE A 207 -5.72 -14.48 18.65
C PHE A 207 -5.20 -14.94 19.98
N SER A 208 -6.15 -15.18 20.88
CA SER A 208 -5.88 -15.64 22.22
C SER A 208 -7.09 -16.47 22.61
N MET A 209 -6.94 -17.31 23.62
CA MET A 209 -8.02 -18.18 24.07
C MET A 209 -7.89 -18.38 25.57
N LYS A 210 -8.97 -18.84 26.18
CA LYS A 210 -9.01 -19.11 27.62
C LYS A 210 -9.41 -20.56 27.74
N THR A 211 -8.60 -21.36 28.44
CA THR A 211 -8.94 -22.76 28.64
C THR A 211 -9.37 -22.90 30.08
N MET A 212 -10.09 -23.96 30.38
CA MET A 212 -10.55 -24.19 31.74
C MET A 212 -10.40 -25.67 32.08
N GLN A 213 -9.80 -25.96 33.23
CA GLN A 213 -9.62 -27.33 33.70
C GLN A 213 -11.01 -27.86 34.03
N ASN A 214 -11.32 -29.08 33.60
CA ASN A 214 -12.65 -29.64 33.85
C ASN A 214 -12.80 -30.13 35.29
N ALA A 215 -14.01 -29.92 35.83
CA ALA A 215 -14.35 -30.30 37.20
C ALA A 215 -13.81 -31.68 37.56
N LYS A 216 -14.44 -32.73 37.00
CA LYS A 216 -13.97 -34.07 37.29
C LYS A 216 -12.54 -34.19 36.73
N ASN A 217 -12.20 -35.22 35.98
CA ASN A 217 -10.81 -35.28 35.58
C ASN A 217 -10.17 -34.60 34.37
N HIS A 218 -8.95 -34.17 34.69
CA HIS A 218 -7.91 -33.46 33.92
C HIS A 218 -7.86 -32.99 32.46
N GLN A 219 -8.97 -32.65 31.82
CA GLN A 219 -8.85 -32.16 30.45
C GLN A 219 -8.82 -30.63 30.54
N ASN A 220 -8.26 -29.96 29.53
CA ASN A 220 -8.23 -28.50 29.52
C ASN A 220 -9.07 -28.01 28.33
N GLU A 221 -10.32 -27.68 28.61
CA GLU A 221 -11.25 -27.23 27.59
C GLU A 221 -11.10 -25.78 27.21
N ILE A 222 -11.39 -25.50 25.95
CA ILE A 222 -11.31 -24.15 25.41
C ILE A 222 -12.70 -23.57 25.59
N ILE A 223 -12.81 -22.48 26.34
CA ILE A 223 -14.11 -21.88 26.58
C ILE A 223 -14.34 -20.50 25.96
N ALA A 224 -13.26 -19.89 25.47
CA ALA A 224 -13.36 -18.58 24.84
C ALA A 224 -12.19 -18.35 23.89
N MET A 225 -12.46 -17.68 22.77
CA MET A 225 -11.44 -17.33 21.79
C MET A 225 -11.72 -15.94 21.23
N ALA A 226 -10.68 -15.14 21.11
CA ALA A 226 -10.81 -13.79 20.55
C ALA A 226 -9.77 -13.60 19.44
N ALA A 227 -10.15 -12.88 18.40
CA ALA A 227 -9.20 -12.66 17.32
C ALA A 227 -9.36 -11.30 16.70
N LEU A 228 -8.21 -10.69 16.40
CA LEU A 228 -8.16 -9.41 15.74
C LEU A 228 -7.63 -9.73 14.35
N VAL A 229 -8.03 -8.98 13.34
CA VAL A 229 -7.64 -9.26 11.97
C VAL A 229 -7.43 -8.02 11.12
N HIS A 230 -6.49 -8.12 10.18
CA HIS A 230 -6.26 -7.02 9.27
C HIS A 230 -6.00 -7.65 7.91
N HIS A 231 -6.73 -7.21 6.89
CA HIS A 231 -6.63 -7.77 5.54
C HIS A 231 -5.58 -7.16 4.58
N SER A 232 -4.94 -6.06 4.97
CA SER A 232 -3.92 -5.40 4.14
C SER A 232 -2.77 -4.91 5.03
N PHE A 233 -2.01 -5.86 5.54
CA PHE A 233 -0.91 -5.58 6.42
C PHE A 233 0.40 -5.66 5.65
N ALA A 234 0.98 -4.52 5.32
CA ALA A 234 2.24 -4.48 4.58
C ALA A 234 3.40 -5.00 5.43
N LEU A 235 4.39 -5.62 4.79
CA LEU A 235 5.55 -6.09 5.54
C LEU A 235 6.73 -5.22 5.15
N ASP A 236 6.50 -4.25 4.27
CA ASP A 236 7.58 -3.39 3.83
C ASP A 236 7.36 -1.96 4.25
N LYS A 237 6.51 -1.76 5.24
CA LYS A 237 6.26 -0.43 5.78
C LYS A 237 5.73 -0.50 7.19
N ALA A 238 5.55 0.66 7.80
CA ALA A 238 5.10 0.71 9.18
C ALA A 238 3.78 0.02 9.35
N ALA A 239 3.56 -0.52 10.53
CA ALA A 239 2.31 -1.23 10.81
C ALA A 239 1.15 -0.28 10.62
N PRO A 240 -0.01 -0.80 10.22
CA PRO A 240 -1.21 0.02 10.01
C PRO A 240 -1.75 0.51 11.36
N LYS A 241 -2.32 1.72 11.36
CA LYS A 241 -2.89 2.27 12.57
C LYS A 241 -4.38 2.54 12.33
N PRO A 242 -5.26 1.81 13.03
CA PRO A 242 -4.93 0.76 14.00
C PRO A 242 -4.41 -0.53 13.33
N PRO A 243 -3.83 -1.45 14.12
CA PRO A 243 -3.27 -2.72 13.63
C PRO A 243 -4.28 -3.77 13.15
N PHE A 244 -5.57 -3.46 13.24
CA PHE A 244 -6.58 -4.40 12.82
C PHE A 244 -7.81 -3.65 12.31
N GLN A 245 -8.61 -4.34 11.50
CA GLN A 245 -9.79 -3.74 10.91
C GLN A 245 -11.06 -4.39 11.42
N SER A 246 -10.97 -5.68 11.73
CA SER A 246 -12.13 -6.40 12.22
C SER A 246 -11.71 -7.37 13.32
N HIS A 247 -12.67 -8.06 13.91
CA HIS A 247 -12.38 -8.96 15.02
C HIS A 247 -13.61 -9.78 15.37
N PHE A 248 -13.41 -10.84 16.12
CA PHE A 248 -14.55 -11.64 16.51
C PHE A 248 -14.32 -12.34 17.81
N CYS A 249 -15.40 -12.66 18.48
CA CYS A 249 -15.27 -13.29 19.75
C CYS A 249 -16.24 -14.43 19.83
N VAL A 250 -15.82 -15.52 20.46
CA VAL A 250 -16.70 -16.67 20.58
C VAL A 250 -16.53 -17.27 21.95
N VAL A 251 -17.63 -17.41 22.68
CA VAL A 251 -17.58 -18.00 24.01
C VAL A 251 -18.40 -19.27 24.03
N SER A 252 -18.06 -20.15 24.95
CA SER A 252 -18.77 -21.41 25.11
C SER A 252 -18.80 -21.59 26.61
N LYS A 253 -19.36 -22.71 27.06
CA LYS A 253 -19.44 -23.00 28.48
C LYS A 253 -18.93 -24.41 28.64
N PRO A 254 -18.33 -24.73 29.80
CA PRO A 254 -17.84 -26.10 29.97
C PRO A 254 -19.06 -27.03 29.91
N LYS A 255 -19.17 -28.01 30.80
CA LYS A 255 -20.33 -28.89 30.74
C LYS A 255 -21.18 -28.95 32.00
N ASP A 256 -20.64 -28.45 33.11
CA ASP A 256 -21.34 -28.42 34.39
C ASP A 256 -22.06 -27.08 34.50
N CYS A 257 -21.46 -26.06 33.89
CA CYS A 257 -22.00 -24.72 33.94
C CYS A 257 -23.08 -24.47 32.91
N ILE A 258 -23.82 -23.39 33.14
CA ILE A 258 -24.88 -22.94 32.27
C ILE A 258 -24.64 -21.44 32.15
N PHE A 259 -24.87 -20.87 30.97
CA PHE A 259 -24.65 -19.45 30.80
C PHE A 259 -25.51 -18.70 31.82
N PRO A 260 -25.02 -17.57 32.34
CA PRO A 260 -25.80 -16.80 33.31
C PRO A 260 -27.11 -16.44 32.63
N TYR A 261 -28.12 -16.13 33.41
CA TYR A 261 -29.41 -15.77 32.84
C TYR A 261 -29.34 -14.43 32.11
N ALA A 262 -30.06 -14.34 30.99
CA ALA A 262 -30.14 -13.13 30.17
C ALA A 262 -28.90 -12.85 29.32
N PHE A 263 -27.87 -13.69 29.43
CA PHE A 263 -26.62 -13.49 28.69
C PHE A 263 -26.88 -12.98 27.28
N LYS A 264 -27.55 -13.77 26.47
CA LYS A 264 -27.88 -13.38 25.10
C LYS A 264 -28.38 -11.93 25.06
N GLU A 265 -29.34 -11.61 25.92
CA GLU A 265 -29.90 -10.27 25.97
C GLU A 265 -28.91 -9.20 26.41
N VAL A 266 -28.06 -9.50 27.39
CA VAL A 266 -27.10 -8.52 27.87
C VAL A 266 -26.19 -8.11 26.71
N ILE A 267 -25.93 -9.07 25.83
CA ILE A 267 -25.08 -8.84 24.67
C ILE A 267 -25.80 -8.01 23.60
N GLU A 268 -26.99 -8.47 23.20
CA GLU A 268 -27.79 -7.75 22.20
C GLU A 268 -27.73 -6.26 22.49
N LYS A 269 -27.73 -5.93 23.78
CA LYS A 269 -27.69 -4.54 24.21
C LYS A 269 -26.34 -3.90 23.87
N LYS A 270 -25.28 -4.39 24.51
CA LYS A 270 -23.92 -3.88 24.33
C LYS A 270 -23.45 -3.94 22.87
N ASN A 271 -24.10 -4.75 22.06
CA ASN A 271 -23.77 -4.87 20.65
C ASN A 271 -22.33 -5.34 20.45
N VAL A 272 -21.96 -6.42 21.13
CA VAL A 272 -20.62 -6.95 21.02
C VAL A 272 -20.60 -8.12 20.04
N LYS A 273 -19.61 -8.17 19.17
CA LYS A 273 -19.51 -9.26 18.21
C LYS A 273 -19.13 -10.56 18.90
N VAL A 274 -19.88 -10.94 19.92
CA VAL A 274 -19.63 -12.17 20.62
C VAL A 274 -20.63 -13.28 20.25
N GLU A 275 -20.11 -14.29 19.57
CA GLU A 275 -20.86 -15.45 19.13
C GLU A 275 -20.87 -16.42 20.30
N VAL A 276 -22.04 -16.65 20.90
CA VAL A 276 -22.12 -17.57 22.03
C VAL A 276 -22.46 -18.97 21.53
N ALA A 277 -21.49 -19.88 21.62
CA ALA A 277 -21.67 -21.25 21.16
C ALA A 277 -22.08 -22.15 22.29
N ALA A 278 -23.02 -23.03 21.98
CA ALA A 278 -23.53 -23.98 22.94
C ALA A 278 -22.46 -24.94 23.46
N THR A 279 -21.75 -25.60 22.55
CA THR A 279 -20.71 -26.56 22.92
C THR A 279 -19.29 -26.16 22.51
N GLU A 280 -18.31 -26.77 23.18
CA GLU A 280 -16.92 -26.53 22.86
C GLU A 280 -16.78 -26.85 21.38
N ARG A 281 -17.28 -28.02 20.99
CA ARG A 281 -17.21 -28.45 19.60
C ARG A 281 -17.83 -27.43 18.64
N THR A 282 -18.90 -26.77 19.05
CA THR A 282 -19.48 -25.77 18.17
C THR A 282 -18.47 -24.62 18.07
N LEU A 283 -17.94 -24.19 19.22
CA LEU A 283 -16.96 -23.11 19.24
C LEU A 283 -15.83 -23.38 18.26
N LEU A 284 -15.12 -24.47 18.49
CA LEU A 284 -14.01 -24.86 17.63
C LEU A 284 -14.40 -24.77 16.16
N GLY A 285 -15.56 -25.31 15.83
CA GLY A 285 -16.02 -25.26 14.46
C GLY A 285 -16.22 -23.84 13.99
N PHE A 286 -16.68 -22.96 14.89
CA PHE A 286 -16.90 -21.57 14.53
C PHE A 286 -15.56 -20.94 14.15
N PHE A 287 -14.58 -21.21 15.01
CA PHE A 287 -13.23 -20.73 14.83
C PHE A 287 -12.65 -21.19 13.49
N LEU A 288 -12.61 -22.50 13.30
CA LEU A 288 -12.07 -23.06 12.07
C LEU A 288 -12.71 -22.45 10.83
N ALA A 289 -13.98 -22.10 10.93
CA ALA A 289 -14.62 -21.52 9.75
C ALA A 289 -14.17 -20.09 9.50
N LYS A 290 -13.94 -19.32 10.56
CA LYS A 290 -13.49 -17.94 10.41
C LYS A 290 -12.10 -18.00 9.80
N VAL A 291 -11.29 -18.93 10.30
CA VAL A 291 -9.95 -19.08 9.78
C VAL A 291 -10.03 -19.37 8.28
N HIS A 292 -10.92 -20.28 7.92
CA HIS A 292 -11.10 -20.65 6.51
C HIS A 292 -11.65 -19.50 5.68
N LYS A 293 -12.51 -18.70 6.26
CA LYS A 293 -13.12 -17.59 5.54
C LYS A 293 -12.23 -16.35 5.51
N ILE A 294 -11.61 -16.03 6.65
CA ILE A 294 -10.74 -14.86 6.74
C ILE A 294 -9.50 -15.14 5.91
N ASP A 295 -9.02 -16.39 6.01
CA ASP A 295 -7.85 -16.87 5.29
C ASP A 295 -6.55 -16.12 5.63
N PRO A 296 -6.13 -16.17 6.89
CA PRO A 296 -4.91 -15.45 7.23
C PRO A 296 -3.64 -16.07 6.64
N ASP A 297 -2.66 -15.22 6.34
CA ASP A 297 -1.38 -15.70 5.85
C ASP A 297 -0.49 -15.90 7.06
N ILE A 298 -0.81 -15.20 8.14
CA ILE A 298 -0.06 -15.28 9.38
C ILE A 298 -0.98 -15.32 10.59
N ILE A 299 -0.67 -16.21 11.53
CA ILE A 299 -1.44 -16.33 12.77
C ILE A 299 -0.46 -15.98 13.88
N VAL A 300 -0.79 -14.97 14.67
CA VAL A 300 0.11 -14.56 15.74
C VAL A 300 -0.54 -14.73 17.10
N GLY A 301 0.23 -15.25 18.05
CA GLY A 301 -0.28 -15.43 19.38
C GLY A 301 0.87 -15.40 20.35
N HIS A 302 0.63 -15.78 21.59
CA HIS A 302 1.68 -15.80 22.59
C HIS A 302 1.75 -17.21 23.13
N ASN A 303 2.97 -17.73 23.31
CA ASN A 303 3.09 -19.07 23.85
C ASN A 303 2.27 -20.03 22.97
N ILE A 304 2.31 -19.81 21.66
CA ILE A 304 1.58 -20.62 20.69
C ILE A 304 2.16 -22.00 20.56
N TYR A 305 3.47 -22.07 20.36
CA TYR A 305 4.17 -23.34 20.20
C TYR A 305 4.39 -24.08 21.51
N GLY A 306 4.27 -23.36 22.63
CA GLY A 306 4.47 -23.99 23.92
C GLY A 306 3.22 -24.53 24.57
N PHE A 307 2.05 -24.05 24.15
CA PHE A 307 0.79 -24.49 24.75
C PHE A 307 -0.40 -24.38 23.81
N GLU A 308 -0.90 -23.15 23.63
CA GLU A 308 -2.06 -22.86 22.82
C GLU A 308 -2.31 -23.73 21.59
N LEU A 309 -1.33 -23.80 20.71
CA LEU A 309 -1.52 -24.59 19.50
C LEU A 309 -1.75 -26.06 19.77
N GLU A 310 -0.93 -26.65 20.63
CA GLU A 310 -1.11 -28.08 20.89
C GLU A 310 -2.46 -28.36 21.52
N VAL A 311 -2.88 -27.46 22.41
CA VAL A 311 -4.16 -27.60 23.08
C VAL A 311 -5.28 -27.56 22.05
N LEU A 312 -5.26 -26.51 21.23
CA LEU A 312 -6.26 -26.30 20.19
C LEU A 312 -6.42 -27.52 19.30
N LEU A 313 -5.30 -28.12 18.92
CA LEU A 313 -5.36 -29.31 18.07
C LEU A 313 -5.92 -30.51 18.82
N GLN A 314 -5.45 -30.77 20.04
CA GLN A 314 -5.96 -31.89 20.84
C GLN A 314 -7.46 -31.77 21.00
N ARG A 315 -7.93 -30.60 21.41
CA ARG A 315 -9.35 -30.40 21.60
C ARG A 315 -10.10 -30.56 20.27
N ILE A 316 -9.55 -30.04 19.20
CA ILE A 316 -10.21 -30.18 17.92
C ILE A 316 -10.45 -31.66 17.63
N ASN A 317 -9.50 -32.51 18.04
CA ASN A 317 -9.66 -33.94 17.77
C ASN A 317 -10.66 -34.59 18.71
N VAL A 318 -10.52 -34.33 20.00
CA VAL A 318 -11.43 -34.93 20.95
C VAL A 318 -12.87 -34.60 20.59
N CYS A 319 -13.14 -33.31 20.41
CA CYS A 319 -14.47 -32.85 20.07
C CYS A 319 -14.82 -33.19 18.62
N LYS A 320 -13.89 -33.87 17.95
CA LYS A 320 -14.09 -34.24 16.56
C LYS A 320 -14.66 -33.06 15.81
N ALA A 321 -14.09 -31.87 16.02
CA ALA A 321 -14.57 -30.68 15.33
C ALA A 321 -14.44 -30.91 13.82
N PRO A 322 -15.40 -30.39 13.04
CA PRO A 322 -15.36 -30.56 11.59
C PRO A 322 -14.22 -29.80 10.86
N HIS A 323 -13.54 -30.52 9.96
CA HIS A 323 -12.45 -29.99 9.13
C HIS A 323 -11.29 -29.30 9.85
N TRP A 324 -10.48 -30.07 10.58
CA TRP A 324 -9.37 -29.47 11.32
C TRP A 324 -8.29 -28.89 10.40
N SER A 325 -8.11 -29.49 9.23
CA SER A 325 -7.06 -29.05 8.33
C SER A 325 -7.28 -27.65 7.74
N LYS A 326 -8.42 -27.04 8.05
CA LYS A 326 -8.66 -25.70 7.56
C LYS A 326 -7.77 -24.73 8.35
N ILE A 327 -7.27 -25.18 9.50
CA ILE A 327 -6.38 -24.32 10.28
C ILE A 327 -5.09 -24.15 9.50
N GLY A 328 -4.93 -24.95 8.46
CA GLY A 328 -3.77 -24.87 7.59
C GLY A 328 -4.29 -24.52 6.19
N ARG A 329 -3.47 -24.68 5.17
CA ARG A 329 -3.98 -24.35 3.84
C ARG A 329 -4.08 -25.56 2.92
N LEU A 330 -3.73 -26.72 3.44
CA LEU A 330 -3.76 -27.93 2.63
C LEU A 330 -4.80 -28.90 3.15
N LYS A 331 -5.60 -29.46 2.23
CA LYS A 331 -6.62 -30.44 2.61
C LYS A 331 -5.95 -31.73 3.05
N ARG A 332 -6.17 -32.13 4.30
CA ARG A 332 -5.57 -33.33 4.88
C ARG A 332 -6.60 -34.12 5.66
N SER A 333 -6.33 -35.40 5.88
CA SER A 333 -7.30 -36.24 6.59
C SER A 333 -6.93 -36.52 8.01
N ASN A 334 -5.75 -37.10 8.21
CA ASN A 334 -5.29 -37.47 9.54
C ASN A 334 -4.48 -36.39 10.25
N MET A 335 -4.79 -36.16 11.52
CA MET A 335 -4.08 -35.14 12.28
C MET A 335 -2.94 -35.69 13.15
N PRO A 336 -1.69 -35.36 12.79
CA PRO A 336 -0.51 -35.79 13.55
C PRO A 336 -0.44 -35.07 14.89
N LYS A 337 0.25 -35.64 15.88
CA LYS A 337 0.35 -34.97 17.18
C LYS A 337 1.77 -35.04 17.70
N LEU A 338 1.95 -34.60 18.95
CA LEU A 338 3.27 -34.59 19.59
C LEU A 338 3.32 -35.62 20.72
N GLY A 343 7.74 -28.01 17.60
CA GLY A 343 6.41 -28.29 17.11
C GLY A 343 6.39 -28.90 15.72
N PHE A 344 6.54 -30.23 15.65
CA PHE A 344 6.56 -30.99 14.39
C PHE A 344 5.15 -31.17 13.83
N GLY A 345 4.37 -32.01 14.50
CA GLY A 345 3.00 -32.25 14.07
C GLY A 345 2.28 -30.93 14.04
N GLU A 346 2.77 -29.98 14.83
CA GLU A 346 2.20 -28.64 14.91
C GLU A 346 2.61 -27.79 13.71
N ARG A 347 3.90 -27.62 13.49
CA ARG A 347 4.40 -26.85 12.36
C ARG A 347 3.75 -27.38 11.08
N ASN A 348 3.43 -28.67 11.08
CA ASN A 348 2.81 -29.28 9.93
C ASN A 348 1.32 -29.02 9.93
N ALA A 349 0.71 -28.98 11.11
CA ALA A 349 -0.72 -28.76 11.21
C ALA A 349 -1.18 -27.49 10.51
N THR A 350 -0.33 -26.46 10.55
CA THR A 350 -0.68 -25.18 9.92
C THR A 350 -0.01 -24.87 8.60
N CYS A 351 0.58 -25.86 7.95
CA CYS A 351 1.27 -25.65 6.69
C CYS A 351 0.49 -24.70 5.81
N GLY A 352 1.19 -23.72 5.26
CA GLY A 352 0.51 -22.76 4.41
C GLY A 352 0.23 -21.47 5.15
N ARG A 353 0.17 -21.54 6.47
CA ARG A 353 -0.04 -20.35 7.29
C ARG A 353 1.16 -20.17 8.22
N MET A 354 1.76 -18.99 8.22
CA MET A 354 2.92 -18.75 9.10
C MET A 354 2.43 -18.52 10.52
N ILE A 355 3.20 -18.99 11.49
CA ILE A 355 2.83 -18.80 12.89
C ILE A 355 3.84 -17.84 13.49
N CYS A 356 3.35 -16.77 14.10
CA CYS A 356 4.25 -15.84 14.77
C CYS A 356 3.95 -15.92 16.23
N ASP A 357 4.90 -16.37 17.04
CA ASP A 357 4.72 -16.44 18.48
C ASP A 357 5.55 -15.29 19.09
N VAL A 358 4.87 -14.22 19.55
CA VAL A 358 5.57 -13.07 20.12
C VAL A 358 6.58 -13.42 21.20
N GLU A 359 6.27 -14.41 22.02
CA GLU A 359 7.18 -14.86 23.07
C GLU A 359 8.53 -15.22 22.44
N ILE A 360 8.52 -16.09 21.44
CA ILE A 360 9.74 -16.44 20.74
C ILE A 360 10.38 -15.18 20.11
N SER A 361 9.60 -14.41 19.40
CA SER A 361 10.16 -13.21 18.78
C SER A 361 10.74 -12.22 19.78
N ALA A 362 10.19 -12.18 20.98
CA ALA A 362 10.71 -11.26 21.98
C ALA A 362 12.06 -11.78 22.44
N LYS A 363 12.11 -13.05 22.83
CA LYS A 363 13.39 -13.61 23.28
C LYS A 363 14.54 -13.32 22.33
N GLU A 364 14.27 -13.29 21.03
CA GLU A 364 15.33 -13.01 20.07
C GLU A 364 15.62 -11.51 19.92
N LEU A 365 14.68 -10.67 20.28
CA LEU A 365 14.87 -9.24 20.10
C LEU A 365 15.19 -8.37 21.33
N ILE A 366 14.68 -8.76 22.50
CA ILE A 366 14.92 -7.97 23.72
C ILE A 366 15.17 -8.79 24.97
N ARG A 367 15.68 -8.13 26.00
CA ARG A 367 15.96 -8.79 27.26
C ARG A 367 14.87 -8.40 28.27
N CYS A 368 14.40 -9.37 29.05
CA CYS A 368 13.36 -9.15 30.08
C CYS A 368 13.61 -10.15 31.20
N LYS A 369 12.93 -10.00 32.33
CA LYS A 369 13.15 -10.98 33.39
C LYS A 369 12.31 -12.23 33.17
N SER A 370 11.29 -12.07 32.32
CA SER A 370 10.41 -13.17 31.93
C SER A 370 9.76 -12.78 30.61
N TYR A 371 9.22 -13.76 29.89
CA TYR A 371 8.60 -13.49 28.61
C TYR A 371 7.11 -13.82 28.64
N HIS A 372 6.53 -13.75 29.84
CA HIS A 372 5.12 -14.00 30.00
C HIS A 372 4.44 -12.77 29.44
N LEU A 373 3.20 -12.93 28.97
CA LEU A 373 2.49 -11.84 28.35
C LEU A 373 2.45 -10.56 29.18
N SER A 374 2.34 -10.71 30.48
CA SER A 374 2.28 -9.55 31.35
C SER A 374 3.59 -8.78 31.44
N GLU A 375 4.70 -9.49 31.47
CA GLU A 375 6.00 -8.83 31.53
C GLU A 375 6.30 -8.18 30.18
N LEU A 376 5.84 -8.81 29.10
CA LEU A 376 6.09 -8.24 27.78
C LEU A 376 5.24 -6.99 27.59
N VAL A 377 3.98 -7.07 28.02
CA VAL A 377 3.08 -5.94 27.91
C VAL A 377 3.62 -4.75 28.69
N GLN A 378 4.10 -5.02 29.90
CA GLN A 378 4.67 -3.98 30.74
C GLN A 378 5.88 -3.33 30.06
N GLN A 379 6.88 -4.14 29.79
CA GLN A 379 8.12 -3.65 29.17
C GLN A 379 7.98 -3.06 27.78
N ILE A 380 7.32 -3.79 26.88
CA ILE A 380 7.16 -3.35 25.50
C ILE A 380 6.08 -2.29 25.23
N LEU A 381 4.90 -2.46 25.81
CA LEU A 381 3.82 -1.51 25.59
C LEU A 381 3.65 -0.47 26.70
N LYS A 382 4.28 -0.75 27.84
CA LYS A 382 4.25 0.15 28.98
C LYS A 382 2.82 0.40 29.48
N THR A 383 2.17 -0.71 29.83
CA THR A 383 0.81 -0.71 30.33
C THR A 383 0.67 -1.91 31.24
N GLU A 384 -0.32 -1.84 32.14
CA GLU A 384 -0.55 -2.93 33.08
C GLU A 384 -1.52 -3.89 32.47
N ARG A 385 -1.29 -5.17 32.71
CA ARG A 385 -2.17 -6.21 32.18
C ARG A 385 -2.71 -7.06 33.32
N VAL A 386 -4.03 -7.05 33.47
CA VAL A 386 -4.72 -7.82 34.49
C VAL A 386 -4.46 -9.32 34.27
N VAL A 387 -4.59 -10.11 35.33
CA VAL A 387 -4.39 -11.56 35.21
C VAL A 387 -5.65 -12.25 35.72
N ILE A 388 -6.00 -13.38 35.14
CA ILE A 388 -7.18 -14.10 35.59
C ILE A 388 -6.83 -15.53 35.90
N PRO A 389 -6.68 -15.86 37.20
CA PRO A 389 -6.34 -17.22 37.62
C PRO A 389 -7.45 -18.18 37.22
N MET A 390 -7.07 -19.33 36.67
CA MET A 390 -8.03 -20.34 36.25
C MET A 390 -9.18 -20.61 37.20
N GLU A 391 -8.98 -20.34 38.49
CA GLU A 391 -10.03 -20.58 39.47
C GLU A 391 -11.17 -19.59 39.33
N ASN A 392 -10.84 -18.31 39.44
CA ASN A 392 -11.81 -17.23 39.37
C ASN A 392 -12.76 -17.33 38.16
N ILE A 393 -12.37 -18.11 37.15
CA ILE A 393 -13.17 -18.27 35.94
C ILE A 393 -14.60 -18.76 36.15
N GLN A 394 -14.75 -19.97 36.67
CA GLN A 394 -16.08 -20.51 36.88
C GLN A 394 -17.00 -19.50 37.53
N ASN A 395 -16.58 -18.93 38.65
CA ASN A 395 -17.39 -17.95 39.37
C ASN A 395 -17.91 -16.86 38.43
N MET A 396 -17.20 -16.65 37.33
CA MET A 396 -17.61 -15.63 36.36
C MET A 396 -18.78 -16.07 35.50
N TYR A 397 -19.01 -17.38 35.42
CA TYR A 397 -20.12 -17.93 34.63
C TYR A 397 -21.47 -17.80 35.34
N SER A 398 -21.45 -17.33 36.58
CA SER A 398 -22.66 -17.17 37.36
C SER A 398 -23.35 -15.85 37.03
N GLU A 399 -22.56 -14.82 36.78
CA GLU A 399 -23.12 -13.51 36.44
C GLU A 399 -22.65 -13.06 35.06
N SER A 400 -23.59 -12.60 34.23
CA SER A 400 -23.26 -12.15 32.88
C SER A 400 -22.13 -11.10 32.86
N SER A 401 -22.27 -10.02 33.63
CA SER A 401 -21.24 -8.98 33.67
C SER A 401 -19.86 -9.59 33.84
N GLN A 402 -19.79 -10.73 34.50
CA GLN A 402 -18.50 -11.38 34.70
C GLN A 402 -18.02 -12.11 33.45
N LEU A 403 -18.92 -12.81 32.77
CA LEU A 403 -18.54 -13.49 31.55
C LEU A 403 -18.00 -12.44 30.59
N LEU A 404 -18.81 -11.40 30.39
CA LEU A 404 -18.45 -10.31 29.50
C LEU A 404 -17.08 -9.73 29.82
N TYR A 405 -16.70 -9.76 31.09
CA TYR A 405 -15.39 -9.24 31.47
C TYR A 405 -14.33 -10.21 30.98
N LEU A 406 -14.62 -11.50 31.14
CA LEU A 406 -13.71 -12.55 30.72
C LEU A 406 -13.41 -12.46 29.22
N LEU A 407 -14.47 -12.36 28.44
CA LEU A 407 -14.35 -12.25 26.99
C LEU A 407 -13.59 -10.99 26.63
N GLU A 408 -13.94 -9.89 27.31
CA GLU A 408 -13.32 -8.61 27.05
C GLU A 408 -11.83 -8.73 27.35
N HIS A 409 -11.49 -9.47 28.40
CA HIS A 409 -10.08 -9.65 28.76
C HIS A 409 -9.35 -10.38 27.65
N THR A 410 -9.96 -11.46 27.15
CA THR A 410 -9.39 -12.27 26.08
C THR A 410 -9.17 -11.43 24.82
N TRP A 411 -10.08 -10.50 24.57
CA TRP A 411 -9.98 -9.61 23.44
C TRP A 411 -8.78 -8.70 23.67
N LYS A 412 -8.64 -8.18 24.90
CA LYS A 412 -7.53 -7.30 25.26
C LYS A 412 -6.19 -8.02 25.04
N ASP A 413 -6.17 -9.32 25.34
CA ASP A 413 -4.96 -10.13 25.20
C ASP A 413 -4.50 -10.27 23.77
N ALA A 414 -5.46 -10.47 22.87
CA ALA A 414 -5.15 -10.61 21.46
C ALA A 414 -4.70 -9.26 20.94
N LYS A 415 -5.34 -8.19 21.42
CA LYS A 415 -4.95 -6.86 21.00
C LYS A 415 -3.54 -6.54 21.49
N PHE A 416 -3.17 -7.01 22.67
CA PHE A 416 -1.82 -6.76 23.16
C PHE A 416 -0.80 -7.52 22.31
N ILE A 417 -1.09 -8.79 22.04
CA ILE A 417 -0.19 -9.61 21.26
C ILE A 417 0.05 -8.95 19.91
N LEU A 418 -1.00 -8.41 19.32
CA LEU A 418 -0.86 -7.75 18.04
C LEU A 418 0.01 -6.50 18.14
N GLN A 419 -0.09 -5.78 19.25
CA GLN A 419 0.67 -4.53 19.44
C GLN A 419 2.14 -4.82 19.69
N ILE A 420 2.40 -5.86 20.47
CA ILE A 420 3.77 -6.25 20.76
C ILE A 420 4.44 -6.59 19.41
N MET A 421 3.78 -7.45 18.62
CA MET A 421 4.29 -7.86 17.32
C MET A 421 4.58 -6.63 16.45
N CYS A 422 3.70 -5.64 16.55
CA CYS A 422 3.89 -4.42 15.77
C CYS A 422 5.03 -3.56 16.31
N GLU A 423 5.07 -3.45 17.65
CA GLU A 423 6.07 -2.68 18.35
C GLU A 423 7.49 -3.15 18.13
N LEU A 424 7.69 -4.47 18.09
CA LEU A 424 9.02 -5.02 17.88
C LEU A 424 9.35 -5.11 16.38
N ASN A 425 8.38 -4.76 15.53
CA ASN A 425 8.59 -4.85 14.09
C ASN A 425 8.95 -6.26 13.63
N VAL A 426 8.44 -7.25 14.35
CA VAL A 426 8.69 -8.65 14.02
C VAL A 426 8.51 -9.02 12.55
N LEU A 427 7.31 -8.84 12.02
CA LEU A 427 7.06 -9.22 10.64
C LEU A 427 8.00 -8.63 9.61
N PRO A 428 8.19 -7.30 9.59
CA PRO A 428 9.10 -6.69 8.60
C PRO A 428 10.55 -7.19 8.70
N LEU A 429 10.99 -7.40 9.93
CA LEU A 429 12.35 -7.89 10.21
C LEU A 429 12.49 -9.33 9.69
N ALA A 430 11.48 -10.13 9.96
CA ALA A 430 11.50 -11.51 9.55
C ALA A 430 11.60 -11.65 8.02
N LEU A 431 10.92 -10.78 7.29
CA LEU A 431 10.94 -10.86 5.84
C LEU A 431 12.35 -10.54 5.31
N GLN A 432 12.91 -9.45 5.81
CA GLN A 432 14.25 -9.01 5.44
C GLN A 432 15.25 -10.11 5.78
N ILE A 433 15.10 -10.69 6.97
CA ILE A 433 16.00 -11.75 7.37
C ILE A 433 15.89 -12.94 6.42
N THR A 434 14.66 -13.32 6.07
CA THR A 434 14.43 -14.47 5.21
C THR A 434 14.85 -14.18 3.79
N ASN A 435 14.74 -12.92 3.38
CA ASN A 435 15.13 -12.54 2.04
C ASN A 435 16.67 -12.54 1.94
N ILE A 436 17.37 -12.47 3.07
CA ILE A 436 18.83 -12.48 3.05
C ILE A 436 19.40 -13.91 3.17
N ALA A 437 18.96 -14.63 4.18
CA ALA A 437 19.39 -16.02 4.38
C ALA A 437 18.95 -16.88 3.21
N GLY A 438 17.76 -16.60 2.68
CA GLY A 438 17.25 -17.34 1.55
C GLY A 438 16.56 -18.62 1.95
N ASN A 439 15.95 -18.60 3.14
CA ASN A 439 15.27 -19.77 3.67
C ASN A 439 13.73 -19.69 3.58
N ILE A 440 13.03 -20.16 4.58
CA ILE A 440 11.58 -20.14 4.57
C ILE A 440 11.11 -19.25 5.75
N MET A 441 10.25 -18.29 5.47
CA MET A 441 9.81 -17.38 6.50
C MET A 441 9.14 -17.99 7.74
N SER A 442 8.41 -19.08 7.60
CA SER A 442 7.77 -19.62 8.79
C SER A 442 8.83 -20.21 9.71
N ARG A 443 9.97 -20.54 9.11
CA ARG A 443 11.07 -21.13 9.88
C ARG A 443 11.83 -20.01 10.54
N THR A 444 12.01 -18.91 9.81
CA THR A 444 12.69 -17.76 10.37
C THR A 444 11.91 -17.34 11.61
N LEU A 445 10.59 -17.40 11.53
CA LEU A 445 9.74 -17.03 12.65
C LEU A 445 9.76 -17.96 13.84
N MET A 446 10.22 -19.21 13.63
CA MET A 446 10.27 -20.19 14.71
C MET A 446 11.53 -20.02 15.56
N GLY A 447 12.46 -19.20 15.07
CA GLY A 447 13.72 -19.02 15.76
C GLY A 447 14.72 -20.05 15.27
N GLY A 448 15.92 -20.04 15.83
CA GLY A 448 16.95 -20.97 15.41
C GLY A 448 17.74 -20.29 14.32
N ARG A 449 18.94 -19.83 14.63
CA ARG A 449 19.75 -19.14 13.63
C ARG A 449 20.52 -20.11 12.75
N SER A 450 21.00 -21.18 13.33
CA SER A 450 21.75 -22.17 12.59
C SER A 450 21.15 -22.43 11.19
N GLU A 451 19.83 -22.60 11.14
CA GLU A 451 19.16 -22.90 9.87
C GLU A 451 19.13 -21.75 8.86
N ARG A 452 18.99 -20.53 9.33
CA ARG A 452 18.99 -19.41 8.40
C ARG A 452 20.35 -19.41 7.74
N ASN A 453 21.37 -19.70 8.55
CA ASN A 453 22.79 -19.77 8.17
C ASN A 453 23.02 -20.84 7.08
N GLU A 454 22.54 -22.04 7.37
CA GLU A 454 22.65 -23.17 6.47
C GLU A 454 22.19 -22.77 5.06
N PHE A 455 20.96 -22.27 4.99
CA PHE A 455 20.37 -21.86 3.72
C PHE A 455 21.16 -20.83 2.94
N LEU A 456 21.62 -19.80 3.64
CA LEU A 456 22.44 -18.77 3.00
C LEU A 456 23.67 -19.40 2.31
N LEU A 457 24.39 -20.25 3.05
CA LEU A 457 25.56 -20.95 2.53
C LEU A 457 25.19 -21.90 1.39
N LEU A 458 24.13 -22.69 1.58
CA LEU A 458 23.68 -23.62 0.54
C LEU A 458 23.46 -22.92 -0.78
N HIS A 459 22.91 -21.72 -0.74
CA HIS A 459 22.66 -20.96 -1.96
C HIS A 459 23.98 -20.52 -2.55
N ALA A 460 24.83 -19.99 -1.69
CA ALA A 460 26.14 -19.51 -2.09
C ALA A 460 26.92 -20.62 -2.79
N PHE A 461 27.05 -21.76 -2.12
CA PHE A 461 27.79 -22.88 -2.71
C PHE A 461 27.14 -23.47 -3.97
N TYR A 462 25.82 -23.57 -3.98
CA TYR A 462 25.15 -24.07 -5.17
C TYR A 462 25.50 -23.19 -6.36
N GLU A 463 25.30 -21.91 -6.18
CA GLU A 463 25.54 -20.98 -7.27
C GLU A 463 26.97 -20.94 -7.77
N ASN A 464 27.90 -21.47 -6.96
CA ASN A 464 29.32 -21.50 -7.32
C ASN A 464 29.83 -22.90 -7.67
N ASN A 465 28.90 -23.75 -8.12
CA ASN A 465 29.18 -25.09 -8.55
C ASN A 465 29.79 -26.07 -7.57
N TYR A 466 29.47 -25.95 -6.28
CA TYR A 466 30.01 -26.90 -5.32
C TYR A 466 29.01 -27.97 -4.95
N ILE A 467 29.53 -29.15 -4.62
CA ILE A 467 28.72 -30.24 -4.13
C ILE A 467 28.58 -29.74 -2.72
N VAL A 468 27.44 -29.94 -2.08
CA VAL A 468 27.24 -29.47 -0.70
C VAL A 468 27.07 -30.64 0.25
N PRO A 469 27.38 -30.45 1.53
CA PRO A 469 27.23 -31.55 2.48
C PRO A 469 25.82 -32.09 2.55
N ASP A 470 25.68 -33.40 2.71
CA ASP A 470 24.35 -33.98 2.86
C ASP A 470 23.87 -33.51 4.22
N LYS A 471 22.56 -33.39 4.39
CA LYS A 471 22.05 -33.01 5.70
C LYS A 471 22.33 -34.24 6.55
N GLN A 472 22.81 -34.05 7.77
CA GLN A 472 23.14 -35.20 8.61
C GLN A 472 22.02 -35.73 9.46
N ILE A 473 21.97 -37.06 9.56
CA ILE A 473 20.97 -37.78 10.34
C ILE A 473 21.63 -38.94 11.07
N ARG A 499 23.76 -25.74 28.76
CA ARG A 499 24.94 -25.25 28.04
C ARG A 499 26.10 -26.24 28.13
N LYS A 500 26.88 -26.33 27.06
CA LYS A 500 28.03 -27.24 27.03
C LYS A 500 29.34 -26.53 27.36
N LYS A 501 30.40 -27.30 27.50
CA LYS A 501 31.72 -26.77 27.83
C LYS A 501 32.40 -26.31 26.54
N ALA A 502 33.05 -25.15 26.59
CA ALA A 502 33.74 -24.58 25.42
C ALA A 502 34.60 -25.59 24.66
N ALA A 503 34.62 -25.47 23.34
CA ALA A 503 35.40 -26.36 22.50
C ALA A 503 36.61 -25.70 21.87
N TYR A 504 36.72 -24.38 22.00
CA TYR A 504 37.88 -23.66 21.45
C TYR A 504 38.06 -22.29 22.12
N ALA A 505 39.13 -21.59 21.80
CA ALA A 505 39.44 -20.28 22.40
C ALA A 505 38.57 -19.16 21.89
N GLY A 506 38.08 -18.32 22.81
CA GLY A 506 37.23 -17.22 22.42
C GLY A 506 37.89 -15.86 22.28
N GLY A 507 37.29 -14.86 22.92
CA GLY A 507 37.85 -13.53 22.84
C GLY A 507 38.77 -13.23 24.01
N LEU A 508 39.70 -12.30 23.81
CA LEU A 508 40.65 -11.87 24.84
C LEU A 508 40.04 -10.79 25.71
N VAL A 509 40.11 -10.96 27.03
CA VAL A 509 39.58 -9.97 27.96
C VAL A 509 40.72 -9.39 28.77
N LEU A 510 41.13 -8.17 28.43
CA LEU A 510 42.23 -7.52 29.14
C LEU A 510 41.97 -7.44 30.63
N ASP A 511 43.04 -7.39 31.42
CA ASP A 511 42.90 -7.30 32.87
C ASP A 511 42.56 -5.86 33.25
N PRO A 512 41.50 -5.68 34.05
CA PRO A 512 41.04 -4.36 34.49
C PRO A 512 41.76 -3.71 35.65
N LYS A 513 41.99 -2.41 35.49
CA LYS A 513 42.64 -1.59 36.50
C LYS A 513 41.50 -0.97 37.30
N VAL A 514 40.88 -1.82 38.11
CA VAL A 514 39.75 -1.47 38.96
C VAL A 514 39.88 -0.09 39.58
N GLY A 515 38.74 0.53 39.91
CA GLY A 515 38.78 1.85 40.51
C GLY A 515 37.95 2.92 39.81
N PHE A 516 37.73 4.03 40.51
CA PHE A 516 36.95 5.16 40.02
C PHE A 516 37.87 6.14 39.26
N TYR A 517 37.35 6.82 38.24
CA TYR A 517 38.15 7.78 37.49
C TYR A 517 37.39 9.10 37.37
N ASP A 518 38.12 10.22 37.38
CA ASP A 518 37.50 11.54 37.26
C ASP A 518 37.79 12.13 35.90
N LYS A 519 38.93 11.77 35.33
CA LYS A 519 39.34 12.26 34.02
C LYS A 519 38.55 11.50 32.96
N PHE A 520 38.38 12.08 31.78
CA PHE A 520 37.64 11.44 30.70
C PHE A 520 38.29 10.13 30.29
N ILE A 521 37.46 9.21 29.82
CA ILE A 521 37.95 7.91 29.37
C ILE A 521 37.55 7.69 27.92
N LEU A 522 38.52 7.28 27.11
CA LEU A 522 38.27 7.02 25.70
C LEU A 522 37.95 5.55 25.48
N LEU A 523 36.86 5.29 24.75
CA LEU A 523 36.44 3.93 24.44
C LEU A 523 36.53 3.72 22.95
N LEU A 524 37.52 2.93 22.52
CA LEU A 524 37.68 2.64 21.10
C LEU A 524 37.08 1.29 20.79
N ASP A 525 36.43 1.19 19.63
CA ASP A 525 35.73 -0.01 19.23
C ASP A 525 36.02 -0.37 17.80
N PHE A 526 36.02 -1.67 17.51
CA PHE A 526 36.20 -2.12 16.14
C PHE A 526 34.79 -2.34 15.57
N ASN A 527 34.58 -2.00 14.29
CA ASN A 527 33.26 -2.18 13.68
C ASN A 527 33.18 -3.58 13.09
N SER A 528 32.39 -4.44 13.74
CA SER A 528 32.25 -5.82 13.27
C SER A 528 33.61 -6.47 13.07
N LEU A 529 34.26 -6.81 14.19
CA LEU A 529 35.58 -7.43 14.15
C LEU A 529 35.55 -8.78 13.46
N TYR A 530 34.76 -9.68 14.00
CA TYR A 530 34.68 -11.00 13.42
C TYR A 530 34.34 -11.04 11.92
N PRO A 531 33.26 -10.36 11.49
CA PRO A 531 32.91 -10.37 10.07
C PRO A 531 34.05 -9.81 9.20
N SER A 532 34.73 -8.78 9.70
CA SER A 532 35.83 -8.13 8.99
C SER A 532 37.07 -9.01 8.97
N ILE A 533 37.33 -9.67 10.10
CA ILE A 533 38.45 -10.58 10.20
C ILE A 533 38.27 -11.60 9.07
N ILE A 534 37.08 -12.16 8.94
CA ILE A 534 36.81 -13.13 7.91
C ILE A 534 37.07 -12.65 6.48
N GLN A 535 36.75 -11.40 6.17
CA GLN A 535 36.99 -10.92 4.81
C GLN A 535 38.44 -10.53 4.66
N GLU A 536 38.96 -9.90 5.72
CA GLU A 536 40.33 -9.39 5.75
C GLU A 536 41.33 -10.44 5.39
N PHE A 537 41.25 -11.55 6.11
CA PHE A 537 42.16 -12.66 5.94
C PHE A 537 41.63 -13.81 5.11
N ASN A 538 40.62 -13.52 4.29
CA ASN A 538 40.03 -14.49 3.39
C ASN A 538 39.81 -15.88 3.98
N ILE A 539 39.24 -15.97 5.18
CA ILE A 539 38.96 -17.25 5.84
C ILE A 539 37.70 -17.94 5.29
N CYS A 540 37.87 -19.10 4.67
CA CYS A 540 36.71 -19.82 4.12
C CYS A 540 36.89 -21.33 4.12
N PHE A 541 35.84 -22.08 3.82
CA PHE A 541 35.94 -23.53 3.73
C PHE A 541 36.84 -23.85 2.54
N THR A 542 36.89 -22.92 1.59
CA THR A 542 37.67 -23.13 0.38
C THR A 542 39.07 -22.55 0.40
N THR A 543 39.51 -22.00 1.51
CA THR A 543 40.84 -21.40 1.53
C THR A 543 41.72 -21.83 2.68
N VAL A 544 41.11 -22.31 3.76
CA VAL A 544 41.88 -22.73 4.90
C VAL A 544 42.02 -24.23 4.89
N GLN A 545 43.26 -24.72 4.87
CA GLN A 545 43.54 -26.14 4.90
C GLN A 545 43.21 -26.58 6.32
N ARG A 546 42.50 -27.68 6.47
CA ARG A 546 42.21 -28.12 7.83
C ARG A 546 42.03 -29.62 7.92
N VAL A 547 42.17 -30.15 9.13
CA VAL A 547 42.04 -31.59 9.38
C VAL A 547 40.75 -31.96 10.11
N GLU A 561 42.02 -29.54 18.01
CA GLU A 561 42.63 -28.35 18.57
C GLU A 561 43.99 -28.03 17.93
N GLN A 562 43.98 -27.03 17.05
CA GLN A 562 45.16 -26.58 16.34
C GLN A 562 44.67 -25.58 15.31
N ILE A 563 45.00 -24.32 15.52
CA ILE A 563 44.60 -23.26 14.61
C ILE A 563 45.32 -23.38 13.29
N PRO A 564 44.57 -23.48 12.19
CA PRO A 564 45.20 -23.60 10.85
C PRO A 564 45.85 -22.30 10.35
N GLU A 565 46.61 -22.40 9.27
CA GLU A 565 47.29 -21.23 8.69
C GLU A 565 46.36 -20.35 7.88
N LEU A 566 46.63 -19.05 7.83
CA LEU A 566 45.82 -18.16 7.01
C LEU A 566 46.19 -18.52 5.58
N PRO A 567 45.28 -18.29 4.64
CA PRO A 567 45.60 -18.63 3.25
C PRO A 567 46.63 -17.69 2.68
N ASP A 568 47.19 -18.04 1.53
CA ASP A 568 48.16 -17.16 0.90
C ASP A 568 47.41 -15.99 0.28
N PRO A 569 47.91 -14.76 0.47
CA PRO A 569 47.25 -13.59 -0.10
C PRO A 569 47.07 -13.66 -1.61
N SER A 570 47.61 -14.71 -2.20
CA SER A 570 47.50 -14.89 -3.64
C SER A 570 46.14 -15.43 -4.04
N LEU A 571 45.60 -16.35 -3.24
CA LEU A 571 44.29 -16.96 -3.50
C LEU A 571 43.16 -15.93 -3.60
N GLU A 572 42.14 -16.28 -4.38
CA GLU A 572 40.96 -15.44 -4.56
C GLU A 572 40.02 -15.47 -3.37
N MET A 573 39.04 -14.56 -3.34
CA MET A 573 38.11 -14.52 -2.24
C MET A 573 37.38 -15.85 -2.07
N GLY A 574 37.32 -16.33 -0.84
CA GLY A 574 36.62 -17.58 -0.61
C GLY A 574 35.13 -17.34 -0.70
N ILE A 575 34.36 -18.40 -0.83
CA ILE A 575 32.92 -18.25 -0.93
C ILE A 575 32.35 -17.52 0.29
N LEU A 576 32.80 -17.89 1.50
CA LEU A 576 32.25 -17.25 2.68
C LEU A 576 32.61 -15.76 2.74
N PRO A 577 33.86 -15.42 2.41
CA PRO A 577 34.26 -14.00 2.43
C PRO A 577 33.39 -13.17 1.50
N ARG A 578 33.20 -13.65 0.27
CA ARG A 578 32.37 -12.95 -0.70
C ARG A 578 30.96 -12.71 -0.15
N GLU A 579 30.41 -13.69 0.56
CA GLU A 579 29.06 -13.53 1.11
C GLU A 579 29.00 -12.43 2.17
N ILE A 580 30.02 -12.35 3.02
CA ILE A 580 30.01 -11.32 4.03
C ILE A 580 30.24 -10.01 3.25
N ARG A 581 31.16 -10.03 2.29
CA ARG A 581 31.44 -8.84 1.51
C ARG A 581 30.12 -8.26 1.00
N LYS A 582 29.26 -9.14 0.48
CA LYS A 582 27.98 -8.67 -0.03
C LYS A 582 27.12 -8.01 1.04
N LEU A 583 26.98 -8.64 2.21
CA LEU A 583 26.21 -8.08 3.29
C LEU A 583 26.73 -6.68 3.69
N VAL A 584 28.04 -6.52 3.69
CA VAL A 584 28.67 -5.25 4.05
C VAL A 584 28.37 -4.15 3.02
N GLU A 585 28.37 -4.51 1.73
CA GLU A 585 28.08 -3.55 0.67
C GLU A 585 26.62 -3.10 0.80
N ARG A 586 25.71 -4.05 0.79
CA ARG A 586 24.31 -3.72 0.93
C ARG A 586 24.03 -2.85 2.16
N ARG A 587 24.68 -3.13 3.27
CA ARG A 587 24.47 -2.31 4.45
C ARG A 587 24.99 -0.88 4.27
N LYS A 588 25.99 -0.70 3.42
CA LYS A 588 26.52 0.63 3.17
C LYS A 588 25.57 1.40 2.27
N GLN A 589 25.05 0.73 1.23
CA GLN A 589 24.09 1.34 0.32
C GLN A 589 22.93 1.93 1.14
N VAL A 590 22.39 1.11 2.04
CA VAL A 590 21.27 1.47 2.89
C VAL A 590 21.51 2.62 3.83
N LYS A 591 22.64 2.62 4.51
CA LYS A 591 22.94 3.72 5.42
C LYS A 591 23.13 5.01 4.63
N GLN A 592 23.57 4.89 3.37
CA GLN A 592 23.74 6.05 2.53
C GLN A 592 22.38 6.55 2.09
N LEU A 593 21.47 5.62 1.81
CA LEU A 593 20.14 6.02 1.40
C LEU A 593 19.48 6.75 2.55
N MET A 594 19.70 6.29 3.78
CA MET A 594 19.12 6.91 4.94
C MET A 594 19.51 8.39 5.10
N LYS A 595 20.70 8.76 4.62
CA LYS A 595 21.19 10.13 4.74
C LYS A 595 20.54 11.06 3.71
N GLN A 596 19.74 10.48 2.83
CA GLN A 596 19.07 11.18 1.73
C GLN A 596 18.04 12.24 2.14
N GLN A 597 17.68 13.10 1.18
CA GLN A 597 16.72 14.18 1.41
C GLN A 597 15.58 14.27 0.39
N ASP A 598 14.46 14.84 0.83
CA ASP A 598 13.26 14.96 0.00
C ASP A 598 12.88 13.51 -0.35
N LEU A 599 12.89 12.69 0.70
CA LEU A 599 12.62 11.27 0.65
C LEU A 599 11.22 10.91 1.16
N ASN A 600 10.74 9.71 0.82
CA ASN A 600 9.46 9.28 1.33
C ASN A 600 9.80 9.02 2.80
N PRO A 601 9.26 9.82 3.71
CA PRO A 601 9.48 9.71 5.16
C PRO A 601 9.44 8.36 5.84
N ASP A 602 8.47 7.52 5.49
CA ASP A 602 8.34 6.19 6.12
C ASP A 602 9.48 5.23 5.74
N LEU A 603 10.17 5.54 4.65
CA LEU A 603 11.27 4.74 4.13
C LEU A 603 12.42 4.61 5.10
N ILE A 604 12.60 5.60 5.95
CA ILE A 604 13.70 5.54 6.89
C ILE A 604 13.55 4.44 7.94
N LEU A 605 12.33 4.11 8.38
CA LEU A 605 12.18 3.03 9.34
C LEU A 605 12.49 1.74 8.60
N GLN A 606 12.16 1.70 7.31
CA GLN A 606 12.42 0.53 6.50
C GLN A 606 13.90 0.28 6.35
N TYR A 607 14.66 1.31 5.99
CA TYR A 607 16.11 1.13 5.82
C TYR A 607 16.76 0.74 7.12
N ASP A 608 16.23 1.28 8.19
CA ASP A 608 16.79 0.96 9.48
C ASP A 608 16.57 -0.51 9.79
N ILE A 609 15.44 -1.06 9.39
CA ILE A 609 15.17 -2.48 9.67
C ILE A 609 16.03 -3.39 8.84
N ARG A 610 16.17 -3.08 7.54
CA ARG A 610 17.00 -3.90 6.71
C ARG A 610 18.45 -3.85 7.19
N GLN A 611 18.87 -2.65 7.59
CA GLN A 611 20.22 -2.45 8.04
C GLN A 611 20.53 -3.37 9.20
N LYS A 612 19.61 -3.49 10.15
CA LYS A 612 19.87 -4.37 11.28
C LYS A 612 19.84 -5.86 10.88
N ALA A 613 18.97 -6.23 9.96
CA ALA A 613 18.89 -7.61 9.54
C ALA A 613 20.21 -7.96 8.81
N LEU A 614 20.76 -7.00 8.07
CA LEU A 614 22.03 -7.28 7.40
C LEU A 614 23.16 -7.49 8.43
N LYS A 615 23.04 -6.82 9.57
CA LYS A 615 24.06 -6.94 10.59
C LYS A 615 23.92 -8.28 11.30
N LEU A 616 22.71 -8.61 11.74
CA LEU A 616 22.46 -9.87 12.44
C LEU A 616 22.90 -11.09 11.64
N THR A 617 22.71 -11.01 10.33
CA THR A 617 23.06 -12.12 9.45
C THR A 617 24.56 -12.30 9.47
N ALA A 618 25.30 -11.24 9.15
CA ALA A 618 26.76 -11.31 9.09
C ALA A 618 27.37 -11.82 10.39
N ASN A 619 26.91 -11.32 11.52
CA ASN A 619 27.44 -11.81 12.79
C ASN A 619 27.12 -13.29 13.07
N SER A 620 25.93 -13.74 12.74
CA SER A 620 25.58 -15.14 12.98
C SER A 620 26.41 -16.09 12.14
N MET A 621 26.99 -15.56 11.08
CA MET A 621 27.81 -16.35 10.19
C MET A 621 28.92 -17.04 10.99
N TYR A 622 29.54 -16.25 11.86
CA TYR A 622 30.61 -16.73 12.71
C TYR A 622 30.15 -17.83 13.67
N GLY A 623 29.21 -17.47 14.54
CA GLY A 623 28.73 -18.44 15.51
C GLY A 623 28.29 -19.76 14.93
N CYS A 624 27.88 -19.79 13.66
CA CYS A 624 27.46 -21.05 13.09
C CYS A 624 28.64 -21.94 12.83
N LEU A 625 29.75 -21.33 12.42
CA LEU A 625 30.99 -22.04 12.17
C LEU A 625 31.40 -22.85 13.40
N GLY A 626 31.00 -22.37 14.58
CA GLY A 626 31.39 -23.03 15.80
C GLY A 626 30.33 -23.91 16.40
N PHE A 627 29.21 -24.09 15.71
CA PHE A 627 28.13 -24.92 16.20
C PHE A 627 28.31 -26.38 15.75
N SER A 628 28.50 -27.27 16.73
CA SER A 628 28.73 -28.68 16.45
C SER A 628 27.68 -29.38 15.58
N TYR A 629 26.43 -28.97 15.68
CA TYR A 629 25.39 -29.61 14.90
C TYR A 629 25.08 -28.90 13.61
N SER A 630 25.83 -27.86 13.30
CA SER A 630 25.58 -27.15 12.05
C SER A 630 25.96 -27.99 10.84
N ARG A 631 25.20 -27.84 9.77
CA ARG A 631 25.47 -28.58 8.55
C ARG A 631 26.80 -28.13 7.97
N PHE A 632 27.25 -26.92 8.32
CA PHE A 632 28.53 -26.42 7.82
C PHE A 632 29.50 -26.21 8.98
N TYR A 633 29.47 -27.13 9.94
CA TYR A 633 30.33 -27.09 11.12
C TYR A 633 31.76 -27.09 10.68
N ALA A 634 32.56 -26.24 11.33
CA ALA A 634 33.97 -26.12 10.99
C ALA A 634 34.69 -25.38 12.13
N LYS A 635 34.95 -26.13 13.20
CA LYS A 635 35.63 -25.58 14.37
C LYS A 635 36.92 -24.89 13.96
N PRO A 636 37.74 -25.53 13.11
CA PRO A 636 38.99 -24.89 12.69
C PRO A 636 38.78 -23.44 12.27
N LEU A 637 37.84 -23.20 11.37
CA LEU A 637 37.55 -21.85 10.91
C LEU A 637 37.15 -20.95 12.10
N ALA A 638 36.17 -21.36 12.89
CA ALA A 638 35.77 -20.57 14.04
C ALA A 638 37.02 -20.15 14.84
N ALA A 639 37.72 -21.16 15.35
CA ALA A 639 38.90 -20.96 16.15
C ALA A 639 39.95 -20.05 15.48
N LEU A 640 40.09 -20.17 14.16
CA LEU A 640 41.05 -19.32 13.48
C LEU A 640 40.56 -17.86 13.53
N VAL A 641 39.24 -17.67 13.49
CA VAL A 641 38.68 -16.34 13.55
C VAL A 641 38.97 -15.70 14.90
N THR A 642 38.51 -16.32 16.00
CA THR A 642 38.76 -15.78 17.34
C THR A 642 40.25 -15.56 17.62
N TYR A 643 41.11 -16.38 17.00
CA TYR A 643 42.56 -16.25 17.15
C TYR A 643 42.99 -14.87 16.62
N LYS A 644 42.87 -14.65 15.32
CA LYS A 644 43.24 -13.36 14.77
C LYS A 644 42.48 -12.28 15.55
N GLY A 645 41.49 -12.70 16.32
CA GLY A 645 40.75 -11.74 17.10
C GLY A 645 41.59 -11.29 18.28
N ARG A 646 42.01 -12.24 19.09
CA ARG A 646 42.83 -11.98 20.26
C ARG A 646 44.09 -11.27 19.82
N GLU A 647 44.72 -11.83 18.80
CA GLU A 647 45.93 -11.26 18.26
C GLU A 647 45.78 -9.79 17.98
N ILE A 648 44.78 -9.43 17.19
CA ILE A 648 44.58 -8.02 16.85
C ILE A 648 44.29 -7.15 18.07
N LEU A 649 43.59 -7.70 19.06
CA LEU A 649 43.27 -6.94 20.24
C LEU A 649 44.56 -6.53 20.95
N MET A 650 45.45 -7.50 21.16
CA MET A 650 46.73 -7.24 21.82
C MET A 650 47.65 -6.30 21.05
N HIS A 651 47.91 -6.57 19.78
CA HIS A 651 48.77 -5.67 18.99
C HIS A 651 48.20 -4.26 19.12
N THR A 652 46.90 -4.17 19.34
CA THR A 652 46.24 -2.88 19.50
C THR A 652 46.51 -2.33 20.88
N LYS A 653 46.39 -3.16 21.92
CA LYS A 653 46.65 -2.68 23.27
C LYS A 653 48.08 -2.18 23.36
N GLU A 654 48.99 -2.99 22.81
CA GLU A 654 50.40 -2.65 22.82
C GLU A 654 50.64 -1.33 22.13
N MET A 655 50.06 -1.15 20.95
CA MET A 655 50.25 0.08 20.19
C MET A 655 49.79 1.34 20.93
N VAL A 656 48.68 1.25 21.66
CA VAL A 656 48.19 2.41 22.39
C VAL A 656 49.17 2.72 23.53
N GLN A 657 49.83 1.68 24.03
CA GLN A 657 50.79 1.85 25.10
C GLN A 657 52.07 2.48 24.59
N LYS A 658 52.45 2.15 23.35
CA LYS A 658 53.66 2.71 22.77
C LYS A 658 53.45 4.18 22.46
N MET A 659 52.22 4.65 22.62
CA MET A 659 51.88 6.05 22.39
C MET A 659 51.79 6.72 23.76
N ASN A 660 52.42 6.10 24.74
CA ASN A 660 52.44 6.62 26.11
C ASN A 660 51.05 6.89 26.69
N LEU A 661 50.07 6.08 26.31
CA LEU A 661 48.70 6.25 26.81
C LEU A 661 48.32 5.07 27.68
N GLU A 662 47.59 5.34 28.75
CA GLU A 662 47.22 4.26 29.65
C GLU A 662 45.97 3.50 29.19
N VAL A 663 46.10 2.18 29.12
CA VAL A 663 45.00 1.30 28.71
C VAL A 663 44.49 0.58 29.93
N ILE A 664 43.31 0.98 30.42
CA ILE A 664 42.72 0.39 31.62
C ILE A 664 41.85 -0.85 31.44
N TYR A 665 41.33 -1.07 30.23
CA TYR A 665 40.47 -2.22 29.99
C TYR A 665 40.33 -2.58 28.51
N GLY A 666 39.78 -3.77 28.26
CA GLY A 666 39.59 -4.22 26.90
C GLY A 666 38.84 -5.52 26.81
N ASP A 667 37.79 -5.57 26.00
CA ASP A 667 37.04 -6.80 25.86
C ASP A 667 36.79 -7.20 24.41
N THR A 668 37.45 -8.27 24.01
CA THR A 668 37.32 -8.84 22.67
C THR A 668 37.55 -7.90 21.48
N ASP A 669 36.90 -6.74 21.47
CA ASP A 669 37.02 -5.82 20.35
C ASP A 669 37.06 -4.36 20.73
N SER A 670 37.24 -4.10 22.02
CA SER A 670 37.29 -2.73 22.51
C SER A 670 38.51 -2.44 23.37
N ILE A 671 38.82 -1.16 23.48
CA ILE A 671 39.94 -0.67 24.27
C ILE A 671 39.54 0.59 25.02
N MET A 672 39.67 0.56 26.34
CA MET A 672 39.37 1.72 27.17
C MET A 672 40.66 2.48 27.52
N ILE A 673 40.70 3.77 27.19
CA ILE A 673 41.88 4.58 27.46
C ILE A 673 41.63 5.70 28.48
N ASN A 674 42.48 5.78 29.51
CA ASN A 674 42.35 6.82 30.52
C ASN A 674 43.22 8.00 30.11
N THR A 675 42.58 9.00 29.51
CA THR A 675 43.28 10.20 29.03
C THR A 675 43.92 11.02 30.14
N ASN A 676 43.38 10.87 31.36
CA ASN A 676 43.91 11.60 32.50
C ASN A 676 43.59 13.09 32.26
N SER A 677 42.93 13.36 31.14
CA SER A 677 42.56 14.71 30.74
C SER A 677 41.20 15.15 31.28
N THR A 678 40.90 16.43 31.08
CA THR A 678 39.64 17.03 31.52
C THR A 678 39.14 17.92 30.39
N ASN A 679 39.96 18.03 29.36
CA ASN A 679 39.67 18.82 28.18
C ASN A 679 39.02 17.94 27.11
N LEU A 680 37.69 17.97 27.04
CA LEU A 680 36.96 17.16 26.07
C LEU A 680 37.48 17.22 24.65
N GLU A 681 37.54 18.43 24.08
CA GLU A 681 38.01 18.61 22.71
C GLU A 681 39.32 17.90 22.45
N GLU A 682 40.21 17.97 23.44
CA GLU A 682 41.51 17.33 23.31
C GLU A 682 41.35 15.82 23.28
N VAL A 683 40.46 15.31 24.13
CA VAL A 683 40.19 13.88 24.20
C VAL A 683 39.86 13.38 22.80
N PHE A 684 38.93 14.05 22.12
CA PHE A 684 38.52 13.66 20.77
C PHE A 684 39.69 13.65 19.80
N LYS A 685 40.50 14.69 19.82
CA LYS A 685 41.62 14.74 18.91
C LYS A 685 42.55 13.56 19.18
N LEU A 686 42.65 13.18 20.45
CA LEU A 686 43.48 12.07 20.87
C LEU A 686 42.91 10.79 20.26
N GLY A 687 41.63 10.56 20.51
CA GLY A 687 40.97 9.40 19.96
C GLY A 687 41.20 9.29 18.47
N ASN A 688 40.74 10.30 17.73
CA ASN A 688 40.92 10.32 16.29
C ASN A 688 42.37 10.07 15.92
N LYS A 689 43.28 10.47 16.81
CA LYS A 689 44.70 10.28 16.57
C LYS A 689 45.01 8.79 16.61
N VAL A 690 44.63 8.14 17.71
CA VAL A 690 44.84 6.70 17.88
C VAL A 690 44.15 5.98 16.74
N LYS A 691 42.90 6.38 16.47
CA LYS A 691 42.10 5.82 15.39
C LYS A 691 42.92 5.72 14.11
N SER A 692 43.31 6.88 13.58
CA SER A 692 44.09 6.96 12.34
C SER A 692 45.26 5.99 12.32
N GLU A 693 45.92 5.89 13.48
CA GLU A 693 47.08 5.03 13.64
C GLU A 693 46.79 3.55 13.48
N VAL A 694 45.74 3.07 14.12
CA VAL A 694 45.37 1.66 14.03
C VAL A 694 44.77 1.28 12.69
N ASN A 695 43.84 2.09 12.18
CA ASN A 695 43.18 1.81 10.91
C ASN A 695 44.16 1.82 9.74
N LYS A 696 45.36 2.31 9.97
CA LYS A 696 46.37 2.38 8.92
C LYS A 696 46.96 0.98 8.69
N LEU A 697 46.80 0.13 9.70
CA LEU A 697 47.32 -1.23 9.68
C LEU A 697 46.55 -2.22 8.84
N TYR A 698 45.26 -1.98 8.61
CA TYR A 698 44.46 -2.94 7.85
C TYR A 698 43.81 -2.43 6.59
N LYS A 699 43.34 -3.35 5.74
CA LYS A 699 42.68 -3.00 4.49
C LYS A 699 41.18 -2.80 4.67
N LEU A 700 40.57 -3.57 5.58
CA LEU A 700 39.13 -3.46 5.78
C LEU A 700 38.76 -3.23 7.22
N LEU A 701 39.52 -3.81 8.13
CA LEU A 701 39.21 -3.67 9.56
C LEU A 701 39.36 -2.22 10.02
N GLU A 702 38.34 -1.70 10.68
CA GLU A 702 38.38 -0.32 11.16
C GLU A 702 37.94 -0.18 12.61
N ILE A 703 38.66 0.64 13.36
CA ILE A 703 38.37 0.90 14.77
C ILE A 703 37.81 2.32 14.86
N ASP A 704 36.91 2.56 15.80
CA ASP A 704 36.34 3.90 15.92
C ASP A 704 36.12 4.33 17.36
N ILE A 705 35.72 5.59 17.55
CA ILE A 705 35.48 6.13 18.89
C ILE A 705 34.05 5.76 19.27
N ASP A 706 33.89 4.76 20.13
CA ASP A 706 32.56 4.34 20.52
C ASP A 706 31.99 5.31 21.54
N GLY A 707 32.86 6.07 22.18
CA GLY A 707 32.38 7.03 23.16
C GLY A 707 33.41 7.62 24.12
N VAL A 708 32.90 8.33 25.13
CA VAL A 708 33.74 8.95 26.15
C VAL A 708 33.01 9.05 27.47
N PHE A 709 33.68 8.68 28.56
CA PHE A 709 33.08 8.74 29.89
C PHE A 709 33.57 9.91 30.73
N LYS A 710 32.69 10.51 31.50
CA LYS A 710 33.05 11.63 32.35
C LYS A 710 33.54 11.05 33.67
N SER A 711 32.99 9.90 34.02
CA SER A 711 33.35 9.21 35.25
C SER A 711 33.11 7.72 35.03
N LEU A 712 33.95 6.87 35.62
CA LEU A 712 33.82 5.42 35.45
C LEU A 712 34.17 4.57 36.68
N LEU A 713 33.26 3.69 37.07
CA LEU A 713 33.49 2.81 38.22
C LEU A 713 33.72 1.37 37.74
N LEU A 714 34.97 1.02 37.44
CA LEU A 714 35.34 -0.31 36.96
C LEU A 714 35.56 -1.34 38.08
N LEU A 715 34.57 -2.20 38.32
CA LEU A 715 34.65 -3.21 39.37
C LEU A 715 35.45 -4.48 39.05
N LYS A 716 35.10 -5.15 37.96
CA LYS A 716 35.80 -6.36 37.53
C LYS A 716 35.75 -6.45 36.02
N LYS A 717 36.16 -7.58 35.47
CA LYS A 717 36.09 -7.77 34.02
C LYS A 717 34.59 -7.84 33.66
N LYS A 718 34.21 -7.20 32.56
CA LYS A 718 32.81 -7.22 32.09
C LYS A 718 31.84 -6.75 33.18
N LYS A 719 32.22 -5.70 33.89
CA LYS A 719 31.39 -5.16 34.98
C LYS A 719 31.80 -3.72 35.31
N TYR A 720 30.99 -2.75 34.92
CA TYR A 720 31.31 -1.38 35.24
C TYR A 720 30.07 -0.50 35.23
N ALA A 721 30.27 0.78 35.59
CA ALA A 721 29.20 1.75 35.63
C ALA A 721 29.84 3.03 35.12
N ALA A 722 29.14 3.80 34.31
CA ALA A 722 29.77 5.01 33.79
C ALA A 722 28.81 6.11 33.35
N LEU A 723 29.31 7.33 33.29
CA LEU A 723 28.51 8.45 32.83
C LEU A 723 28.99 8.69 31.41
N VAL A 724 28.07 8.59 30.45
CA VAL A 724 28.43 8.76 29.06
C VAL A 724 28.16 10.14 28.51
N VAL A 725 29.17 10.68 27.85
CA VAL A 725 29.10 11.99 27.25
C VAL A 725 28.25 11.94 25.99
N GLU A 726 27.40 12.96 25.82
CA GLU A 726 26.52 13.08 24.67
C GLU A 726 26.62 14.55 24.24
N PRO A 727 27.60 14.87 23.39
CA PRO A 727 27.81 16.24 22.91
C PRO A 727 26.56 16.94 22.41
N THR A 728 26.49 18.25 22.67
CA THR A 728 25.36 19.07 22.24
C THR A 728 25.86 20.24 21.39
N SER A 729 25.98 21.41 22.00
CA SER A 729 26.43 22.59 21.28
C SER A 729 27.57 23.33 21.99
N ASP A 730 28.55 23.77 21.21
CA ASP A 730 29.71 24.52 21.71
C ASP A 730 30.63 23.66 22.58
N GLY A 731 30.81 22.40 22.20
CA GLY A 731 31.65 21.51 22.98
C GLY A 731 30.95 21.06 24.25
N ASN A 732 29.75 21.58 24.49
CA ASN A 732 28.98 21.20 25.67
C ASN A 732 28.45 19.79 25.50
N TYR A 733 27.92 19.24 26.58
CA TYR A 733 27.38 17.90 26.55
C TYR A 733 26.49 17.63 27.74
N VAL A 734 25.71 16.55 27.65
CA VAL A 734 24.85 16.13 28.74
C VAL A 734 25.50 14.83 29.18
N THR A 735 25.04 14.25 30.28
CA THR A 735 25.64 13.01 30.76
C THR A 735 24.53 11.98 31.03
N LYS A 736 24.77 10.72 30.66
CA LYS A 736 23.78 9.66 30.89
C LYS A 736 24.45 8.44 31.50
N GLN A 737 23.80 7.84 32.50
CA GLN A 737 24.34 6.67 33.18
C GLN A 737 24.17 5.38 32.37
N GLU A 738 25.25 4.64 32.21
CA GLU A 738 25.27 3.37 31.48
C GLU A 738 25.87 2.30 32.38
N LEU A 739 25.13 1.20 32.58
CA LEU A 739 25.59 0.09 33.41
C LEU A 739 25.93 -1.16 32.59
N LYS A 740 26.92 -1.94 33.04
CA LYS A 740 27.33 -3.14 32.34
C LYS A 740 27.68 -4.26 33.32
N GLY A 741 26.93 -5.34 33.25
CA GLY A 741 27.20 -6.50 34.10
C GLY A 741 27.00 -6.44 35.60
N LEU A 742 26.94 -5.25 36.19
CA LEU A 742 26.75 -5.16 37.63
C LEU A 742 25.51 -5.94 38.05
N ASP A 743 25.49 -6.45 39.27
CA ASP A 743 24.34 -7.22 39.74
C ASP A 743 23.05 -6.46 39.46
N ILE A 744 23.16 -5.13 39.47
CA ILE A 744 22.03 -4.21 39.25
C ILE A 744 21.19 -4.53 38.02
N VAL A 745 21.85 -4.98 36.95
CA VAL A 745 21.16 -5.30 35.70
C VAL A 745 20.69 -6.76 35.54
N ARG A 746 21.00 -7.61 36.52
CA ARG A 746 20.59 -9.01 36.45
C ARG A 746 19.22 -9.28 37.01
N ARG A 747 18.65 -10.41 36.60
CA ARG A 747 17.33 -10.83 37.01
C ARG A 747 17.30 -11.69 38.28
N ASP A 748 18.45 -12.24 38.66
CA ASP A 748 18.52 -13.10 39.83
C ASP A 748 18.75 -12.38 41.16
N TRP A 749 18.48 -11.07 41.17
CA TRP A 749 18.61 -10.23 42.37
C TRP A 749 17.33 -9.43 42.51
N CYS A 750 16.67 -9.53 43.65
CA CYS A 750 15.41 -8.81 43.88
C CYS A 750 15.58 -7.31 43.59
N ASP A 751 14.46 -6.65 43.31
CA ASP A 751 14.50 -5.22 43.01
C ASP A 751 14.99 -4.40 44.21
N LEU A 752 14.65 -4.83 45.41
CA LEU A 752 15.07 -4.11 46.62
C LEU A 752 16.59 -3.93 46.61
N ALA A 753 17.30 -5.02 46.33
CA ALA A 753 18.76 -4.99 46.27
C ALA A 753 19.23 -4.17 45.06
N LYS A 754 18.58 -4.37 43.91
CA LYS A 754 18.94 -3.67 42.69
C LYS A 754 18.70 -2.15 42.76
N ASP A 755 17.59 -1.75 43.37
CA ASP A 755 17.25 -0.32 43.50
C ASP A 755 18.22 0.39 44.43
N THR A 756 18.55 -0.27 45.53
CA THR A 756 19.49 0.26 46.51
C THR A 756 20.84 0.43 45.83
N GLY A 757 21.32 -0.65 45.21
CA GLY A 757 22.61 -0.62 44.53
C GLY A 757 22.72 0.47 43.47
N ASN A 758 21.63 0.73 42.77
CA ASN A 758 21.62 1.75 41.74
C ASN A 758 21.75 3.12 42.41
N PHE A 759 21.14 3.26 43.58
CA PHE A 759 21.21 4.51 44.34
C PHE A 759 22.68 4.79 44.61
N VAL A 760 23.34 3.81 45.24
CA VAL A 760 24.74 3.93 45.55
C VAL A 760 25.56 4.28 44.31
N ILE A 761 25.17 3.72 43.17
CA ILE A 761 25.88 3.98 41.93
C ILE A 761 25.71 5.43 41.47
N GLY A 762 24.49 5.94 41.57
CA GLY A 762 24.24 7.31 41.16
C GLY A 762 25.09 8.26 42.00
N GLN A 763 25.14 7.96 43.30
CA GLN A 763 25.92 8.73 44.26
C GLN A 763 27.38 8.73 43.84
N ILE A 764 27.97 7.55 43.82
CA ILE A 764 29.38 7.37 43.46
C ILE A 764 29.84 8.11 42.21
N LEU A 765 29.04 8.09 41.16
CA LEU A 765 29.42 8.77 39.92
C LEU A 765 29.18 10.27 39.98
N SER A 766 28.42 10.71 40.98
CA SER A 766 28.07 12.10 41.17
C SER A 766 29.23 13.11 41.16
N ASP A 767 28.89 14.38 41.43
CA ASP A 767 29.85 15.50 41.50
C ASP A 767 30.25 15.79 42.95
N GLN A 768 29.35 15.47 43.87
CA GLN A 768 29.56 15.68 45.30
C GLN A 768 30.96 15.21 45.73
N SER A 769 31.39 15.68 46.90
CA SER A 769 32.69 15.30 47.42
C SER A 769 32.58 13.87 47.91
N ARG A 770 33.70 13.17 47.95
CA ARG A 770 33.72 11.79 48.41
C ARG A 770 32.96 11.63 49.73
N ASP A 771 33.13 12.59 50.62
CA ASP A 771 32.46 12.55 51.91
C ASP A 771 30.95 12.76 51.83
N THR A 772 30.52 13.74 51.03
CA THR A 772 29.09 13.98 50.87
C THR A 772 28.44 12.65 50.52
N ILE A 773 29.04 11.98 49.54
CA ILE A 773 28.58 10.69 49.06
C ILE A 773 28.49 9.63 50.16
N VAL A 774 29.63 9.30 50.74
CA VAL A 774 29.71 8.29 51.80
C VAL A 774 28.63 8.50 52.85
N GLU A 775 28.30 9.76 53.11
CA GLU A 775 27.27 10.10 54.10
C GLU A 775 25.88 9.74 53.60
N ASN A 776 25.58 10.16 52.37
CA ASN A 776 24.29 9.90 51.74
C ASN A 776 24.00 8.41 51.64
N ILE A 777 25.04 7.64 51.32
CA ILE A 777 24.89 6.19 51.19
C ILE A 777 24.52 5.57 52.53
N GLN A 778 25.21 6.00 53.58
CA GLN A 778 24.94 5.48 54.92
C GLN A 778 23.52 5.87 55.32
N LYS A 779 23.21 7.15 55.13
CA LYS A 779 21.88 7.67 55.43
C LYS A 779 20.82 6.76 54.81
N ARG A 780 20.96 6.55 53.50
CA ARG A 780 20.02 5.72 52.74
C ARG A 780 19.97 4.27 53.23
N LEU A 781 21.13 3.61 53.29
CA LEU A 781 21.18 2.21 53.72
C LEU A 781 20.45 1.95 55.03
N ILE A 782 20.76 2.76 56.05
CA ILE A 782 20.14 2.61 57.36
C ILE A 782 18.63 2.74 57.27
N GLU A 783 18.16 3.59 56.36
CA GLU A 783 16.72 3.79 56.15
C GLU A 783 16.12 2.49 55.62
N ILE A 784 16.74 1.98 54.56
CA ILE A 784 16.33 0.75 53.90
C ILE A 784 16.17 -0.34 54.96
N GLY A 785 17.20 -0.53 55.77
CA GLY A 785 17.16 -1.53 56.82
C GLY A 785 15.94 -1.41 57.71
N GLU A 786 15.55 -0.18 58.03
CA GLU A 786 14.38 0.05 58.87
C GLU A 786 13.13 -0.33 58.10
N ASN A 787 12.95 0.29 56.94
CA ASN A 787 11.80 0.03 56.08
C ASN A 787 11.54 -1.46 55.89
N VAL A 788 12.62 -2.24 55.81
CA VAL A 788 12.54 -3.68 55.62
C VAL A 788 11.98 -4.36 56.88
N LEU A 789 12.49 -3.93 58.03
CA LEU A 789 12.08 -4.47 59.32
C LEU A 789 10.65 -4.09 59.70
N ASN A 790 10.27 -2.85 59.45
CA ASN A 790 8.93 -2.38 59.78
C ASN A 790 7.84 -2.90 58.83
N GLY A 791 8.25 -3.37 57.65
CA GLY A 791 7.29 -3.89 56.68
C GLY A 791 6.70 -2.83 55.77
N SER A 792 7.51 -1.86 55.35
CA SER A 792 7.06 -0.79 54.45
C SER A 792 7.48 -1.04 53.00
N VAL A 793 8.24 -2.12 52.79
CA VAL A 793 8.71 -2.49 51.45
C VAL A 793 7.72 -3.42 50.75
N PRO A 794 7.23 -3.03 49.56
CA PRO A 794 6.27 -3.83 48.80
C PRO A 794 6.74 -5.27 48.56
N VAL A 795 5.83 -6.22 48.75
CA VAL A 795 6.10 -7.66 48.59
C VAL A 795 6.67 -7.98 47.20
N SER A 796 6.54 -7.04 46.27
CA SER A 796 7.03 -7.25 44.92
C SER A 796 8.54 -7.12 44.82
N GLN A 797 9.11 -6.18 45.57
CA GLN A 797 10.54 -5.95 45.54
C GLN A 797 11.37 -7.07 46.14
N PHE A 798 10.72 -7.99 46.84
CA PHE A 798 11.42 -9.11 47.47
C PHE A 798 11.50 -10.30 46.50
N GLU A 799 10.82 -10.19 45.38
CA GLU A 799 10.81 -11.25 44.38
C GLU A 799 12.14 -11.41 43.65
N ILE A 800 12.57 -12.67 43.50
CA ILE A 800 13.80 -13.03 42.80
C ILE A 800 13.43 -13.91 41.61
N ASN A 801 14.03 -13.64 40.45
CA ASN A 801 13.73 -14.42 39.25
C ASN A 801 14.90 -15.20 38.65
N LYS A 802 14.63 -16.45 38.29
CA LYS A 802 15.63 -17.33 37.68
C LYS A 802 14.97 -18.19 36.61
N ALA A 803 15.67 -18.40 35.50
CA ALA A 803 15.15 -19.21 34.41
C ALA A 803 15.64 -20.65 34.52
N LEU A 804 14.75 -21.62 34.31
CA LEU A 804 15.10 -23.03 34.35
C LEU A 804 15.76 -23.43 33.03
N THR A 805 16.90 -24.10 33.12
CA THR A 805 17.61 -24.54 31.93
C THR A 805 17.00 -25.83 31.45
N LYS A 806 16.41 -26.57 32.39
CA LYS A 806 15.78 -27.85 32.08
C LYS A 806 14.35 -27.86 32.65
N ASP A 807 13.58 -28.87 32.28
CA ASP A 807 12.22 -28.97 32.79
C ASP A 807 12.35 -29.34 34.26
N PRO A 808 11.60 -28.66 35.13
CA PRO A 808 11.63 -28.90 36.57
C PRO A 808 11.71 -30.35 37.04
N GLN A 809 11.33 -31.29 36.17
CA GLN A 809 11.38 -32.71 36.53
C GLN A 809 12.76 -33.34 36.29
N ASP A 810 13.56 -32.70 35.44
CA ASP A 810 14.89 -33.22 35.10
C ASP A 810 16.00 -32.77 36.06
N TYR A 811 15.62 -32.25 37.23
CA TYR A 811 16.62 -31.82 38.20
C TYR A 811 16.69 -32.84 39.32
N PRO A 812 17.86 -33.44 39.53
CA PRO A 812 18.10 -34.45 40.58
C PRO A 812 18.18 -33.86 42.00
N ASP A 813 19.07 -32.89 42.19
CA ASP A 813 19.27 -32.25 43.50
C ASP A 813 18.15 -31.24 43.79
N LYS A 814 17.01 -31.43 43.13
CA LYS A 814 15.83 -30.59 43.26
C LYS A 814 15.79 -29.64 44.48
N LYS A 815 15.24 -30.13 45.59
CA LYS A 815 15.07 -29.40 46.84
C LYS A 815 16.02 -28.23 47.17
N SER A 816 17.32 -28.39 46.89
CA SER A 816 18.30 -27.35 47.19
C SER A 816 18.33 -26.16 46.22
N LEU A 817 17.45 -26.19 45.22
CA LEU A 817 17.37 -25.13 44.23
C LEU A 817 16.03 -24.42 44.31
N PRO A 818 16.04 -23.16 44.78
CA PRO A 818 14.85 -22.33 44.93
C PRO A 818 13.87 -22.35 43.75
N HIS A 819 14.25 -21.71 42.64
CA HIS A 819 13.37 -21.64 41.48
C HIS A 819 12.80 -23.01 41.06
N VAL A 820 13.65 -24.03 40.98
CA VAL A 820 13.20 -25.34 40.57
C VAL A 820 12.18 -25.92 41.56
N HIS A 821 12.39 -25.64 42.83
CA HIS A 821 11.48 -26.12 43.86
C HIS A 821 10.14 -25.43 43.67
N VAL A 822 10.18 -24.12 43.51
CA VAL A 822 8.97 -23.33 43.31
C VAL A 822 8.22 -23.72 42.03
N ALA A 823 8.98 -24.04 40.98
CA ALA A 823 8.36 -24.43 39.70
C ALA A 823 7.54 -25.71 39.85
N LEU A 824 8.10 -26.71 40.55
CA LEU A 824 7.41 -27.98 40.75
C LEU A 824 6.07 -27.75 41.44
N TRP A 825 6.05 -26.86 42.43
CA TRP A 825 4.82 -26.54 43.13
C TRP A 825 3.81 -26.08 42.10
N ILE A 826 4.12 -24.96 41.43
CA ILE A 826 3.25 -24.37 40.43
C ILE A 826 2.67 -25.39 39.44
N ASN A 827 3.56 -26.18 38.84
CA ASN A 827 3.15 -27.20 37.85
C ASN A 827 2.15 -28.21 38.41
N SER A 828 2.53 -28.88 39.48
CA SER A 828 1.70 -29.90 40.11
C SER A 828 0.45 -29.36 40.79
N GLN A 829 0.38 -28.05 41.03
CA GLN A 829 -0.78 -27.49 41.72
C GLN A 829 -1.90 -26.93 40.85
N GLY A 830 -1.56 -26.23 39.77
CA GLY A 830 -2.60 -25.65 38.94
C GLY A 830 -2.60 -25.92 37.44
N GLY A 831 -3.06 -24.92 36.69
CA GLY A 831 -3.15 -25.01 35.25
C GLY A 831 -1.84 -24.98 34.47
N ARG A 832 -1.57 -23.86 33.80
CA ARG A 832 -0.34 -23.72 33.01
C ARG A 832 0.85 -24.34 33.73
N LYS A 833 1.78 -24.88 32.96
CA LYS A 833 2.95 -25.52 33.57
C LYS A 833 4.29 -24.98 33.09
N VAL A 834 5.12 -24.59 34.05
CA VAL A 834 6.45 -24.06 33.77
C VAL A 834 7.30 -25.13 33.09
N LYS A 835 8.12 -24.72 32.13
CA LYS A 835 8.98 -25.65 31.41
C LYS A 835 10.30 -24.96 31.03
N ALA A 836 11.26 -25.75 30.55
CA ALA A 836 12.55 -25.22 30.16
C ALA A 836 12.39 -23.90 29.42
N GLY A 837 13.15 -22.88 29.85
CA GLY A 837 13.09 -21.57 29.22
C GLY A 837 12.27 -20.58 30.00
N ASP A 838 11.32 -21.09 30.79
CA ASP A 838 10.47 -20.25 31.61
C ASP A 838 11.22 -19.68 32.80
N THR A 839 10.91 -18.45 33.16
CA THR A 839 11.56 -17.83 34.29
C THR A 839 10.61 -17.93 35.49
N VAL A 840 11.15 -18.37 36.63
CA VAL A 840 10.36 -18.53 37.85
C VAL A 840 10.63 -17.40 38.83
N SER A 841 9.55 -16.90 39.40
CA SER A 841 9.61 -15.82 40.37
C SER A 841 9.42 -16.43 41.76
N TYR A 842 10.19 -15.99 42.74
CA TYR A 842 10.05 -16.52 44.09
C TYR A 842 10.59 -15.58 45.16
N VAL A 843 10.32 -15.95 46.41
CA VAL A 843 10.77 -15.18 47.57
C VAL A 843 11.11 -16.14 48.71
N ILE A 844 12.11 -15.78 49.51
CA ILE A 844 12.52 -16.61 50.65
C ILE A 844 11.65 -16.23 51.84
N CYS A 845 11.08 -17.23 52.50
CA CYS A 845 10.20 -16.98 53.63
C CYS A 845 10.60 -17.71 54.91
N GLN A 846 10.03 -17.24 56.03
CA GLN A 846 10.25 -17.84 57.33
C GLN A 846 9.19 -18.94 57.44
N ASP A 847 9.62 -20.17 57.26
CA ASP A 847 8.71 -21.31 57.34
C ASP A 847 8.44 -21.69 58.76
N GLY A 848 9.49 -21.62 59.57
CA GLY A 848 9.37 -22.02 60.96
C GLY A 848 9.69 -23.50 60.90
N SER A 849 10.59 -23.84 59.98
CA SER A 849 11.04 -25.22 59.78
C SER A 849 12.57 -25.30 59.83
N ASN A 850 13.18 -24.20 60.27
CA ASN A 850 14.63 -24.06 60.42
C ASN A 850 15.53 -24.53 59.27
N LEU A 851 14.99 -24.64 58.07
CA LEU A 851 15.77 -25.06 56.90
C LEU A 851 16.56 -23.89 56.31
N THR A 852 17.62 -24.18 55.56
CA THR A 852 18.43 -23.12 54.96
C THR A 852 17.54 -22.22 54.10
N ALA A 853 18.02 -21.02 53.82
CA ALA A 853 17.26 -20.09 53.01
C ALA A 853 16.89 -20.70 51.66
N SER A 854 17.82 -21.47 51.11
CA SER A 854 17.62 -22.10 49.80
C SER A 854 16.62 -23.24 49.79
N GLN A 855 15.97 -23.50 50.92
CA GLN A 855 14.99 -24.58 51.00
C GLN A 855 13.65 -24.03 51.47
N ARG A 856 13.61 -22.70 51.65
CA ARG A 856 12.41 -21.99 52.07
C ARG A 856 12.02 -20.99 50.98
N ALA A 857 11.80 -21.50 49.77
CA ALA A 857 11.42 -20.66 48.63
C ALA A 857 9.94 -20.83 48.30
N TYR A 858 9.25 -19.71 48.08
CA TYR A 858 7.82 -19.73 47.74
C TYR A 858 7.43 -18.72 46.66
N ALA A 859 6.25 -18.94 46.10
CA ALA A 859 5.71 -18.06 45.06
C ALA A 859 5.07 -16.86 45.76
N PRO A 860 5.22 -15.64 45.21
CA PRO A 860 4.63 -14.44 45.80
C PRO A 860 3.18 -14.63 46.24
N GLU A 861 2.42 -15.40 45.46
CA GLU A 861 1.02 -15.71 45.73
C GLU A 861 0.89 -16.62 46.95
N GLN A 862 1.77 -17.62 47.00
CA GLN A 862 1.82 -18.61 48.07
C GLN A 862 2.13 -17.93 49.41
N LEU A 863 2.76 -16.76 49.32
CA LEU A 863 3.15 -15.96 50.48
C LEU A 863 1.99 -15.10 51.02
N GLN A 864 1.53 -14.19 50.18
CA GLN A 864 0.44 -13.28 50.55
C GLN A 864 -0.84 -14.02 50.95
N LYS A 865 -1.12 -15.15 50.31
CA LYS A 865 -2.32 -15.94 50.59
C LYS A 865 -2.21 -16.82 51.84
N GLN A 866 -1.03 -17.41 52.06
CA GLN A 866 -0.80 -18.27 53.22
C GLN A 866 -0.37 -17.40 54.41
N ASP A 867 -0.68 -17.86 55.62
CA ASP A 867 -0.36 -17.08 56.82
C ASP A 867 0.96 -17.44 57.51
N ASN A 868 1.20 -18.73 57.74
CA ASN A 868 2.43 -19.18 58.41
C ASN A 868 3.69 -18.76 57.65
N LEU A 869 3.50 -18.13 56.49
CA LEU A 869 4.62 -17.66 55.68
C LEU A 869 4.81 -16.16 55.89
N THR A 870 6.06 -15.75 56.02
CA THR A 870 6.41 -14.35 56.22
C THR A 870 7.82 -14.10 55.69
N ILE A 871 8.02 -12.93 55.07
CA ILE A 871 9.32 -12.57 54.51
C ILE A 871 10.47 -12.73 55.50
N ASP A 872 11.50 -13.46 55.08
CA ASP A 872 12.67 -13.69 55.91
C ASP A 872 13.59 -12.48 55.80
N THR A 873 13.20 -11.41 56.47
CA THR A 873 13.92 -10.13 56.50
C THR A 873 15.43 -10.27 56.70
N GLN A 874 15.82 -11.27 57.48
CA GLN A 874 17.23 -11.51 57.75
C GLN A 874 17.93 -11.83 56.43
N TYR A 875 17.41 -12.82 55.72
CA TYR A 875 17.97 -13.24 54.44
C TYR A 875 18.21 -12.06 53.49
N TYR A 876 17.16 -11.30 53.20
CA TYR A 876 17.24 -10.17 52.29
C TYR A 876 18.28 -9.11 52.63
N LEU A 877 18.47 -8.84 53.92
CA LEU A 877 19.44 -7.82 54.32
C LEU A 877 20.87 -8.31 54.19
N ALA A 878 21.09 -9.56 54.59
CA ALA A 878 22.43 -10.15 54.55
C ALA A 878 22.80 -10.88 53.26
N GLN A 879 21.82 -11.57 52.67
CA GLN A 879 22.06 -12.35 51.46
C GLN A 879 21.72 -11.65 50.13
N GLN A 880 21.09 -10.48 50.21
CA GLN A 880 20.70 -9.75 49.01
C GLN A 880 21.29 -8.35 48.90
N ILE A 881 20.80 -7.45 49.76
CA ILE A 881 21.24 -6.05 49.76
C ILE A 881 22.72 -5.89 50.05
N HIS A 882 23.15 -6.50 51.16
CA HIS A 882 24.54 -6.43 51.59
C HIS A 882 25.55 -6.83 50.50
N PRO A 883 25.39 -8.04 49.93
CA PRO A 883 26.29 -8.55 48.87
C PRO A 883 26.48 -7.56 47.73
N VAL A 884 25.36 -7.07 47.20
CA VAL A 884 25.35 -6.12 46.09
C VAL A 884 26.07 -4.83 46.41
N VAL A 885 25.63 -4.16 47.47
CA VAL A 885 26.23 -2.91 47.89
C VAL A 885 27.70 -3.12 48.20
N ALA A 886 28.00 -4.25 48.84
CA ALA A 886 29.36 -4.59 49.20
C ALA A 886 30.30 -4.60 48.01
N ARG A 887 29.93 -5.36 46.98
CA ARG A 887 30.76 -5.46 45.78
C ARG A 887 30.88 -4.16 44.98
N ILE A 888 29.89 -3.28 45.10
CA ILE A 888 29.91 -2.03 44.37
C ILE A 888 30.80 -0.99 45.01
N CYS A 889 30.78 -0.99 46.34
CA CYS A 889 31.55 -0.03 47.13
C CYS A 889 32.98 -0.52 47.44
N GLU A 890 33.30 -1.74 47.01
CA GLU A 890 34.60 -2.31 47.26
C GLU A 890 35.77 -1.34 46.99
N PRO A 891 35.80 -0.70 45.81
CA PRO A 891 36.92 0.21 45.55
C PRO A 891 36.71 1.59 46.17
N ILE A 892 35.66 1.74 46.98
CA ILE A 892 35.37 3.02 47.61
C ILE A 892 35.99 3.20 49.00
N ASP A 893 36.73 4.29 49.16
CA ASP A 893 37.36 4.64 50.44
C ASP A 893 36.27 5.19 51.34
N GLY A 894 36.14 4.61 52.53
CA GLY A 894 35.12 5.06 53.46
C GLY A 894 34.06 4.00 53.66
N ILE A 895 33.86 3.17 52.64
CA ILE A 895 32.86 2.11 52.71
C ILE A 895 33.56 0.76 52.82
N ASP A 896 32.98 -0.13 53.63
CA ASP A 896 33.55 -1.44 53.83
C ASP A 896 32.44 -2.45 54.16
N ALA A 897 32.74 -3.74 53.99
CA ALA A 897 31.80 -4.83 54.24
C ALA A 897 31.14 -4.80 55.62
N VAL A 898 31.96 -4.83 56.66
CA VAL A 898 31.48 -4.82 58.05
C VAL A 898 30.71 -3.52 58.35
N LEU A 899 31.14 -2.44 57.70
CA LEU A 899 30.55 -1.12 57.85
C LEU A 899 29.12 -1.08 57.31
N ILE A 900 28.90 -1.80 56.21
CA ILE A 900 27.59 -1.86 55.57
C ILE A 900 26.60 -2.73 56.37
N ALA A 901 27.10 -3.86 56.88
CA ALA A 901 26.30 -4.81 57.66
C ALA A 901 25.67 -4.18 58.91
N THR A 902 26.41 -3.26 59.53
CA THR A 902 25.92 -2.58 60.72
C THR A 902 24.78 -1.61 60.36
N TRP A 903 24.95 -0.87 59.28
CA TRP A 903 23.95 0.10 58.84
C TRP A 903 22.58 -0.55 58.58
N LEU A 904 22.62 -1.81 58.15
CA LEU A 904 21.40 -2.56 57.87
C LEU A 904 20.86 -3.18 59.15
N GLY A 905 21.70 -3.20 60.19
CA GLY A 905 21.29 -3.78 61.46
C GLY A 905 21.67 -5.24 61.56
N LEU A 906 22.88 -5.57 61.12
CA LEU A 906 23.36 -6.95 61.18
C LEU A 906 24.61 -7.04 62.06
N ASP A 907 24.88 -8.24 62.57
CA ASP A 907 26.05 -8.48 63.39
C ASP A 907 27.24 -8.72 62.46
N PRO A 908 28.15 -7.72 62.33
CA PRO A 908 29.35 -7.73 61.48
C PRO A 908 30.06 -9.07 61.24
N THR A 909 30.08 -9.93 62.26
CA THR A 909 30.72 -11.23 62.13
C THR A 909 29.79 -12.26 61.46
N GLU D 3 16.23 -14.64 -22.60
CA GLU D 3 17.02 -13.41 -22.92
C GLU D 3 17.27 -12.59 -21.66
N GLN D 4 16.41 -11.61 -21.43
CA GLN D 4 16.51 -10.70 -20.28
C GLN D 4 15.27 -9.81 -20.32
N VAL D 5 14.68 -9.53 -19.15
CA VAL D 5 13.47 -8.72 -19.13
C VAL D 5 13.18 -7.96 -17.84
N PHE D 6 12.51 -6.82 -17.97
CA PHE D 6 12.11 -6.05 -16.79
C PHE D 6 10.63 -5.66 -16.84
N HIS D 7 10.05 -5.37 -15.67
CA HIS D 7 8.65 -4.98 -15.61
C HIS D 7 8.52 -3.53 -15.17
N PHE D 8 7.50 -2.85 -15.66
CA PHE D 8 7.30 -1.47 -15.27
C PHE D 8 5.86 -1.09 -15.52
N TYR D 9 5.31 -0.25 -14.63
CA TYR D 9 3.91 0.22 -14.67
C TYR D 9 3.80 1.57 -15.38
N TRP D 10 3.26 1.59 -16.60
CA TRP D 10 3.18 2.85 -17.33
C TRP D 10 2.00 3.74 -16.96
N LEU D 11 2.21 5.06 -17.04
CA LEU D 11 1.17 6.03 -16.72
C LEU D 11 0.92 6.99 -17.87
N ASP D 12 1.96 7.56 -18.47
CA ASP D 12 1.74 8.49 -19.59
C ASP D 12 2.55 8.08 -20.84
N ALA D 13 2.18 8.66 -21.98
CA ALA D 13 2.85 8.39 -23.24
C ALA D 13 2.97 9.66 -24.04
N TYR D 14 4.04 9.76 -24.84
CA TYR D 14 4.24 10.95 -25.66
C TYR D 14 4.91 10.58 -26.96
N GLU D 15 4.57 11.31 -28.02
CA GLU D 15 5.19 11.07 -29.32
C GLU D 15 5.45 12.36 -30.07
N ASP D 16 6.62 12.45 -30.69
CA ASP D 16 6.98 13.62 -31.47
C ASP D 16 6.97 13.19 -32.93
N GLN D 17 5.81 13.30 -33.56
CA GLN D 17 5.64 12.91 -34.95
C GLN D 17 6.65 13.61 -35.86
N TYR D 18 6.81 14.91 -35.66
CA TYR D 18 7.72 15.71 -36.47
C TYR D 18 9.21 15.40 -36.29
N ASN D 19 9.69 15.40 -35.06
CA ASN D 19 11.11 15.16 -34.79
C ASN D 19 11.53 13.71 -34.59
N GLN D 20 10.61 12.85 -34.18
CA GLN D 20 10.97 11.45 -33.97
C GLN D 20 9.87 10.48 -34.34
N PRO D 21 9.55 10.41 -35.64
CA PRO D 21 8.51 9.52 -36.13
C PRO D 21 8.83 8.07 -35.80
N GLY D 22 7.80 7.28 -35.57
CA GLY D 22 8.00 5.87 -35.27
C GLY D 22 8.42 5.58 -33.85
N VAL D 23 8.58 6.64 -33.05
CA VAL D 23 8.99 6.44 -31.66
C VAL D 23 7.94 6.92 -30.67
N VAL D 24 7.70 6.11 -29.66
CA VAL D 24 6.72 6.43 -28.63
C VAL D 24 7.41 6.38 -27.27
N PHE D 25 7.29 7.45 -26.49
CA PHE D 25 7.90 7.41 -25.17
C PHE D 25 6.87 7.03 -24.11
N LEU D 26 7.24 6.07 -23.26
CA LEU D 26 6.36 5.64 -22.17
C LEU D 26 6.97 6.09 -20.85
N PHE D 27 6.15 6.68 -19.97
CA PHE D 27 6.65 7.07 -18.67
C PHE D 27 5.84 6.36 -17.62
N GLY D 28 6.49 5.76 -16.65
CA GLY D 28 5.73 5.07 -15.61
C GLY D 28 6.55 4.87 -14.35
N LYS D 29 6.33 3.73 -13.69
CA LYS D 29 7.03 3.41 -12.45
C LYS D 29 7.68 2.02 -12.46
N VAL D 30 8.88 1.94 -11.88
CA VAL D 30 9.62 0.70 -11.72
C VAL D 30 9.90 0.60 -10.24
N TRP D 31 10.10 -0.64 -9.82
CA TRP D 31 10.40 -0.96 -8.44
C TRP D 31 11.87 -1.27 -8.32
N ILE D 32 12.54 -0.56 -7.43
CA ILE D 32 13.97 -0.76 -7.19
C ILE D 32 14.09 -1.51 -5.86
N GLU D 33 14.33 -2.83 -5.91
CA GLU D 33 14.42 -3.60 -4.66
C GLU D 33 15.39 -3.00 -3.66
N SER D 34 16.59 -2.68 -4.14
CA SER D 34 17.64 -2.11 -3.31
C SER D 34 17.19 -0.86 -2.56
N ALA D 35 16.22 -0.13 -3.10
CA ALA D 35 15.75 1.08 -2.45
C ALA D 35 14.39 0.92 -1.78
N GLU D 36 13.76 -0.24 -1.96
CA GLU D 36 12.45 -0.55 -1.38
C GLU D 36 11.39 0.49 -1.70
N THR D 37 11.35 0.95 -2.95
CA THR D 37 10.38 1.96 -3.36
C THR D 37 10.37 1.99 -4.89
N HIS D 38 9.35 2.62 -5.48
CA HIS D 38 9.25 2.70 -6.94
C HIS D 38 9.81 4.05 -7.33
N VAL D 39 10.42 4.14 -8.50
CA VAL D 39 10.99 5.40 -8.99
C VAL D 39 10.50 5.57 -10.41
N SER D 40 10.61 6.77 -10.96
CA SER D 40 10.15 7.01 -12.32
C SER D 40 10.96 6.21 -13.34
N CYS D 41 10.34 5.86 -14.45
CA CYS D 41 11.02 5.09 -15.48
C CYS D 41 10.58 5.58 -16.83
N CYS D 42 11.52 5.70 -17.77
CA CYS D 42 11.17 6.12 -19.12
C CYS D 42 11.57 5.03 -20.09
N VAL D 43 10.62 4.58 -20.90
CA VAL D 43 10.91 3.54 -21.86
C VAL D 43 10.68 4.07 -23.26
N MET D 44 11.72 4.04 -24.07
CA MET D 44 11.64 4.50 -25.45
C MET D 44 11.34 3.29 -26.35
N VAL D 45 10.24 3.36 -27.10
CA VAL D 45 9.88 2.26 -28.00
C VAL D 45 10.03 2.72 -29.42
N LYS D 46 10.95 2.05 -30.13
CA LYS D 46 11.25 2.40 -31.51
C LYS D 46 10.65 1.45 -32.53
N ASN D 47 10.68 1.89 -33.80
CA ASN D 47 10.21 1.09 -34.93
C ASN D 47 8.73 0.76 -34.98
N ILE D 48 7.90 1.76 -34.73
CA ILE D 48 6.48 1.53 -34.80
C ILE D 48 6.22 1.96 -36.21
N GLU D 49 6.13 0.97 -37.09
CA GLU D 49 5.91 1.18 -38.52
C GLU D 49 4.53 1.65 -38.91
N ARG D 50 4.49 2.42 -40.00
CA ARG D 50 3.24 2.92 -40.52
C ARG D 50 2.54 1.67 -41.00
N THR D 51 1.21 1.71 -41.05
CA THR D 51 0.49 0.56 -41.53
C THR D 51 -0.64 1.04 -42.40
N LEU D 52 -0.65 0.57 -43.64
CA LEU D 52 -1.68 1.02 -44.58
C LEU D 52 -2.49 -0.13 -45.11
N TYR D 53 -3.72 0.19 -45.50
CA TYR D 53 -4.58 -0.82 -46.08
C TYR D 53 -5.11 -0.27 -47.39
N PHE D 54 -4.64 -0.88 -48.49
CA PHE D 54 -5.06 -0.49 -49.83
C PHE D 54 -6.25 -1.31 -50.25
N LEU D 55 -7.32 -0.59 -50.59
CA LEU D 55 -8.57 -1.20 -51.01
C LEU D 55 -8.65 -1.38 -52.52
N PRO D 56 -8.39 -2.62 -52.99
CA PRO D 56 -8.42 -2.97 -54.40
C PRO D 56 -9.80 -2.71 -54.97
N ARG D 57 -9.86 -2.39 -56.26
CA ARG D 57 -11.13 -2.13 -56.96
C ARG D 57 -11.65 -3.44 -57.54
N GLU D 58 -12.93 -3.46 -57.93
CA GLU D 58 -13.47 -4.69 -58.52
C GLU D 58 -12.82 -4.85 -59.86
N MET D 59 -12.94 -3.81 -60.67
CA MET D 59 -12.39 -3.83 -61.99
C MET D 59 -11.53 -2.63 -62.27
N LYS D 60 -10.60 -2.82 -63.21
CA LYS D 60 -9.69 -1.77 -63.60
C LYS D 60 -10.48 -0.57 -64.12
N ILE D 61 -9.92 0.62 -63.93
CA ILE D 61 -10.56 1.84 -64.39
C ILE D 61 -9.78 2.40 -65.56
N ASP D 62 -10.42 2.41 -66.73
CA ASP D 62 -9.83 2.93 -67.96
C ASP D 62 -9.84 4.46 -67.81
N LEU D 63 -8.67 5.09 -67.83
CA LEU D 63 -8.56 6.54 -67.66
C LEU D 63 -9.33 7.35 -68.68
N ASN D 64 -9.60 8.60 -68.31
CA ASN D 64 -10.36 9.52 -69.16
C ASN D 64 -11.85 9.16 -69.06
N THR D 65 -12.28 8.10 -69.73
CA THR D 65 -13.67 7.72 -69.63
C THR D 65 -13.89 7.72 -68.12
N GLY D 66 -12.98 7.05 -67.41
CA GLY D 66 -13.07 6.98 -65.97
C GLY D 66 -14.13 5.97 -65.60
N LYS D 67 -14.27 4.97 -66.47
CA LYS D 67 -15.24 3.91 -66.26
C LYS D 67 -14.59 2.54 -66.17
N GLU D 68 -15.25 1.64 -65.46
CA GLU D 68 -14.75 0.29 -65.29
C GLU D 68 -14.74 -0.45 -66.62
N THR D 69 -13.72 -1.27 -66.83
CA THR D 69 -13.59 -2.00 -68.08
C THR D 69 -14.14 -3.41 -68.02
N GLY D 70 -13.54 -4.25 -67.19
CA GLY D 70 -14.02 -5.62 -67.11
C GLY D 70 -12.92 -6.47 -66.52
N THR D 71 -11.68 -6.00 -66.68
CA THR D 71 -10.57 -6.74 -66.15
C THR D 71 -10.64 -6.58 -64.63
N PRO D 72 -10.87 -7.70 -63.92
CA PRO D 72 -10.94 -7.59 -62.47
C PRO D 72 -9.54 -7.25 -62.00
N ILE D 73 -9.40 -6.93 -60.73
CA ILE D 73 -8.10 -6.63 -60.20
C ILE D 73 -7.70 -7.77 -59.28
N SER D 74 -6.39 -7.98 -59.17
CA SER D 74 -5.85 -9.04 -58.36
C SER D 74 -5.01 -8.35 -57.29
N MET D 75 -4.79 -9.02 -56.17
CA MET D 75 -4.00 -8.35 -55.18
C MET D 75 -2.71 -7.98 -55.89
N LYS D 76 -2.22 -8.89 -56.75
CA LYS D 76 -0.98 -8.64 -57.48
C LYS D 76 -1.04 -7.34 -58.27
N ASP D 77 -2.20 -7.01 -58.82
CA ASP D 77 -2.27 -5.77 -59.56
C ASP D 77 -1.84 -4.67 -58.60
N VAL D 78 -2.53 -4.57 -57.47
CA VAL D 78 -2.23 -3.55 -56.46
C VAL D 78 -0.78 -3.57 -55.95
N TYR D 79 -0.24 -4.74 -55.65
CA TYR D 79 1.15 -4.79 -55.19
C TYR D 79 2.02 -4.08 -56.22
N GLU D 80 1.86 -4.52 -57.47
CA GLU D 80 2.62 -3.95 -58.60
C GLU D 80 2.47 -2.45 -58.72
N GLU D 81 1.24 -1.94 -58.72
CA GLU D 81 1.09 -0.49 -58.83
C GLU D 81 1.74 0.21 -57.66
N PHE D 82 1.61 -0.36 -56.46
CA PHE D 82 2.22 0.31 -55.33
C PHE D 82 3.73 0.27 -55.47
N ASP D 83 4.27 -0.91 -55.78
CA ASP D 83 5.71 -1.10 -55.90
C ASP D 83 6.35 -0.23 -56.98
N GLU D 84 5.73 -0.22 -58.16
CA GLU D 84 6.24 0.54 -59.28
C GLU D 84 5.89 2.02 -59.31
N LYS D 85 4.61 2.35 -59.23
CA LYS D 85 4.18 3.74 -59.32
C LYS D 85 4.05 4.55 -58.01
N ILE D 86 3.61 3.93 -56.92
CA ILE D 86 3.42 4.65 -55.66
C ILE D 86 4.65 4.74 -54.74
N ALA D 87 5.33 3.63 -54.50
CA ALA D 87 6.52 3.64 -53.66
C ALA D 87 7.55 4.57 -54.27
N THR D 88 7.71 4.46 -55.58
CA THR D 88 8.68 5.27 -56.31
C THR D 88 8.39 6.76 -56.22
N LYS D 89 7.22 7.20 -56.67
CA LYS D 89 6.92 8.63 -56.60
C LYS D 89 6.97 9.23 -55.21
N TYR D 90 6.73 8.43 -54.17
CA TYR D 90 6.72 8.97 -52.82
C TYR D 90 7.90 8.66 -51.93
N LYS D 91 8.88 7.92 -52.47
CA LYS D 91 10.10 7.60 -51.74
C LYS D 91 10.07 6.55 -50.66
N ILE D 92 9.59 5.37 -50.95
CA ILE D 92 9.58 4.31 -49.96
C ILE D 92 10.57 3.27 -50.44
N MET D 93 11.71 3.21 -49.76
CA MET D 93 12.77 2.29 -50.15
C MET D 93 12.47 0.87 -49.76
N LYS D 94 12.14 0.65 -48.49
CA LYS D 94 11.81 -0.70 -48.06
C LYS D 94 10.40 -0.75 -47.51
N PHE D 95 9.84 -1.95 -47.49
CA PHE D 95 8.52 -2.16 -46.97
C PHE D 95 8.19 -3.62 -47.05
N LYS D 96 7.13 -3.98 -46.34
CA LYS D 96 6.62 -5.32 -46.31
C LYS D 96 5.21 -5.13 -46.79
N SER D 97 4.65 -6.18 -47.38
CA SER D 97 3.29 -6.14 -47.87
C SER D 97 2.76 -7.55 -47.73
N LYS D 98 1.44 -7.67 -47.67
CA LYS D 98 0.83 -8.95 -47.50
C LYS D 98 -0.66 -8.78 -47.68
N PRO D 99 -1.32 -9.72 -48.38
CA PRO D 99 -2.76 -9.54 -48.53
C PRO D 99 -3.40 -9.96 -47.20
N VAL D 100 -4.48 -9.29 -46.83
CA VAL D 100 -5.17 -9.59 -45.58
C VAL D 100 -6.65 -9.37 -45.76
N GLU D 101 -7.46 -10.08 -44.99
CA GLU D 101 -8.90 -9.94 -45.08
C GLU D 101 -9.30 -9.05 -43.92
N LYS D 102 -10.23 -8.14 -44.15
CA LYS D 102 -10.66 -7.22 -43.09
C LYS D 102 -12.06 -6.70 -43.29
N ASN D 103 -12.81 -6.65 -42.20
CA ASN D 103 -14.18 -6.17 -42.23
C ASN D 103 -14.19 -4.66 -42.11
N TYR D 104 -15.27 -4.01 -42.54
CA TYR D 104 -15.40 -2.56 -42.47
C TYR D 104 -16.87 -2.30 -42.27
N ALA D 105 -17.21 -1.23 -41.56
CA ALA D 105 -18.61 -0.93 -41.29
C ALA D 105 -18.80 0.54 -41.02
N PHE D 106 -18.02 1.37 -41.69
CA PHE D 106 -18.16 2.78 -41.42
C PHE D 106 -18.76 3.66 -42.50
N GLU D 107 -18.54 4.97 -42.41
CA GLU D 107 -19.17 5.92 -43.34
C GLU D 107 -18.77 6.11 -44.81
N ILE D 108 -17.71 5.47 -45.29
CA ILE D 108 -17.38 5.64 -46.70
C ILE D 108 -18.13 4.61 -47.54
N PRO D 109 -18.82 5.08 -48.58
CA PRO D 109 -19.60 4.20 -49.48
C PRO D 109 -18.73 3.43 -50.49
N ASP D 110 -19.24 2.29 -50.95
CA ASP D 110 -18.49 1.48 -51.90
C ASP D 110 -17.32 0.79 -51.23
N VAL D 111 -17.44 0.59 -49.91
CA VAL D 111 -16.40 -0.10 -49.15
C VAL D 111 -17.08 -1.33 -48.55
N PRO D 112 -16.81 -2.50 -49.10
CA PRO D 112 -17.40 -3.78 -48.64
C PRO D 112 -17.29 -4.11 -47.15
N GLU D 113 -18.26 -4.84 -46.63
CA GLU D 113 -18.27 -5.26 -45.23
C GLU D 113 -17.03 -6.08 -44.95
N LYS D 114 -16.76 -7.03 -45.86
CA LYS D 114 -15.60 -7.88 -45.74
C LYS D 114 -14.91 -7.70 -47.09
N SER D 115 -13.60 -7.87 -47.13
CA SER D 115 -12.87 -7.68 -48.38
C SER D 115 -11.38 -7.90 -48.18
N GLU D 116 -10.67 -8.16 -49.27
CA GLU D 116 -9.24 -8.40 -49.21
C GLU D 116 -8.46 -7.10 -49.36
N TYR D 117 -7.37 -6.93 -48.61
CA TYR D 117 -6.56 -5.71 -48.69
C TYR D 117 -5.06 -5.99 -48.74
N LEU D 118 -4.32 -5.03 -49.26
CA LEU D 118 -2.87 -5.12 -49.34
C LEU D 118 -2.34 -4.34 -48.15
N GLU D 119 -1.81 -5.06 -47.16
CA GLU D 119 -1.31 -4.38 -46.00
C GLU D 119 0.13 -4.05 -46.27
N VAL D 120 0.43 -2.75 -46.25
CA VAL D 120 1.79 -2.31 -46.48
C VAL D 120 2.33 -1.70 -45.20
N LYS D 121 3.44 -2.25 -44.71
CA LYS D 121 4.07 -1.72 -43.51
C LYS D 121 5.49 -1.23 -43.83
N TYR D 122 5.79 0.01 -43.46
CA TYR D 122 7.13 0.57 -43.69
C TYR D 122 7.47 1.65 -42.65
N SER D 123 8.78 1.86 -42.44
CA SER D 123 9.34 2.83 -41.50
C SER D 123 8.72 4.23 -41.51
N ALA D 124 8.37 4.71 -40.32
CA ALA D 124 7.74 6.02 -40.18
C ALA D 124 8.67 7.17 -40.51
N GLU D 125 9.92 6.85 -40.83
CA GLU D 125 10.87 7.90 -41.19
C GLU D 125 10.64 8.33 -42.65
N MET D 126 10.10 7.41 -43.46
CA MET D 126 9.84 7.69 -44.86
C MET D 126 8.55 8.47 -44.99
N PRO D 127 8.37 9.19 -46.10
CA PRO D 127 7.18 10.00 -46.38
C PRO D 127 5.80 9.39 -46.04
N GLN D 128 4.81 10.27 -45.93
CA GLN D 128 3.46 9.90 -45.62
C GLN D 128 2.61 10.12 -46.86
N LEU D 129 1.76 9.16 -47.21
CA LEU D 129 0.94 9.32 -48.40
C LEU D 129 -0.26 10.21 -48.13
N PRO D 130 -0.87 10.77 -49.17
CA PRO D 130 -2.04 11.63 -48.98
C PRO D 130 -3.17 10.75 -48.51
N GLN D 131 -4.14 11.31 -47.82
CA GLN D 131 -5.24 10.50 -47.32
C GLN D 131 -6.20 10.08 -48.40
N ASP D 132 -6.29 10.88 -49.46
CA ASP D 132 -7.19 10.57 -50.57
C ASP D 132 -6.54 9.86 -51.74
N LEU D 133 -5.28 9.48 -51.58
CA LEU D 133 -4.55 8.79 -52.62
C LEU D 133 -5.39 7.72 -53.29
N LYS D 134 -5.49 7.75 -54.61
CA LYS D 134 -6.26 6.75 -55.35
C LYS D 134 -5.33 6.22 -56.44
N GLY D 135 -5.74 5.15 -57.09
CA GLY D 135 -4.89 4.59 -58.13
C GLY D 135 -5.68 3.84 -59.17
N GLU D 136 -4.97 3.13 -60.03
CA GLU D 136 -5.63 2.38 -61.06
C GLU D 136 -6.18 1.14 -60.41
N THR D 137 -5.38 0.54 -59.54
CA THR D 137 -5.75 -0.69 -58.88
C THR D 137 -6.46 -0.57 -57.52
N PHE D 138 -6.48 0.63 -56.92
CA PHE D 138 -7.15 0.82 -55.63
C PHE D 138 -7.99 2.10 -55.53
N SER D 139 -9.11 2.03 -54.81
CA SER D 139 -9.99 3.19 -54.69
C SER D 139 -9.84 4.03 -53.41
N HIS D 140 -9.14 3.47 -52.42
CA HIS D 140 -8.88 4.13 -51.12
C HIS D 140 -7.73 3.45 -50.43
N VAL D 141 -7.12 4.17 -49.50
CA VAL D 141 -6.04 3.63 -48.69
C VAL D 141 -6.26 4.14 -47.26
N PHE D 142 -6.27 3.21 -46.31
CA PHE D 142 -6.52 3.58 -44.93
C PHE D 142 -5.27 3.52 -44.14
N GLY D 143 -5.22 4.34 -43.10
CA GLY D 143 -4.08 4.36 -42.20
C GLY D 143 -2.94 5.29 -42.50
N THR D 144 -3.08 6.14 -43.51
CA THR D 144 -1.99 7.03 -43.86
C THR D 144 -1.63 7.97 -42.70
N ASN D 145 -2.65 8.48 -42.02
CA ASN D 145 -2.39 9.40 -40.92
C ASN D 145 -2.48 8.79 -39.52
N THR D 146 -2.44 7.47 -39.40
CA THR D 146 -2.52 6.86 -38.08
C THR D 146 -1.27 7.16 -37.26
N SER D 147 -1.46 7.63 -36.04
CA SER D 147 -0.36 7.98 -35.16
C SER D 147 0.34 6.75 -34.61
N SER D 148 1.61 6.93 -34.24
CA SER D 148 2.41 5.81 -33.74
C SER D 148 1.85 5.37 -32.41
N LEU D 149 1.49 6.37 -31.60
CA LEU D 149 0.91 6.10 -30.29
C LEU D 149 -0.29 5.18 -30.45
N GLU D 150 -1.23 5.56 -31.31
CA GLU D 150 -2.41 4.74 -31.55
C GLU D 150 -2.04 3.33 -32.00
N LEU D 151 -1.20 3.21 -33.03
CA LEU D 151 -0.80 1.89 -33.51
C LEU D 151 -0.21 1.07 -32.40
N PHE D 152 0.64 1.68 -31.60
CA PHE D 152 1.26 0.97 -30.49
C PHE D 152 0.25 0.43 -29.44
N LEU D 153 -0.62 1.31 -28.93
CA LEU D 153 -1.61 0.90 -27.93
C LEU D 153 -2.57 -0.16 -28.46
N MET D 154 -3.03 0.00 -29.69
CA MET D 154 -3.94 -0.98 -30.26
C MET D 154 -3.25 -2.33 -30.48
N ASN D 155 -2.10 -2.36 -31.13
CA ASN D 155 -1.45 -3.64 -31.39
C ASN D 155 -0.99 -4.38 -30.17
N ARG D 156 -0.63 -3.68 -29.12
CA ARG D 156 -0.20 -4.38 -27.92
C ARG D 156 -1.37 -4.63 -26.98
N LYS D 157 -2.52 -4.08 -27.31
CA LYS D 157 -3.73 -4.28 -26.52
C LYS D 157 -3.57 -3.67 -25.13
N ILE D 158 -2.90 -2.52 -25.10
CA ILE D 158 -2.65 -1.80 -23.88
C ILE D 158 -3.85 -0.91 -23.61
N LYS D 159 -4.45 -1.07 -22.43
CA LYS D 159 -5.64 -0.30 -22.05
C LYS D 159 -5.49 0.45 -20.72
N GLY D 160 -4.96 1.66 -20.81
CA GLY D 160 -4.78 2.48 -19.64
C GLY D 160 -3.63 1.98 -18.81
N PRO D 161 -3.25 2.73 -17.78
CA PRO D 161 -2.14 2.33 -16.91
C PRO D 161 -2.21 0.85 -16.53
N CYS D 162 -1.12 0.14 -16.75
CA CYS D 162 -1.07 -1.28 -16.41
C CYS D 162 0.39 -1.62 -16.36
N TRP D 163 0.71 -2.87 -16.05
CA TRP D 163 2.09 -3.32 -15.99
C TRP D 163 2.51 -3.87 -17.35
N LEU D 164 3.75 -3.62 -17.73
CA LEU D 164 4.25 -4.11 -19.01
C LEU D 164 5.52 -4.89 -18.79
N GLU D 165 5.72 -5.92 -19.60
CA GLU D 165 6.93 -6.72 -19.56
C GLU D 165 7.71 -6.31 -20.81
N VAL D 166 8.95 -5.85 -20.64
CA VAL D 166 9.76 -5.42 -21.78
C VAL D 166 10.89 -6.40 -21.94
N LYS D 167 10.92 -7.12 -23.05
CA LYS D 167 11.98 -8.09 -23.28
C LYS D 167 13.11 -7.47 -24.08
N SER D 168 14.33 -7.93 -23.83
CA SER D 168 15.49 -7.45 -24.55
C SER D 168 15.62 -5.92 -24.52
N PRO D 169 15.62 -5.35 -23.32
CA PRO D 169 15.76 -3.90 -23.16
C PRO D 169 17.18 -3.47 -23.53
N GLN D 170 17.34 -2.21 -23.94
CA GLN D 170 18.64 -1.65 -24.34
C GLN D 170 18.95 -0.41 -23.52
N LEU D 171 20.23 -0.03 -23.47
CA LEU D 171 20.62 1.18 -22.77
C LEU D 171 20.73 2.29 -23.80
N LEU D 172 20.81 3.54 -23.36
CA LEU D 172 20.90 4.63 -24.32
C LEU D 172 22.25 5.30 -24.29
N ASN D 173 22.68 5.85 -25.43
CA ASN D 173 23.97 6.54 -25.48
C ASN D 173 23.96 7.47 -24.28
N GLN D 174 23.04 8.42 -24.34
CA GLN D 174 22.91 9.38 -23.28
C GLN D 174 21.47 9.44 -22.83
N PRO D 175 21.25 9.83 -21.58
CA PRO D 175 19.89 9.94 -21.04
C PRO D 175 19.05 10.82 -21.96
N VAL D 176 17.77 10.47 -22.11
CA VAL D 176 16.85 11.26 -22.91
C VAL D 176 15.78 11.87 -22.02
N SER D 177 15.68 11.36 -20.78
CA SER D 177 14.67 11.80 -19.82
C SER D 177 15.18 12.30 -18.48
N TRP D 178 14.28 12.82 -17.66
CA TRP D 178 14.65 13.29 -16.33
C TRP D 178 14.33 12.19 -15.34
N CYS D 179 13.97 11.02 -15.84
CA CYS D 179 13.61 9.94 -14.95
C CYS D 179 14.78 9.22 -14.30
N LYS D 180 14.50 8.49 -13.22
CA LYS D 180 15.51 7.73 -12.49
C LYS D 180 16.01 6.54 -13.27
N ALA D 181 15.24 6.04 -14.23
CA ALA D 181 15.67 4.87 -15.00
C ALA D 181 15.20 5.01 -16.43
N GLU D 182 16.03 4.60 -17.38
CA GLU D 182 15.69 4.68 -18.78
C GLU D 182 15.96 3.35 -19.45
N ALA D 183 15.21 3.03 -20.50
CA ALA D 183 15.41 1.78 -21.21
C ALA D 183 14.89 2.00 -22.60
N MET D 184 15.27 1.14 -23.52
CA MET D 184 14.81 1.29 -24.88
C MET D 184 14.39 -0.07 -25.41
N ALA D 185 13.37 -0.09 -26.26
CA ALA D 185 12.89 -1.32 -26.88
C ALA D 185 12.96 -1.06 -28.38
N LEU D 186 13.68 -1.93 -29.10
CA LEU D 186 13.86 -1.81 -30.55
C LEU D 186 12.59 -1.91 -31.37
N LYS D 187 11.80 -2.93 -31.09
CA LYS D 187 10.53 -3.10 -31.79
C LYS D 187 9.42 -3.27 -30.73
N PRO D 188 8.21 -2.75 -31.02
CA PRO D 188 7.04 -2.80 -30.13
C PRO D 188 6.59 -4.20 -29.72
N ASP D 189 6.81 -5.18 -30.57
CA ASP D 189 6.37 -6.50 -30.18
C ASP D 189 7.24 -7.06 -29.07
N LEU D 190 8.04 -6.21 -28.47
CA LEU D 190 8.90 -6.61 -27.36
C LEU D 190 8.22 -6.23 -26.04
N VAL D 191 7.07 -5.57 -26.13
CA VAL D 191 6.34 -5.12 -24.96
C VAL D 191 5.02 -5.85 -24.81
N ASN D 192 4.77 -6.39 -23.63
CA ASN D 192 3.52 -7.12 -23.38
C ASN D 192 2.90 -6.75 -22.07
N VAL D 193 1.59 -6.81 -22.05
CA VAL D 193 0.81 -6.50 -20.88
C VAL D 193 0.83 -7.69 -19.95
N ILE D 194 1.02 -7.46 -18.65
CA ILE D 194 0.94 -8.54 -17.68
C ILE D 194 -0.19 -8.03 -16.78
N LYS D 195 -1.16 -8.90 -16.50
CA LYS D 195 -2.31 -8.47 -15.72
C LYS D 195 -2.53 -8.86 -14.27
N ASP D 196 -1.72 -9.75 -13.70
CA ASP D 196 -1.97 -10.11 -12.31
C ASP D 196 -1.03 -9.48 -11.28
N VAL D 197 -0.93 -8.15 -11.33
CA VAL D 197 -0.09 -7.43 -10.40
C VAL D 197 -0.77 -6.10 -10.13
N SER D 198 -0.94 -5.72 -8.86
CA SER D 198 -1.62 -4.47 -8.54
C SER D 198 -0.84 -3.20 -8.87
N PRO D 199 -1.57 -2.09 -9.09
CA PRO D 199 -0.91 -0.81 -9.42
C PRO D 199 -0.06 -0.26 -8.28
N PRO D 200 1.08 0.37 -8.61
CA PRO D 200 1.96 0.93 -7.58
C PRO D 200 1.39 2.26 -7.10
N PRO D 201 1.92 2.77 -6.00
CA PRO D 201 1.34 4.07 -5.58
C PRO D 201 2.11 5.21 -6.22
N LEU D 202 1.41 6.28 -6.57
CA LEU D 202 2.03 7.43 -7.23
C LEU D 202 2.55 8.52 -6.32
N VAL D 203 3.27 9.45 -6.94
CA VAL D 203 3.80 10.61 -6.26
C VAL D 203 2.93 11.77 -6.67
N VAL D 204 2.14 12.30 -5.75
CA VAL D 204 1.25 13.40 -6.08
C VAL D 204 1.77 14.74 -5.56
N MET D 205 1.61 15.80 -6.34
CA MET D 205 2.07 17.13 -5.93
C MET D 205 1.02 18.17 -6.28
N ALA D 206 0.45 18.80 -5.26
CA ALA D 206 -0.56 19.84 -5.46
C ALA D 206 0.12 21.18 -5.27
N PHE D 207 -0.13 22.13 -6.15
CA PHE D 207 0.54 23.41 -6.04
C PHE D 207 -0.33 24.60 -6.40
N SER D 208 -0.01 25.74 -5.79
CA SER D 208 -0.72 26.98 -6.05
C SER D 208 0.30 28.11 -6.13
N MET D 209 -0.03 29.15 -6.87
CA MET D 209 0.87 30.27 -7.02
C MET D 209 0.15 31.61 -6.96
N LYS D 210 0.87 32.66 -6.59
CA LYS D 210 0.31 34.02 -6.54
C LYS D 210 1.08 34.82 -7.58
N THR D 211 0.40 35.51 -8.47
CA THR D 211 1.14 36.34 -9.40
C THR D 211 0.72 37.76 -9.06
N MET D 212 1.54 38.70 -9.50
CA MET D 212 1.26 40.09 -9.23
C MET D 212 1.56 40.85 -10.49
N GLN D 213 0.70 41.81 -10.82
CA GLN D 213 0.90 42.60 -12.01
C GLN D 213 2.01 43.62 -11.73
N ASN D 214 2.88 43.82 -12.71
CA ASN D 214 4.02 44.73 -12.60
C ASN D 214 3.59 46.19 -12.58
N ALA D 215 4.18 46.97 -11.66
CA ALA D 215 3.89 48.39 -11.51
C ALA D 215 3.75 49.08 -12.86
N LYS D 216 4.87 49.26 -13.57
CA LYS D 216 4.81 49.90 -14.89
C LYS D 216 4.10 48.93 -15.83
N ASN D 217 4.68 48.65 -17.01
CA ASN D 217 4.06 47.73 -17.98
C ASN D 217 3.52 46.41 -17.39
N HIS D 218 2.34 46.06 -17.88
CA HIS D 218 1.53 44.91 -17.47
C HIS D 218 1.88 43.43 -17.70
N GLN D 219 2.92 42.93 -17.05
CA GLN D 219 3.22 41.51 -17.19
C GLN D 219 2.85 40.92 -15.84
N ASN D 220 2.53 39.62 -15.79
CA ASN D 220 2.21 39.05 -14.49
C ASN D 220 3.35 38.19 -13.99
N GLU D 221 3.98 38.65 -12.92
CA GLU D 221 5.10 37.94 -12.34
C GLU D 221 4.70 37.06 -11.16
N ILE D 222 5.29 35.87 -11.11
CA ILE D 222 5.01 34.93 -10.04
C ILE D 222 5.85 35.39 -8.85
N ILE D 223 5.21 35.58 -7.70
CA ILE D 223 5.92 36.05 -6.52
C ILE D 223 5.89 35.04 -5.37
N ALA D 224 5.03 34.05 -5.48
CA ALA D 224 4.99 33.02 -4.44
C ALA D 224 4.49 31.71 -5.05
N MET D 225 4.75 30.60 -4.34
CA MET D 225 4.35 29.25 -4.75
C MET D 225 4.40 28.28 -3.57
N ALA D 226 3.40 27.41 -3.48
CA ALA D 226 3.41 26.45 -2.39
C ALA D 226 3.05 25.10 -3.00
N ALA D 227 3.56 24.02 -2.43
CA ALA D 227 3.26 22.73 -2.98
C ALA D 227 3.21 21.70 -1.88
N LEU D 228 2.28 20.77 -2.01
CA LEU D 228 2.13 19.71 -1.03
C LEU D 228 2.39 18.43 -1.80
N VAL D 229 3.11 17.53 -1.17
CA VAL D 229 3.49 16.28 -1.80
C VAL D 229 3.19 15.07 -0.95
N HIS D 230 2.87 13.97 -1.62
CA HIS D 230 2.65 12.68 -0.97
C HIS D 230 3.36 11.71 -1.90
N HIS D 231 4.25 10.91 -1.34
CA HIS D 231 5.05 9.98 -2.12
C HIS D 231 4.46 8.61 -2.37
N SER D 232 3.46 8.23 -1.57
CA SER D 232 2.82 6.93 -1.73
C SER D 232 1.31 7.05 -1.77
N PHE D 233 0.84 7.69 -2.81
CA PHE D 233 -0.58 7.91 -2.98
C PHE D 233 -1.20 6.81 -3.87
N ALA D 234 -1.93 5.88 -3.26
CA ALA D 234 -2.56 4.78 -4.00
C ALA D 234 -3.74 5.24 -4.83
N LEU D 235 -3.94 4.60 -5.99
CA LEU D 235 -5.09 4.94 -6.84
C LEU D 235 -6.14 3.88 -6.73
N ASP D 236 -5.84 2.80 -6.00
CA ASP D 236 -6.77 1.70 -5.82
C ASP D 236 -7.32 1.68 -4.40
N LYS D 237 -7.18 2.79 -3.69
CA LYS D 237 -7.77 2.89 -2.36
C LYS D 237 -8.01 4.29 -1.88
N ALA D 238 -8.57 4.40 -0.69
CA ALA D 238 -8.91 5.71 -0.17
C ALA D 238 -7.68 6.59 -0.03
N ALA D 239 -7.87 7.88 -0.26
CA ALA D 239 -6.78 8.83 -0.16
C ALA D 239 -6.07 8.66 1.17
N PRO D 240 -4.77 9.00 1.22
CA PRO D 240 -4.01 8.86 2.46
C PRO D 240 -4.46 9.96 3.42
N LYS D 241 -4.39 9.69 4.72
CA LYS D 241 -4.76 10.68 5.70
C LYS D 241 -3.61 10.90 6.68
N PRO D 242 -3.02 12.10 6.64
CA PRO D 242 -3.35 13.24 5.78
C PRO D 242 -2.99 12.97 4.30
N PRO D 243 -3.50 13.80 3.37
CA PRO D 243 -3.25 13.65 1.93
C PRO D 243 -1.84 13.98 1.49
N PHE D 244 -1.03 14.55 2.39
CA PHE D 244 0.36 14.88 2.03
C PHE D 244 1.33 14.56 3.15
N GLN D 245 2.58 14.32 2.80
CA GLN D 245 3.64 13.98 3.75
C GLN D 245 4.71 15.06 3.93
N SER D 246 4.78 15.98 2.99
CA SER D 246 5.76 17.03 3.04
C SER D 246 5.27 18.18 2.16
N HIS D 247 5.99 19.30 2.16
CA HIS D 247 5.54 20.45 1.38
C HIS D 247 6.63 21.50 1.35
N PHE D 248 6.44 22.53 0.55
CA PHE D 248 7.45 23.56 0.49
C PHE D 248 6.90 24.91 0.04
N CYS D 249 7.63 25.98 0.33
CA CYS D 249 7.14 27.31 0.03
C CYS D 249 8.26 28.23 -0.45
N VAL D 250 8.04 28.90 -1.58
CA VAL D 250 9.05 29.79 -2.12
C VAL D 250 8.46 31.16 -2.44
N VAL D 251 8.96 32.19 -1.77
CA VAL D 251 8.47 33.55 -2.01
C VAL D 251 9.54 34.41 -2.64
N SER D 252 9.13 35.34 -3.47
CA SER D 252 10.06 36.28 -4.07
C SER D 252 9.37 37.63 -3.92
N LYS D 253 9.94 38.65 -4.52
CA LYS D 253 9.37 39.98 -4.43
C LYS D 253 9.36 40.47 -5.87
N PRO D 254 8.53 41.49 -6.17
CA PRO D 254 8.54 41.97 -7.56
C PRO D 254 9.87 42.68 -7.79
N LYS D 255 9.88 43.80 -8.49
CA LYS D 255 11.16 44.46 -8.74
C LYS D 255 11.34 45.81 -8.06
N ASP D 256 10.25 46.41 -7.62
CA ASP D 256 10.30 47.71 -6.97
C ASP D 256 10.24 47.54 -5.47
N CYS D 257 9.65 46.44 -5.04
CA CYS D 257 9.54 46.21 -3.62
C CYS D 257 10.85 45.68 -3.07
N ILE D 258 10.90 45.59 -1.76
CA ILE D 258 12.05 45.08 -1.04
C ILE D 258 11.40 44.35 0.12
N PHE D 259 11.86 43.15 0.40
CA PHE D 259 11.29 42.41 1.49
C PHE D 259 11.20 43.30 2.74
N PRO D 260 10.13 43.13 3.53
CA PRO D 260 9.98 43.94 4.74
C PRO D 260 11.10 43.60 5.72
N TYR D 261 11.43 44.56 6.56
CA TYR D 261 12.50 44.42 7.53
C TYR D 261 12.31 43.23 8.47
N ALA D 262 13.39 42.47 8.69
CA ALA D 262 13.40 41.32 9.60
C ALA D 262 12.75 40.04 9.07
N PHE D 263 12.31 40.09 7.82
CA PHE D 263 11.66 38.96 7.15
C PHE D 263 12.39 37.62 7.40
N LYS D 264 13.68 37.57 7.05
CA LYS D 264 14.51 36.36 7.22
C LYS D 264 14.49 35.88 8.66
N GLU D 265 14.64 36.83 9.57
CA GLU D 265 14.66 36.58 11.01
C GLU D 265 13.30 36.08 11.48
N VAL D 266 12.25 36.75 11.00
CA VAL D 266 10.88 36.39 11.35
C VAL D 266 10.62 34.91 11.05
N ILE D 267 11.13 34.46 9.90
CA ILE D 267 10.96 33.07 9.50
C ILE D 267 11.81 32.13 10.36
N GLU D 268 13.11 32.43 10.47
CA GLU D 268 14.03 31.61 11.26
C GLU D 268 13.41 31.24 12.60
N LYS D 269 12.58 32.15 13.12
CA LYS D 269 11.89 31.95 14.38
C LYS D 269 10.75 30.95 14.26
N LYS D 270 9.81 31.23 13.35
CA LYS D 270 8.65 30.36 13.15
C LYS D 270 8.98 28.98 12.60
N ASN D 271 10.18 28.83 12.04
CA ASN D 271 10.62 27.54 11.50
C ASN D 271 9.73 27.05 10.37
N VAL D 272 9.39 27.96 9.46
CA VAL D 272 8.55 27.62 8.33
C VAL D 272 9.46 27.20 7.18
N LYS D 273 9.04 26.19 6.42
CA LYS D 273 9.86 25.74 5.31
C LYS D 273 9.69 26.65 4.09
N VAL D 274 9.90 27.94 4.32
CA VAL D 274 9.80 28.94 3.27
C VAL D 274 11.15 29.37 2.75
N GLU D 275 11.35 29.20 1.45
CA GLU D 275 12.58 29.57 0.76
C GLU D 275 12.35 30.96 0.20
N VAL D 276 13.08 31.93 0.68
CA VAL D 276 12.89 33.28 0.17
C VAL D 276 13.90 33.57 -0.94
N ALA D 277 13.38 33.59 -2.17
CA ALA D 277 14.19 33.79 -3.36
C ALA D 277 14.39 35.24 -3.81
N ALA D 278 15.64 35.59 -4.01
CA ALA D 278 16.02 36.92 -4.44
C ALA D 278 15.26 37.42 -5.67
N THR D 279 15.15 36.62 -6.71
CA THR D 279 14.44 37.09 -7.89
C THR D 279 13.44 36.09 -8.43
N GLU D 280 12.55 36.57 -9.31
CA GLU D 280 11.54 35.70 -9.91
C GLU D 280 12.23 34.49 -10.51
N ARG D 281 13.32 34.73 -11.24
CA ARG D 281 14.08 33.66 -11.87
C ARG D 281 14.59 32.64 -10.85
N THR D 282 15.02 33.12 -9.70
CA THR D 282 15.50 32.20 -8.69
C THR D 282 14.37 31.32 -8.15
N LEU D 283 13.19 31.90 -8.03
CA LEU D 283 12.04 31.18 -7.52
C LEU D 283 11.67 30.09 -8.52
N LEU D 284 11.70 30.46 -9.80
CA LEU D 284 11.36 29.49 -10.83
C LEU D 284 12.35 28.34 -10.83
N GLY D 285 13.64 28.67 -10.74
CA GLY D 285 14.67 27.65 -10.72
C GLY D 285 14.50 26.73 -9.54
N PHE D 286 14.12 27.31 -8.40
CA PHE D 286 13.94 26.54 -7.19
C PHE D 286 12.77 25.55 -7.35
N PHE D 287 11.68 26.07 -7.94
CA PHE D 287 10.49 25.26 -8.18
C PHE D 287 10.83 24.08 -9.09
N LEU D 288 11.41 24.38 -10.25
CA LEU D 288 11.79 23.36 -11.21
C LEU D 288 12.72 22.30 -10.58
N ALA D 289 13.61 22.73 -9.70
CA ALA D 289 14.50 21.78 -9.06
C ALA D 289 13.72 20.90 -8.08
N LYS D 290 12.75 21.47 -7.35
CA LYS D 290 11.97 20.66 -6.40
C LYS D 290 11.13 19.65 -7.21
N VAL D 291 10.58 20.12 -8.33
CA VAL D 291 9.78 19.24 -9.15
C VAL D 291 10.70 18.14 -9.63
N HIS D 292 11.86 18.51 -10.12
CA HIS D 292 12.78 17.51 -10.65
C HIS D 292 13.19 16.50 -9.61
N LYS D 293 13.32 16.94 -8.38
CA LYS D 293 13.75 16.08 -7.28
C LYS D 293 12.62 15.24 -6.68
N ILE D 294 11.45 15.86 -6.52
CA ILE D 294 10.27 15.19 -5.97
C ILE D 294 9.80 14.16 -7.01
N ASP D 295 9.87 14.57 -8.26
CA ASP D 295 9.53 13.78 -9.42
C ASP D 295 8.13 13.23 -9.33
N PRO D 296 7.14 14.13 -9.41
CA PRO D 296 5.76 13.72 -9.33
C PRO D 296 5.23 13.08 -10.60
N ASP D 297 4.24 12.22 -10.42
CA ASP D 297 3.58 11.55 -11.52
C ASP D 297 2.37 12.41 -11.89
N ILE D 298 1.80 13.06 -10.87
CA ILE D 298 0.64 13.89 -11.09
C ILE D 298 0.87 15.23 -10.43
N ILE D 299 0.51 16.30 -11.13
CA ILE D 299 0.62 17.66 -10.59
C ILE D 299 -0.80 18.17 -10.63
N VAL D 300 -1.38 18.41 -9.45
CA VAL D 300 -2.76 18.88 -9.37
C VAL D 300 -2.82 20.35 -8.94
N GLY D 301 -3.73 21.10 -9.55
CA GLY D 301 -3.91 22.49 -9.23
C GLY D 301 -5.30 22.94 -9.67
N HIS D 302 -5.59 24.23 -9.51
CA HIS D 302 -6.89 24.74 -9.92
C HIS D 302 -6.72 25.76 -11.02
N ASN D 303 -7.55 25.69 -12.04
CA ASN D 303 -7.46 26.65 -13.14
C ASN D 303 -6.08 26.55 -13.76
N ILE D 304 -5.55 25.33 -13.76
CA ILE D 304 -4.23 25.09 -14.31
C ILE D 304 -4.21 25.34 -15.80
N TYR D 305 -5.13 24.71 -16.51
CA TYR D 305 -5.20 24.85 -17.95
C TYR D 305 -5.73 26.19 -18.47
N GLY D 306 -6.37 26.95 -17.60
CA GLY D 306 -6.91 28.22 -18.03
C GLY D 306 -6.05 29.42 -17.68
N PHE D 307 -5.13 29.24 -16.73
CA PHE D 307 -4.25 30.34 -16.32
C PHE D 307 -2.86 29.91 -15.83
N GLU D 308 -2.81 29.38 -14.61
CA GLU D 308 -1.54 28.98 -14.01
C GLU D 308 -0.48 28.38 -14.91
N LEU D 309 -0.77 27.26 -15.56
CA LEU D 309 0.22 26.63 -16.41
C LEU D 309 0.77 27.52 -17.51
N GLU D 310 -0.09 28.26 -18.20
CA GLU D 310 0.42 29.11 -19.26
C GLU D 310 1.29 30.25 -18.70
N VAL D 311 0.92 30.80 -17.55
CA VAL D 311 1.74 31.86 -16.99
C VAL D 311 3.08 31.29 -16.54
N LEU D 312 3.02 30.23 -15.74
CA LEU D 312 4.23 29.58 -15.24
C LEU D 312 5.24 29.34 -16.36
N LEU D 313 4.75 28.88 -17.52
CA LEU D 313 5.62 28.60 -18.66
C LEU D 313 6.16 29.88 -19.33
N GLN D 314 5.34 30.92 -19.46
CA GLN D 314 5.82 32.17 -20.06
C GLN D 314 6.90 32.77 -19.15
N ARG D 315 6.62 32.85 -17.86
CA ARG D 315 7.58 33.40 -16.94
C ARG D 315 8.89 32.61 -17.03
N ILE D 316 8.76 31.28 -17.11
CA ILE D 316 9.91 30.41 -17.21
C ILE D 316 10.73 30.79 -18.44
N ASN D 317 10.05 31.25 -19.47
CA ASN D 317 10.70 31.66 -20.68
C ASN D 317 11.35 33.04 -20.49
N VAL D 318 10.56 34.01 -20.07
CA VAL D 318 11.05 35.38 -19.87
C VAL D 318 12.21 35.46 -18.87
N CYS D 319 12.13 34.71 -17.78
CA CYS D 319 13.22 34.73 -16.81
C CYS D 319 14.33 33.79 -17.26
N LYS D 320 14.12 33.17 -18.41
CA LYS D 320 15.11 32.25 -18.95
C LYS D 320 15.51 31.33 -17.81
N ALA D 321 14.54 30.92 -16.99
CA ALA D 321 14.81 30.05 -15.87
C ALA D 321 15.60 28.83 -16.32
N PRO D 322 16.46 28.31 -15.45
CA PRO D 322 17.28 27.15 -15.80
C PRO D 322 16.54 25.80 -15.89
N HIS D 323 16.63 25.17 -17.06
CA HIS D 323 16.03 23.87 -17.36
C HIS D 323 14.52 23.80 -17.26
N TRP D 324 13.83 24.49 -18.15
CA TRP D 324 12.39 24.50 -18.13
C TRP D 324 11.83 23.09 -18.31
N SER D 325 12.46 22.28 -19.17
CA SER D 325 11.94 20.95 -19.46
C SER D 325 11.77 20.02 -18.27
N LYS D 326 12.36 20.37 -17.14
CA LYS D 326 12.24 19.54 -15.95
C LYS D 326 10.81 19.51 -15.42
N ILE D 327 9.96 20.41 -15.91
CA ILE D 327 8.56 20.38 -15.45
C ILE D 327 7.89 19.20 -16.14
N GLY D 328 8.62 18.58 -17.04
CA GLY D 328 8.12 17.43 -17.76
C GLY D 328 9.13 16.34 -17.45
N ARG D 329 9.06 15.21 -18.14
CA ARG D 329 10.01 14.14 -17.87
C ARG D 329 10.93 13.86 -19.04
N LEU D 330 10.88 14.70 -20.07
CA LEU D 330 11.71 14.49 -21.25
C LEU D 330 12.65 15.69 -21.50
N LYS D 331 13.92 15.41 -21.76
CA LYS D 331 14.89 16.46 -22.05
C LYS D 331 14.53 17.05 -23.39
N ARG D 332 14.17 18.33 -23.40
CA ARG D 332 13.79 19.03 -24.61
C ARG D 332 14.50 20.37 -24.60
N SER D 333 14.71 20.97 -25.76
CA SER D 333 15.41 22.25 -25.80
C SER D 333 14.50 23.47 -25.96
N ASN D 334 13.64 23.45 -26.97
CA ASN D 334 12.78 24.59 -27.21
C ASN D 334 11.38 24.46 -26.62
N MET D 335 10.92 25.54 -26.01
CA MET D 335 9.61 25.55 -25.38
C MET D 335 8.50 26.17 -26.25
N PRO D 336 7.54 25.34 -26.70
CA PRO D 336 6.42 25.78 -27.54
C PRO D 336 5.43 26.62 -26.72
N LYS D 337 4.61 27.43 -27.38
CA LYS D 337 3.64 28.24 -26.65
C LYS D 337 2.26 28.18 -27.30
N LEU D 338 1.33 29.01 -26.83
CA LEU D 338 -0.02 29.05 -27.40
C LEU D 338 -0.23 30.40 -28.06
N GLY D 343 -4.94 23.33 -24.36
CA GLY D 343 -3.56 23.49 -23.95
C GLY D 343 -2.62 22.56 -24.71
N PHE D 344 -2.25 22.96 -25.93
CA PHE D 344 -1.35 22.17 -26.80
C PHE D 344 0.12 22.25 -26.37
N GLY D 345 0.76 23.39 -26.61
CA GLY D 345 2.14 23.53 -26.22
C GLY D 345 2.25 23.21 -24.73
N GLU D 346 1.15 23.41 -24.02
CA GLU D 346 1.05 23.15 -22.58
C GLU D 346 1.04 21.66 -22.23
N ARG D 347 0.08 20.93 -22.78
CA ARG D 347 -0.03 19.48 -22.54
C ARG D 347 1.29 18.83 -22.95
N ASN D 348 1.99 19.45 -23.90
CA ASN D 348 3.26 18.94 -24.36
C ASN D 348 4.37 19.33 -23.41
N ALA D 349 4.24 20.51 -22.82
CA ALA D 349 5.25 21.01 -21.90
C ALA D 349 5.50 20.10 -20.71
N THR D 350 4.49 19.35 -20.30
CA THR D 350 4.60 18.46 -19.15
C THR D 350 4.63 16.98 -19.49
N CYS D 351 4.96 16.66 -20.74
CA CYS D 351 4.96 15.28 -21.19
C CYS D 351 5.58 14.36 -20.14
N GLY D 352 4.90 13.27 -19.82
CA GLY D 352 5.44 12.35 -18.83
C GLY D 352 4.79 12.50 -17.46
N ARG D 353 4.25 13.68 -17.17
CA ARG D 353 3.56 13.94 -15.90
C ARG D 353 2.08 14.23 -16.18
N MET D 354 1.19 13.64 -15.40
CA MET D 354 -0.24 13.90 -15.59
C MET D 354 -0.63 15.16 -14.87
N ILE D 355 -1.52 15.93 -15.48
CA ILE D 355 -2.02 17.18 -14.87
C ILE D 355 -3.49 17.02 -14.49
N CYS D 356 -3.81 17.29 -13.24
CA CYS D 356 -5.16 17.18 -12.79
C CYS D 356 -5.61 18.56 -12.38
N ASP D 357 -6.60 19.10 -13.09
CA ASP D 357 -7.15 20.42 -12.77
C ASP D 357 -8.51 20.22 -12.10
N VAL D 358 -8.56 20.39 -10.76
CA VAL D 358 -9.78 20.17 -10.01
C VAL D 358 -10.95 20.93 -10.58
N GLU D 359 -10.70 22.09 -11.17
CA GLU D 359 -11.80 22.83 -11.73
C GLU D 359 -12.46 21.93 -12.76
N ILE D 360 -11.72 21.58 -13.81
CA ILE D 360 -12.24 20.71 -14.84
C ILE D 360 -12.88 19.44 -14.23
N SER D 361 -12.18 18.78 -13.32
CA SER D 361 -12.74 17.60 -12.69
C SER D 361 -14.03 17.84 -11.91
N ALA D 362 -14.23 19.03 -11.38
CA ALA D 362 -15.44 19.30 -10.63
C ALA D 362 -16.58 19.49 -11.59
N LYS D 363 -16.30 20.13 -12.72
CA LYS D 363 -17.34 20.34 -13.71
C LYS D 363 -17.91 19.04 -14.23
N GLU D 364 -17.09 18.00 -14.28
CA GLU D 364 -17.57 16.73 -14.78
C GLU D 364 -18.21 15.91 -13.69
N LEU D 365 -18.05 16.33 -12.44
CA LEU D 365 -18.58 15.52 -11.37
C LEU D 365 -19.68 16.10 -10.48
N ILE D 366 -19.79 17.42 -10.42
CA ILE D 366 -20.83 18.04 -9.61
C ILE D 366 -21.31 19.36 -10.22
N ARG D 367 -22.46 19.82 -9.73
CA ARG D 367 -23.07 21.07 -10.19
C ARG D 367 -22.87 22.13 -9.11
N CYS D 368 -22.48 23.34 -9.49
CA CYS D 368 -22.28 24.44 -8.53
C CYS D 368 -22.62 25.71 -9.29
N LYS D 369 -22.67 26.85 -8.61
CA LYS D 369 -22.98 28.08 -9.34
C LYS D 369 -21.75 28.61 -10.06
N SER D 370 -20.57 28.32 -9.50
CA SER D 370 -19.29 28.71 -10.06
C SER D 370 -18.31 27.60 -9.70
N TYR D 371 -17.19 27.56 -10.41
CA TYR D 371 -16.21 26.54 -10.14
C TYR D 371 -14.91 27.15 -9.61
N HIS D 372 -14.98 28.45 -9.28
CA HIS D 372 -13.87 29.20 -8.74
C HIS D 372 -13.49 28.48 -7.45
N LEU D 373 -12.24 28.57 -7.05
CA LEU D 373 -11.82 27.83 -5.87
C LEU D 373 -12.66 28.07 -4.61
N SER D 374 -13.04 29.32 -4.37
CA SER D 374 -13.82 29.67 -3.20
C SER D 374 -15.14 28.89 -3.13
N GLU D 375 -15.85 28.86 -4.26
CA GLU D 375 -17.11 28.17 -4.34
C GLU D 375 -16.91 26.67 -4.15
N LEU D 376 -15.90 26.12 -4.81
CA LEU D 376 -15.62 24.69 -4.70
C LEU D 376 -15.27 24.32 -3.27
N VAL D 377 -14.47 25.15 -2.62
CA VAL D 377 -14.09 24.86 -1.25
C VAL D 377 -15.33 24.88 -0.36
N GLN D 378 -16.19 25.87 -0.59
CA GLN D 378 -17.42 26.05 0.16
C GLN D 378 -18.33 24.85 0.01
N GLN D 379 -18.65 24.49 -1.23
CA GLN D 379 -19.54 23.37 -1.49
C GLN D 379 -18.96 22.00 -1.13
N ILE D 380 -17.79 21.69 -1.70
CA ILE D 380 -17.15 20.40 -1.48
C ILE D 380 -16.54 20.18 -0.10
N LEU D 381 -15.84 21.18 0.41
CA LEU D 381 -15.19 21.04 1.70
C LEU D 381 -15.95 21.66 2.87
N LYS D 382 -16.92 22.52 2.56
CA LYS D 382 -17.75 23.15 3.57
C LYS D 382 -16.91 23.97 4.51
N THR D 383 -16.24 24.97 3.95
CA THR D 383 -15.38 25.83 4.74
C THR D 383 -15.21 27.12 3.99
N GLU D 384 -14.96 28.19 4.73
CA GLU D 384 -14.78 29.45 4.07
C GLU D 384 -13.33 29.58 3.64
N ARG D 385 -13.14 30.23 2.51
CA ARG D 385 -11.82 30.45 1.98
C ARG D 385 -11.70 31.94 1.73
N VAL D 386 -10.73 32.57 2.40
CA VAL D 386 -10.50 34.00 2.25
C VAL D 386 -10.06 34.31 0.81
N VAL D 387 -10.18 35.55 0.38
CA VAL D 387 -9.74 35.92 -0.95
C VAL D 387 -8.79 37.10 -0.86
N ILE D 388 -7.78 37.12 -1.72
CA ILE D 388 -6.83 38.20 -1.71
C ILE D 388 -6.78 38.89 -3.05
N PRO D 389 -7.40 40.06 -3.16
CA PRO D 389 -7.39 40.78 -4.43
C PRO D 389 -5.95 41.19 -4.76
N MET D 390 -5.60 41.16 -6.03
CA MET D 390 -4.25 41.51 -6.45
C MET D 390 -3.66 42.79 -5.88
N GLU D 391 -4.51 43.75 -5.53
CA GLU D 391 -4.02 45.02 -5.00
C GLU D 391 -3.46 44.95 -3.58
N ASN D 392 -4.27 44.43 -2.64
CA ASN D 392 -3.84 44.33 -1.25
C ASN D 392 -2.49 43.62 -1.12
N ILE D 393 -2.01 43.03 -2.21
CA ILE D 393 -0.74 42.30 -2.19
C ILE D 393 0.46 43.17 -1.84
N GLN D 394 0.78 44.14 -2.68
CA GLN D 394 1.93 44.99 -2.44
C GLN D 394 2.00 45.43 -0.98
N ASN D 395 0.95 46.06 -0.50
CA ASN D 395 0.90 46.54 0.88
C ASN D 395 1.39 45.45 1.84
N MET D 396 1.25 44.19 1.43
CA MET D 396 1.67 43.07 2.26
C MET D 396 3.19 42.89 2.26
N TYR D 397 3.88 43.56 1.33
CA TYR D 397 5.33 43.51 1.23
C TYR D 397 5.98 44.52 2.17
N SER D 398 5.16 45.38 2.75
CA SER D 398 5.64 46.40 3.68
C SER D 398 5.89 45.80 5.06
N GLU D 399 5.09 44.82 5.45
CA GLU D 399 5.29 44.24 6.76
C GLU D 399 5.43 42.72 6.71
N SER D 400 6.38 42.20 7.47
CA SER D 400 6.61 40.77 7.51
C SER D 400 5.35 39.94 7.76
N SER D 401 4.69 40.16 8.90
CA SER D 401 3.50 39.40 9.26
C SER D 401 2.46 39.34 8.13
N GLN D 402 2.52 40.30 7.23
CA GLN D 402 1.60 40.32 6.11
C GLN D 402 2.06 39.37 5.02
N LEU D 403 3.35 39.42 4.67
CA LEU D 403 3.83 38.52 3.66
C LEU D 403 3.70 37.10 4.17
N LEU D 404 4.01 36.88 5.45
CA LEU D 404 3.91 35.54 5.98
C LEU D 404 2.48 35.07 5.78
N TYR D 405 1.55 36.00 5.89
CA TYR D 405 0.12 35.70 5.73
C TYR D 405 -0.19 35.29 4.29
N LEU D 406 0.25 36.11 3.34
CA LEU D 406 0.04 35.81 1.93
C LEU D 406 0.60 34.41 1.64
N LEU D 407 1.79 34.12 2.16
CA LEU D 407 2.39 32.83 1.93
C LEU D 407 1.52 31.77 2.54
N GLU D 408 1.09 31.98 3.78
CA GLU D 408 0.25 31.01 4.47
C GLU D 408 -1.01 30.77 3.65
N HIS D 409 -1.49 31.82 2.99
CA HIS D 409 -2.69 31.72 2.19
C HIS D 409 -2.48 30.74 1.05
N THR D 410 -1.46 31.00 0.26
CA THR D 410 -1.10 30.17 -0.87
C THR D 410 -0.96 28.72 -0.43
N TRP D 411 -0.41 28.51 0.76
CA TRP D 411 -0.24 27.15 1.24
C TRP D 411 -1.63 26.51 1.37
N LYS D 412 -2.53 27.19 2.08
CA LYS D 412 -3.89 26.71 2.29
C LYS D 412 -4.55 26.36 0.96
N ASP D 413 -4.37 27.22 -0.04
CA ASP D 413 -4.96 26.98 -1.35
C ASP D 413 -4.53 25.67 -1.98
N ALA D 414 -3.28 25.32 -1.79
CA ALA D 414 -2.78 24.10 -2.35
C ALA D 414 -3.42 22.96 -1.55
N LYS D 415 -3.53 23.16 -0.24
CA LYS D 415 -4.14 22.12 0.57
C LYS D 415 -5.62 21.98 0.22
N PHE D 416 -6.31 23.08 -0.08
CA PHE D 416 -7.71 23.01 -0.46
C PHE D 416 -7.81 22.19 -1.76
N ILE D 417 -6.99 22.59 -2.73
CA ILE D 417 -6.95 21.91 -4.02
C ILE D 417 -6.72 20.42 -3.83
N LEU D 418 -5.78 20.03 -2.97
CA LEU D 418 -5.52 18.60 -2.78
C LEU D 418 -6.68 17.90 -2.08
N GLN D 419 -7.32 18.59 -1.14
CA GLN D 419 -8.46 17.99 -0.43
C GLN D 419 -9.66 17.79 -1.35
N ILE D 420 -9.92 18.78 -2.21
CA ILE D 420 -11.01 18.67 -3.15
C ILE D 420 -10.79 17.43 -4.02
N MET D 421 -9.59 17.31 -4.58
CA MET D 421 -9.21 16.19 -5.43
C MET D 421 -9.41 14.85 -4.72
N CYS D 422 -9.22 14.83 -3.41
CA CYS D 422 -9.39 13.59 -2.67
C CYS D 422 -10.83 13.32 -2.40
N GLU D 423 -11.55 14.38 -2.10
CA GLU D 423 -12.97 14.31 -1.77
C GLU D 423 -13.78 13.79 -2.94
N LEU D 424 -13.49 14.27 -4.14
CA LEU D 424 -14.20 13.83 -5.35
C LEU D 424 -13.68 12.51 -5.87
N ASN D 425 -12.62 11.99 -5.26
CA ASN D 425 -12.01 10.74 -5.73
C ASN D 425 -11.55 10.76 -7.19
N VAL D 426 -11.20 11.95 -7.69
CA VAL D 426 -10.74 12.14 -9.07
C VAL D 426 -9.75 11.11 -9.59
N LEU D 427 -8.61 10.96 -8.92
CA LEU D 427 -7.60 10.01 -9.36
C LEU D 427 -8.07 8.56 -9.47
N PRO D 428 -8.71 8.00 -8.45
CA PRO D 428 -9.15 6.60 -8.58
C PRO D 428 -10.15 6.41 -9.71
N LEU D 429 -11.11 7.33 -9.78
CA LEU D 429 -12.15 7.28 -10.80
C LEU D 429 -11.49 7.36 -12.18
N ALA D 430 -10.56 8.31 -12.33
CA ALA D 430 -9.82 8.51 -13.57
C ALA D 430 -9.08 7.23 -14.02
N LEU D 431 -8.50 6.50 -13.07
CA LEU D 431 -7.79 5.28 -13.43
C LEU D 431 -8.79 4.25 -13.95
N GLN D 432 -9.90 4.10 -13.25
CA GLN D 432 -10.95 3.17 -13.65
C GLN D 432 -11.52 3.49 -15.03
N ILE D 433 -11.81 4.77 -15.26
CA ILE D 433 -12.34 5.17 -16.54
C ILE D 433 -11.33 4.86 -17.64
N THR D 434 -10.07 5.22 -17.42
CA THR D 434 -9.01 5.00 -18.42
C THR D 434 -8.77 3.52 -18.68
N ASN D 435 -8.83 2.69 -17.65
CA ASN D 435 -8.63 1.24 -17.80
C ASN D 435 -9.78 0.59 -18.56
N ILE D 436 -10.93 1.26 -18.61
CA ILE D 436 -12.11 0.75 -19.28
C ILE D 436 -12.14 1.21 -20.73
N ALA D 437 -12.02 2.51 -20.93
CA ALA D 437 -12.02 3.03 -22.28
C ALA D 437 -10.75 2.58 -22.97
N GLY D 438 -9.67 2.41 -22.21
CA GLY D 438 -8.41 1.98 -22.79
C GLY D 438 -7.69 3.09 -23.54
N ASN D 439 -7.76 4.30 -23.01
CA ASN D 439 -7.13 5.45 -23.60
C ASN D 439 -5.92 5.86 -22.75
N ILE D 440 -5.61 7.16 -22.70
CA ILE D 440 -4.47 7.66 -21.95
C ILE D 440 -5.00 8.50 -20.78
N MET D 441 -4.51 8.23 -19.57
CA MET D 441 -4.98 8.92 -18.37
C MET D 441 -4.83 10.44 -18.33
N SER D 442 -3.82 10.99 -18.97
CA SER D 442 -3.65 12.42 -18.94
C SER D 442 -4.80 13.02 -19.73
N ARG D 443 -5.28 12.28 -20.70
CA ARG D 443 -6.39 12.76 -21.51
C ARG D 443 -7.70 12.57 -20.73
N THR D 444 -7.80 11.48 -19.97
CA THR D 444 -8.99 11.26 -19.17
C THR D 444 -9.11 12.45 -18.21
N LEU D 445 -7.98 12.92 -17.68
CA LEU D 445 -8.02 14.03 -16.76
C LEU D 445 -8.31 15.37 -17.42
N MET D 446 -7.96 15.53 -18.69
CA MET D 446 -8.19 16.80 -19.39
C MET D 446 -9.65 16.99 -19.77
N GLY D 447 -10.49 16.01 -19.46
CA GLY D 447 -11.90 16.10 -19.81
C GLY D 447 -12.10 15.81 -21.29
N GLY D 448 -13.37 15.77 -21.70
CA GLY D 448 -13.65 15.48 -23.08
C GLY D 448 -13.97 14.01 -23.16
N ARG D 449 -15.26 13.68 -23.23
CA ARG D 449 -15.66 12.29 -23.29
C ARG D 449 -15.55 11.65 -24.67
N SER D 450 -15.76 12.40 -25.74
CA SER D 450 -15.67 11.78 -27.07
C SER D 450 -14.41 10.96 -27.26
N GLU D 451 -13.29 11.45 -26.74
CA GLU D 451 -12.01 10.77 -26.89
C GLU D 451 -11.90 9.44 -26.16
N ARG D 452 -12.51 9.32 -24.99
CA ARG D 452 -12.50 8.04 -24.27
C ARG D 452 -13.25 7.01 -25.11
N ASN D 453 -14.44 7.41 -25.56
CA ASN D 453 -15.30 6.60 -26.42
C ASN D 453 -14.47 6.10 -27.60
N GLU D 454 -13.91 7.04 -28.35
CA GLU D 454 -13.11 6.73 -29.52
C GLU D 454 -12.14 5.57 -29.27
N PHE D 455 -11.39 5.66 -28.19
CA PHE D 455 -10.43 4.62 -27.87
C PHE D 455 -11.04 3.27 -27.53
N LEU D 456 -12.20 3.30 -26.88
CA LEU D 456 -12.84 2.05 -26.52
C LEU D 456 -13.29 1.33 -27.78
N LEU D 457 -13.92 2.07 -28.68
CA LEU D 457 -14.35 1.49 -29.94
C LEU D 457 -13.15 1.03 -30.76
N LEU D 458 -12.12 1.88 -30.86
CA LEU D 458 -10.92 1.49 -31.62
C LEU D 458 -10.41 0.13 -31.16
N HIS D 459 -10.23 -0.03 -29.85
CA HIS D 459 -9.77 -1.31 -29.31
C HIS D 459 -10.67 -2.48 -29.74
N ALA D 460 -11.98 -2.30 -29.57
CA ALA D 460 -12.95 -3.32 -29.92
C ALA D 460 -12.89 -3.68 -31.40
N PHE D 461 -12.88 -2.67 -32.27
CA PHE D 461 -12.78 -2.97 -33.68
C PHE D 461 -11.44 -3.58 -34.08
N TYR D 462 -10.33 -3.04 -33.60
CA TYR D 462 -9.05 -3.63 -33.96
C TYR D 462 -9.09 -5.10 -33.65
N GLU D 463 -9.53 -5.39 -32.44
CA GLU D 463 -9.55 -6.76 -31.96
C GLU D 463 -10.43 -7.71 -32.75
N ASN D 464 -11.46 -7.19 -33.39
CA ASN D 464 -12.37 -8.01 -34.20
C ASN D 464 -12.05 -7.92 -35.69
N ASN D 465 -10.81 -7.56 -35.99
CA ASN D 465 -10.33 -7.49 -37.36
C ASN D 465 -10.96 -6.48 -38.35
N TYR D 466 -11.47 -5.35 -37.85
CA TYR D 466 -12.04 -4.35 -38.74
C TYR D 466 -11.04 -3.23 -39.08
N ILE D 467 -11.27 -2.56 -40.20
CA ILE D 467 -10.44 -1.43 -40.61
C ILE D 467 -11.18 -0.36 -39.85
N VAL D 468 -10.49 0.50 -39.12
CA VAL D 468 -11.23 1.53 -38.41
C VAL D 468 -11.12 2.85 -39.14
N PRO D 469 -12.07 3.76 -38.91
CA PRO D 469 -11.99 5.04 -39.61
C PRO D 469 -10.68 5.78 -39.32
N ASP D 470 -10.11 6.41 -40.35
CA ASP D 470 -8.92 7.21 -40.17
C ASP D 470 -9.37 8.41 -39.32
N LYS D 471 -8.49 8.95 -38.50
CA LYS D 471 -8.83 10.12 -37.71
C LYS D 471 -9.01 11.26 -38.70
N GLN D 472 -10.13 11.97 -38.64
CA GLN D 472 -10.35 13.05 -39.61
C GLN D 472 -9.60 14.34 -39.33
N ILE D 473 -9.30 15.06 -40.41
CA ILE D 473 -8.59 16.34 -40.34
C ILE D 473 -8.97 17.19 -41.56
N ARG D 499 -23.91 26.29 -27.95
CA ARG D 499 -24.77 25.15 -28.28
C ARG D 499 -25.45 25.30 -29.65
N LYS D 500 -25.46 24.20 -30.42
CA LYS D 500 -26.08 24.18 -31.73
C LYS D 500 -27.52 23.68 -31.68
N LYS D 501 -28.19 23.73 -32.82
CA LYS D 501 -29.59 23.30 -32.94
C LYS D 501 -29.67 21.78 -33.13
N ALA D 502 -30.57 21.11 -32.41
CA ALA D 502 -30.71 19.65 -32.51
C ALA D 502 -30.69 19.14 -33.95
N ALA D 503 -30.15 17.95 -34.17
CA ALA D 503 -30.08 17.37 -35.50
C ALA D 503 -30.93 16.12 -35.66
N TYR D 504 -31.60 15.74 -34.58
CA TYR D 504 -32.47 14.58 -34.62
C TYR D 504 -33.38 14.56 -33.41
N ALA D 505 -34.34 13.63 -33.39
CA ALA D 505 -35.29 13.55 -32.29
C ALA D 505 -34.67 12.99 -31.01
N GLY D 506 -35.09 13.55 -29.87
CA GLY D 506 -34.57 13.11 -28.59
C GLY D 506 -35.47 12.14 -27.84
N GLY D 507 -35.72 12.44 -26.57
CA GLY D 507 -36.56 11.57 -25.76
C GLY D 507 -37.97 12.09 -25.73
N LEU D 508 -38.92 11.26 -25.32
CA LEU D 508 -40.31 11.67 -25.28
C LEU D 508 -40.69 12.17 -23.90
N VAL D 509 -41.28 13.36 -23.84
CA VAL D 509 -41.72 13.90 -22.57
C VAL D 509 -43.24 14.02 -22.50
N LEU D 510 -43.85 13.17 -21.68
CA LEU D 510 -45.31 13.17 -21.53
C LEU D 510 -45.82 14.51 -21.04
N ASP D 511 -47.04 14.85 -21.46
CA ASP D 511 -47.65 16.11 -21.06
C ASP D 511 -48.10 15.94 -19.62
N PRO D 512 -47.74 16.91 -18.75
CA PRO D 512 -48.12 16.81 -17.34
C PRO D 512 -49.51 17.24 -16.90
N LYS D 513 -50.00 16.55 -15.88
CA LYS D 513 -51.28 16.84 -15.28
C LYS D 513 -50.95 17.65 -14.02
N VAL D 514 -50.64 18.93 -14.26
CA VAL D 514 -50.27 19.89 -13.24
C VAL D 514 -51.21 19.97 -12.04
N GLY D 515 -50.63 20.22 -10.87
CA GLY D 515 -51.42 20.33 -9.66
C GLY D 515 -50.82 19.59 -8.48
N PHE D 516 -51.37 19.81 -7.29
CA PHE D 516 -50.90 19.18 -6.06
C PHE D 516 -51.53 17.80 -5.88
N TYR D 517 -50.82 16.89 -5.21
CA TYR D 517 -51.33 15.55 -4.96
C TYR D 517 -51.20 15.18 -3.48
N ASP D 518 -52.21 14.48 -2.95
CA ASP D 518 -52.19 14.07 -1.54
C ASP D 518 -51.96 12.59 -1.40
N LYS D 519 -52.46 11.83 -2.37
CA LYS D 519 -52.31 10.38 -2.37
C LYS D 519 -50.91 10.05 -2.87
N PHE D 520 -50.42 8.86 -2.53
CA PHE D 520 -49.08 8.43 -2.94
C PHE D 520 -48.90 8.42 -4.45
N ILE D 521 -47.70 8.79 -4.89
CA ILE D 521 -47.35 8.77 -6.31
C ILE D 521 -46.30 7.69 -6.53
N LEU D 522 -46.55 6.81 -7.50
CA LEU D 522 -45.63 5.73 -7.82
C LEU D 522 -44.76 6.17 -8.98
N LEU D 523 -43.44 6.17 -8.77
CA LEU D 523 -42.50 6.56 -9.80
C LEU D 523 -41.73 5.38 -10.34
N LEU D 524 -41.99 5.01 -11.61
CA LEU D 524 -41.29 3.88 -12.22
C LEU D 524 -40.20 4.38 -13.17
N ASP D 525 -39.02 3.76 -13.05
CA ASP D 525 -37.83 4.12 -13.81
C ASP D 525 -37.31 2.92 -14.59
N PHE D 526 -36.70 3.18 -15.74
CA PHE D 526 -36.09 2.09 -16.49
C PHE D 526 -34.59 2.10 -16.14
N ASN D 527 -34.01 0.93 -15.92
CA ASN D 527 -32.59 0.83 -15.60
C ASN D 527 -31.82 0.94 -16.91
N SER D 528 -31.08 2.03 -17.10
CA SER D 528 -30.28 2.23 -18.32
C SER D 528 -31.05 1.95 -19.60
N LEU D 529 -31.88 2.92 -20.01
CA LEU D 529 -32.69 2.76 -21.21
C LEU D 529 -31.87 2.63 -22.48
N TYR D 530 -31.17 3.71 -22.83
CA TYR D 530 -30.35 3.75 -24.03
C TYR D 530 -29.34 2.60 -24.13
N PRO D 531 -28.56 2.38 -23.07
CA PRO D 531 -27.61 1.28 -23.13
C PRO D 531 -28.33 -0.06 -23.37
N SER D 532 -29.43 -0.28 -22.68
CA SER D 532 -30.17 -1.54 -22.84
C SER D 532 -30.77 -1.66 -24.21
N ILE D 533 -31.34 -0.56 -24.69
CA ILE D 533 -31.94 -0.52 -26.01
C ILE D 533 -30.92 -0.95 -27.06
N ILE D 534 -29.70 -0.44 -26.93
CA ILE D 534 -28.64 -0.79 -27.86
C ILE D 534 -28.34 -2.29 -27.84
N GLN D 535 -28.44 -2.93 -26.68
CA GLN D 535 -28.19 -4.38 -26.57
C GLN D 535 -29.40 -5.16 -27.01
N GLU D 536 -30.54 -4.73 -26.46
CA GLU D 536 -31.83 -5.32 -26.73
C GLU D 536 -32.06 -5.50 -28.24
N PHE D 537 -31.94 -4.40 -28.97
CA PHE D 537 -32.15 -4.41 -30.40
C PHE D 537 -30.92 -4.53 -31.28
N ASN D 538 -29.80 -4.89 -30.68
CA ASN D 538 -28.55 -5.10 -31.40
C ASN D 538 -28.22 -3.96 -32.37
N ILE D 539 -28.31 -2.71 -31.90
CA ILE D 539 -28.02 -1.53 -32.73
C ILE D 539 -26.51 -1.31 -32.82
N CYS D 540 -25.95 -1.48 -34.01
CA CYS D 540 -24.50 -1.33 -34.17
C CYS D 540 -24.09 -0.90 -35.57
N PHE D 541 -22.87 -0.38 -35.67
CA PHE D 541 -22.29 0.05 -36.95
C PHE D 541 -22.39 -1.11 -37.93
N THR D 542 -22.14 -2.32 -37.44
CA THR D 542 -22.17 -3.52 -38.26
C THR D 542 -23.51 -4.22 -38.45
N THR D 543 -24.59 -3.68 -37.89
CA THR D 543 -25.89 -4.34 -38.02
C THR D 543 -27.02 -3.49 -38.58
N VAL D 544 -26.92 -2.18 -38.44
CA VAL D 544 -27.95 -1.28 -38.94
C VAL D 544 -27.59 -0.74 -40.33
N GLN D 545 -28.43 -1.03 -41.33
CA GLN D 545 -28.22 -0.56 -42.71
C GLN D 545 -28.55 0.93 -42.70
N ARG D 546 -27.64 1.76 -43.18
CA ARG D 546 -27.88 3.20 -43.19
C ARG D 546 -27.18 3.84 -44.37
N VAL D 547 -27.40 5.13 -44.57
CA VAL D 547 -26.77 5.84 -45.68
C VAL D 547 -25.86 6.95 -45.15
N GLU D 561 -32.12 12.44 -42.62
CA GLU D 561 -33.17 12.22 -41.61
C GLU D 561 -34.13 11.13 -42.07
N GLN D 562 -33.94 9.94 -41.50
CA GLN D 562 -34.76 8.78 -41.79
C GLN D 562 -34.18 7.74 -40.85
N ILE D 563 -34.98 7.31 -39.90
CA ILE D 563 -34.51 6.34 -38.93
C ILE D 563 -34.52 4.96 -39.56
N PRO D 564 -33.34 4.33 -39.65
CA PRO D 564 -33.22 2.99 -40.25
C PRO D 564 -34.00 1.87 -39.56
N GLU D 565 -33.86 0.67 -40.10
CA GLU D 565 -34.57 -0.49 -39.60
C GLU D 565 -33.77 -1.29 -38.59
N LEU D 566 -34.47 -1.81 -37.58
CA LEU D 566 -33.82 -2.64 -36.58
C LEU D 566 -33.31 -3.83 -37.33
N PRO D 567 -32.14 -4.34 -36.96
CA PRO D 567 -31.61 -5.51 -37.67
C PRO D 567 -32.45 -6.77 -37.43
N ASP D 568 -32.22 -7.77 -38.26
CA ASP D 568 -32.94 -9.02 -38.14
C ASP D 568 -32.45 -9.72 -36.87
N PRO D 569 -33.39 -10.12 -35.99
CA PRO D 569 -33.00 -10.81 -34.75
C PRO D 569 -32.17 -12.08 -34.98
N SER D 570 -31.97 -12.44 -36.25
CA SER D 570 -31.18 -13.61 -36.56
C SER D 570 -29.71 -13.28 -36.29
N LEU D 571 -29.28 -12.11 -36.78
CA LEU D 571 -27.90 -11.61 -36.64
C LEU D 571 -27.33 -11.67 -35.23
N GLU D 572 -26.02 -11.93 -35.19
CA GLU D 572 -25.28 -12.01 -33.95
C GLU D 572 -25.10 -10.62 -33.35
N MET D 573 -24.63 -10.58 -32.10
CA MET D 573 -24.38 -9.34 -31.39
C MET D 573 -23.41 -8.48 -32.18
N GLY D 574 -23.72 -7.19 -32.31
CA GLY D 574 -22.81 -6.30 -33.01
C GLY D 574 -21.62 -6.02 -32.11
N ILE D 575 -20.57 -5.38 -32.64
CA ILE D 575 -19.39 -5.07 -31.84
C ILE D 575 -19.75 -4.04 -30.72
N LEU D 576 -20.60 -3.08 -31.03
CA LEU D 576 -21.01 -2.09 -30.04
C LEU D 576 -21.87 -2.76 -28.96
N PRO D 577 -22.85 -3.59 -29.37
CA PRO D 577 -23.68 -4.26 -28.36
C PRO D 577 -22.81 -5.06 -27.39
N ARG D 578 -21.91 -5.87 -27.93
CA ARG D 578 -21.00 -6.69 -27.12
C ARG D 578 -20.20 -5.88 -26.10
N GLU D 579 -19.84 -4.67 -26.46
CA GLU D 579 -19.07 -3.83 -25.57
C GLU D 579 -19.92 -3.35 -24.40
N ILE D 580 -21.18 -3.05 -24.67
CA ILE D 580 -22.06 -2.59 -23.60
C ILE D 580 -22.32 -3.81 -22.72
N ARG D 581 -22.60 -4.94 -23.36
CA ARG D 581 -22.85 -6.16 -22.62
C ARG D 581 -21.73 -6.38 -21.61
N LYS D 582 -20.50 -6.23 -22.08
CA LYS D 582 -19.33 -6.40 -21.22
C LYS D 582 -19.33 -5.46 -20.04
N LEU D 583 -19.73 -4.21 -20.25
CA LEU D 583 -19.76 -3.26 -19.17
C LEU D 583 -20.84 -3.67 -18.16
N VAL D 584 -21.97 -4.17 -18.66
CA VAL D 584 -23.08 -4.61 -17.80
C VAL D 584 -22.71 -5.86 -16.99
N GLU D 585 -21.96 -6.78 -17.57
CA GLU D 585 -21.55 -7.97 -16.84
C GLU D 585 -20.57 -7.59 -15.73
N ARG D 586 -19.57 -6.78 -16.05
CA ARG D 586 -18.64 -6.37 -15.00
C ARG D 586 -19.40 -5.65 -13.88
N ARG D 587 -20.29 -4.75 -14.23
CA ARG D 587 -21.03 -4.03 -13.21
C ARG D 587 -21.78 -5.02 -12.30
N LYS D 588 -22.30 -6.09 -12.88
CA LYS D 588 -23.01 -7.09 -12.12
C LYS D 588 -22.05 -7.80 -11.17
N GLN D 589 -20.87 -8.08 -11.70
CA GLN D 589 -19.79 -8.74 -10.95
C GLN D 589 -19.48 -8.01 -9.65
N VAL D 590 -19.27 -6.71 -9.80
CA VAL D 590 -18.93 -5.83 -8.70
C VAL D 590 -20.04 -5.72 -7.68
N LYS D 591 -21.28 -5.48 -8.11
CA LYS D 591 -22.37 -5.35 -7.15
C LYS D 591 -22.45 -6.63 -6.32
N GLN D 592 -22.16 -7.74 -6.97
CA GLN D 592 -22.18 -9.03 -6.29
C GLN D 592 -21.13 -9.05 -5.20
N LEU D 593 -19.93 -8.58 -5.50
CA LEU D 593 -18.88 -8.56 -4.50
C LEU D 593 -19.24 -7.59 -3.35
N MET D 594 -19.89 -6.47 -3.66
CA MET D 594 -20.26 -5.49 -2.62
C MET D 594 -21.17 -6.10 -1.57
N LYS D 595 -21.99 -7.05 -1.99
CA LYS D 595 -22.93 -7.72 -1.09
C LYS D 595 -22.25 -8.78 -0.22
N GLN D 596 -20.95 -8.93 -0.40
CA GLN D 596 -20.16 -9.91 0.34
C GLN D 596 -19.91 -9.57 1.82
N GLN D 597 -19.47 -10.59 2.56
CA GLN D 597 -19.19 -10.49 4.00
C GLN D 597 -17.73 -10.86 4.35
N ASP D 598 -17.30 -10.42 5.53
CA ASP D 598 -15.94 -10.69 6.01
C ASP D 598 -14.98 -10.30 4.89
N LEU D 599 -15.18 -9.08 4.42
CA LEU D 599 -14.44 -8.47 3.33
C LEU D 599 -13.44 -7.48 3.90
N ASN D 600 -12.59 -6.93 3.04
CA ASN D 600 -11.65 -5.92 3.47
C ASN D 600 -12.52 -4.65 3.33
N PRO D 601 -12.92 -4.05 4.47
CA PRO D 601 -13.76 -2.85 4.42
C PRO D 601 -13.44 -1.73 3.41
N ASP D 602 -12.17 -1.50 3.14
CA ASP D 602 -11.79 -0.44 2.19
C ASP D 602 -12.29 -0.75 0.76
N LEU D 603 -12.40 -2.04 0.47
CA LEU D 603 -12.84 -2.53 -0.85
C LEU D 603 -14.17 -1.97 -1.32
N ILE D 604 -15.06 -1.68 -0.40
CA ILE D 604 -16.37 -1.16 -0.74
C ILE D 604 -16.35 0.19 -1.44
N LEU D 605 -15.52 1.13 -0.98
CA LEU D 605 -15.46 2.43 -1.65
C LEU D 605 -14.92 2.17 -3.06
N GLN D 606 -14.00 1.22 -3.15
CA GLN D 606 -13.41 0.90 -4.43
C GLN D 606 -14.43 0.39 -5.42
N TYR D 607 -15.20 -0.62 -5.02
CA TYR D 607 -16.20 -1.18 -5.91
C TYR D 607 -17.19 -0.08 -6.32
N ASP D 608 -17.45 0.83 -5.40
CA ASP D 608 -18.35 1.93 -5.70
C ASP D 608 -17.82 2.80 -6.82
N ILE D 609 -16.51 3.03 -6.83
CA ILE D 609 -15.89 3.85 -7.88
C ILE D 609 -15.96 3.13 -9.24
N ARG D 610 -15.60 1.85 -9.23
CA ARG D 610 -15.64 1.01 -10.42
C ARG D 610 -17.04 1.07 -11.02
N GLN D 611 -18.02 0.85 -10.15
CA GLN D 611 -19.41 0.85 -10.53
C GLN D 611 -19.69 2.11 -11.33
N LYS D 612 -19.54 3.24 -10.63
CA LYS D 612 -19.79 4.54 -11.23
C LYS D 612 -19.09 4.69 -12.59
N ALA D 613 -17.86 4.21 -12.68
CA ALA D 613 -17.10 4.31 -13.90
C ALA D 613 -17.67 3.48 -15.05
N LEU D 614 -18.17 2.27 -14.74
CA LEU D 614 -18.75 1.40 -15.76
C LEU D 614 -20.04 2.03 -16.29
N LYS D 615 -20.78 2.69 -15.42
CA LYS D 615 -22.03 3.33 -15.80
C LYS D 615 -21.74 4.55 -16.67
N LEU D 616 -20.85 5.43 -16.20
CA LEU D 616 -20.48 6.64 -16.96
C LEU D 616 -20.10 6.29 -18.39
N THR D 617 -19.27 5.25 -18.50
CA THR D 617 -18.77 4.76 -19.76
C THR D 617 -19.89 4.31 -20.67
N ALA D 618 -20.72 3.40 -20.15
CA ALA D 618 -21.85 2.84 -20.89
C ALA D 618 -22.78 3.92 -21.45
N ASN D 619 -23.08 4.95 -20.65
CA ASN D 619 -23.94 6.02 -21.13
C ASN D 619 -23.28 6.85 -22.21
N SER D 620 -22.06 7.28 -21.94
CA SER D 620 -21.34 8.09 -22.91
C SER D 620 -21.30 7.42 -24.28
N MET D 621 -21.48 6.11 -24.30
CA MET D 621 -21.49 5.33 -25.52
C MET D 621 -22.51 5.93 -26.52
N TYR D 622 -23.69 6.34 -26.01
CA TYR D 622 -24.73 6.95 -26.84
C TYR D 622 -24.40 8.36 -27.28
N GLY D 623 -24.13 9.22 -26.30
CA GLY D 623 -23.81 10.59 -26.61
C GLY D 623 -22.77 10.71 -27.73
N CYS D 624 -21.91 9.71 -27.85
CA CYS D 624 -20.89 9.75 -28.88
C CYS D 624 -21.39 9.47 -30.28
N LEU D 625 -22.36 8.58 -30.39
CA LEU D 625 -22.91 8.26 -31.70
C LEU D 625 -23.50 9.52 -32.37
N GLY D 626 -23.96 10.45 -31.55
CA GLY D 626 -24.57 11.65 -32.09
C GLY D 626 -23.77 12.93 -32.03
N PHE D 627 -22.47 12.82 -31.82
CA PHE D 627 -21.57 13.97 -31.76
C PHE D 627 -20.92 14.10 -33.14
N SER D 628 -21.31 15.13 -33.90
CA SER D 628 -20.84 15.33 -35.28
C SER D 628 -19.34 15.26 -35.52
N TYR D 629 -18.54 15.59 -34.50
CA TYR D 629 -17.08 15.57 -34.62
C TYR D 629 -16.41 14.30 -34.12
N SER D 630 -17.19 13.30 -33.72
CA SER D 630 -16.60 12.05 -33.26
C SER D 630 -16.04 11.22 -34.42
N ARG D 631 -15.01 10.44 -34.12
CA ARG D 631 -14.40 9.60 -35.13
C ARG D 631 -15.40 8.51 -35.51
N PHE D 632 -16.46 8.37 -34.71
CA PHE D 632 -17.46 7.36 -34.99
C PHE D 632 -18.84 7.95 -35.04
N TYR D 633 -18.94 9.13 -35.62
CA TYR D 633 -20.22 9.80 -35.76
C TYR D 633 -21.10 8.86 -36.55
N ALA D 634 -22.36 8.77 -36.15
CA ALA D 634 -23.30 7.88 -36.84
C ALA D 634 -24.68 8.30 -36.38
N LYS D 635 -25.09 9.47 -36.83
CA LYS D 635 -26.39 10.00 -36.47
C LYS D 635 -27.50 8.97 -36.57
N PRO D 636 -27.57 8.22 -37.68
CA PRO D 636 -28.61 7.20 -37.85
C PRO D 636 -28.81 6.32 -36.60
N LEU D 637 -27.71 5.75 -36.11
CA LEU D 637 -27.74 4.89 -34.93
C LEU D 637 -28.25 5.65 -33.71
N ALA D 638 -27.75 6.87 -33.52
CA ALA D 638 -28.18 7.64 -32.38
C ALA D 638 -29.68 7.81 -32.44
N ALA D 639 -30.17 8.25 -33.60
CA ALA D 639 -31.60 8.48 -33.80
C ALA D 639 -32.43 7.19 -33.67
N LEU D 640 -31.88 6.05 -34.09
CA LEU D 640 -32.62 4.81 -33.97
C LEU D 640 -32.77 4.48 -32.48
N VAL D 641 -31.76 4.84 -31.70
CA VAL D 641 -31.76 4.60 -30.26
C VAL D 641 -32.86 5.43 -29.58
N THR D 642 -32.91 6.72 -29.87
CA THR D 642 -33.90 7.60 -29.26
C THR D 642 -35.31 7.31 -29.73
N TYR D 643 -35.42 6.68 -30.89
CA TYR D 643 -36.72 6.32 -31.46
C TYR D 643 -37.24 5.16 -30.60
N LYS D 644 -36.52 4.03 -30.60
CA LYS D 644 -36.95 2.91 -29.77
C LYS D 644 -37.24 3.44 -28.37
N GLY D 645 -36.59 4.52 -28.00
CA GLY D 645 -36.80 5.10 -26.70
C GLY D 645 -38.20 5.65 -26.56
N ARG D 646 -38.58 6.52 -27.48
CA ARG D 646 -39.91 7.12 -27.44
C ARG D 646 -40.98 6.05 -27.62
N GLU D 647 -40.73 5.09 -28.50
CA GLU D 647 -41.67 4.01 -28.73
C GLU D 647 -41.94 3.22 -27.42
N ILE D 648 -40.89 2.90 -26.70
CA ILE D 648 -41.00 2.15 -25.44
C ILE D 648 -41.66 2.94 -24.31
N LEU D 649 -41.41 4.23 -24.25
CA LEU D 649 -42.05 5.01 -23.22
C LEU D 649 -43.56 4.95 -23.49
N MET D 650 -43.96 5.26 -24.73
CA MET D 650 -45.37 5.26 -25.15
C MET D 650 -46.11 3.98 -24.79
N HIS D 651 -45.60 2.84 -25.25
CA HIS D 651 -46.24 1.56 -24.97
C HIS D 651 -46.34 1.29 -23.49
N THR D 652 -45.46 1.90 -22.73
CA THR D 652 -45.47 1.70 -21.31
C THR D 652 -46.55 2.59 -20.71
N LYS D 653 -46.69 3.81 -21.21
CA LYS D 653 -47.72 4.72 -20.72
C LYS D 653 -49.10 4.12 -20.97
N GLU D 654 -49.34 3.74 -22.23
CA GLU D 654 -50.60 3.15 -22.64
C GLU D 654 -50.94 1.89 -21.84
N MET D 655 -49.93 1.06 -21.60
CA MET D 655 -50.12 -0.18 -20.85
C MET D 655 -50.52 0.05 -19.40
N VAL D 656 -49.96 1.08 -18.78
CA VAL D 656 -50.29 1.36 -17.39
C VAL D 656 -51.70 1.93 -17.33
N GLN D 657 -52.13 2.53 -18.43
CA GLN D 657 -53.48 3.08 -18.48
C GLN D 657 -54.48 1.95 -18.63
N LYS D 658 -54.19 0.99 -19.50
CA LYS D 658 -55.08 -0.15 -19.72
C LYS D 658 -55.28 -0.93 -18.42
N MET D 659 -54.44 -0.64 -17.43
CA MET D 659 -54.55 -1.28 -16.14
C MET D 659 -55.39 -0.36 -15.25
N ASN D 660 -56.05 0.60 -15.89
CA ASN D 660 -56.91 1.59 -15.24
C ASN D 660 -56.20 2.42 -14.16
N LEU D 661 -54.92 2.70 -14.39
CA LEU D 661 -54.10 3.50 -13.47
C LEU D 661 -53.81 4.87 -14.08
N GLU D 662 -53.84 5.91 -13.27
CA GLU D 662 -53.60 7.25 -13.78
C GLU D 662 -52.13 7.56 -13.97
N VAL D 663 -51.80 8.02 -15.18
CA VAL D 663 -50.43 8.40 -15.50
C VAL D 663 -50.42 9.92 -15.61
N ILE D 664 -49.77 10.56 -14.64
CA ILE D 664 -49.70 12.02 -14.59
C ILE D 664 -48.47 12.64 -15.23
N TYR D 665 -47.40 11.87 -15.34
CA TYR D 665 -46.15 12.39 -15.89
C TYR D 665 -45.15 11.33 -16.35
N GLY D 666 -44.22 11.74 -17.21
CA GLY D 666 -43.23 10.81 -17.71
C GLY D 666 -42.14 11.51 -18.51
N ASP D 667 -40.88 11.17 -18.24
CA ASP D 667 -39.77 11.79 -18.96
C ASP D 667 -38.71 10.81 -19.51
N THR D 668 -38.68 10.69 -20.83
CA THR D 668 -37.72 9.82 -21.51
C THR D 668 -37.68 8.37 -21.08
N ASP D 669 -37.55 8.13 -19.78
CA ASP D 669 -37.43 6.77 -19.28
C ASP D 669 -38.21 6.54 -17.97
N SER D 670 -39.03 7.50 -17.61
CA SER D 670 -39.79 7.44 -16.37
C SER D 670 -41.30 7.62 -16.54
N ILE D 671 -42.03 6.98 -15.63
CA ILE D 671 -43.48 7.01 -15.60
C ILE D 671 -43.95 7.38 -14.20
N MET D 672 -44.80 8.40 -14.11
CA MET D 672 -45.34 8.80 -12.81
C MET D 672 -46.79 8.37 -12.73
N ILE D 673 -47.10 7.58 -11.72
CA ILE D 673 -48.43 7.05 -11.51
C ILE D 673 -49.10 7.54 -10.25
N ASN D 674 -50.30 8.08 -10.40
CA ASN D 674 -51.06 8.55 -9.23
C ASN D 674 -51.94 7.39 -8.78
N THR D 675 -51.56 6.78 -7.67
CA THR D 675 -52.29 5.64 -7.13
C THR D 675 -53.63 6.03 -6.53
N ASN D 676 -53.74 7.26 -6.06
CA ASN D 676 -54.96 7.78 -5.45
C ASN D 676 -55.22 6.99 -4.17
N SER D 677 -54.17 6.33 -3.71
CA SER D 677 -54.22 5.53 -2.49
C SER D 677 -53.49 6.25 -1.36
N THR D 678 -53.66 5.75 -0.14
CA THR D 678 -53.03 6.33 1.03
C THR D 678 -52.39 5.20 1.82
N ASN D 679 -52.63 3.99 1.37
CA ASN D 679 -52.07 2.81 2.02
C ASN D 679 -50.75 2.52 1.32
N LEU D 680 -49.64 2.77 2.01
CA LEU D 680 -48.32 2.54 1.44
C LEU D 680 -48.10 1.13 0.92
N GLU D 681 -48.21 0.14 1.79
CA GLU D 681 -47.99 -1.25 1.41
C GLU D 681 -48.76 -1.66 0.15
N GLU D 682 -49.93 -1.06 -0.05
CA GLU D 682 -50.74 -1.35 -1.23
C GLU D 682 -50.08 -0.76 -2.48
N VAL D 683 -49.52 0.44 -2.33
CA VAL D 683 -48.85 1.13 -3.44
C VAL D 683 -47.73 0.23 -3.97
N PHE D 684 -46.88 -0.26 -3.07
CA PHE D 684 -45.78 -1.12 -3.47
C PHE D 684 -46.24 -2.35 -4.22
N LYS D 685 -47.30 -2.99 -3.74
CA LYS D 685 -47.82 -4.17 -4.42
C LYS D 685 -48.25 -3.76 -5.82
N LEU D 686 -48.77 -2.54 -5.93
CA LEU D 686 -49.21 -2.00 -7.21
C LEU D 686 -47.99 -1.83 -8.10
N GLY D 687 -46.99 -1.13 -7.58
CA GLY D 687 -45.76 -0.94 -8.34
C GLY D 687 -45.26 -2.30 -8.81
N ASN D 688 -44.85 -3.16 -7.88
CA ASN D 688 -44.36 -4.49 -8.23
C ASN D 688 -45.27 -5.19 -9.21
N LYS D 689 -46.56 -4.86 -9.17
CA LYS D 689 -47.54 -5.46 -10.06
C LYS D 689 -47.27 -4.94 -11.47
N VAL D 690 -47.17 -3.62 -11.58
CA VAL D 690 -46.91 -2.97 -12.87
C VAL D 690 -45.55 -3.43 -13.39
N LYS D 691 -44.57 -3.43 -12.50
CA LYS D 691 -43.21 -3.85 -12.85
C LYS D 691 -43.29 -5.15 -13.60
N SER D 692 -43.59 -6.23 -12.90
CA SER D 692 -43.67 -7.55 -13.49
C SER D 692 -44.28 -7.58 -14.88
N GLU D 693 -45.33 -6.78 -15.08
CA GLU D 693 -46.01 -6.73 -16.37
C GLU D 693 -45.12 -6.18 -17.48
N VAL D 694 -44.58 -4.99 -17.25
CA VAL D 694 -43.71 -4.34 -18.23
C VAL D 694 -42.47 -5.19 -18.52
N ASN D 695 -41.72 -5.52 -17.47
CA ASN D 695 -40.49 -6.32 -17.59
C ASN D 695 -40.68 -7.68 -18.26
N LYS D 696 -41.92 -8.05 -18.54
CA LYS D 696 -42.16 -9.34 -19.17
C LYS D 696 -42.11 -9.15 -20.67
N LEU D 697 -42.12 -7.88 -21.09
CA LEU D 697 -42.10 -7.52 -22.50
C LEU D 697 -40.74 -7.56 -23.20
N TYR D 698 -39.67 -7.33 -22.45
CA TYR D 698 -38.35 -7.30 -23.03
C TYR D 698 -37.40 -8.35 -22.47
N LYS D 699 -36.36 -8.68 -23.25
CA LYS D 699 -35.40 -9.68 -22.86
C LYS D 699 -34.30 -9.17 -21.93
N LEU D 700 -33.97 -7.90 -22.01
CA LEU D 700 -32.92 -7.31 -21.17
C LEU D 700 -33.39 -6.06 -20.46
N LEU D 701 -34.21 -5.26 -21.12
CA LEU D 701 -34.71 -4.02 -20.53
C LEU D 701 -35.54 -4.32 -19.28
N GLU D 702 -35.35 -3.51 -18.24
CA GLU D 702 -36.07 -3.69 -16.98
C GLU D 702 -36.45 -2.35 -16.43
N ILE D 703 -37.68 -2.24 -15.95
CA ILE D 703 -38.15 -1.01 -15.36
C ILE D 703 -38.28 -1.31 -13.87
N ASP D 704 -38.13 -0.29 -13.02
CA ASP D 704 -38.20 -0.49 -11.58
C ASP D 704 -38.84 0.65 -10.80
N ILE D 705 -39.18 0.37 -9.55
CA ILE D 705 -39.77 1.36 -8.65
C ILE D 705 -38.64 2.31 -8.26
N ASP D 706 -38.63 3.51 -8.81
CA ASP D 706 -37.57 4.42 -8.43
C ASP D 706 -37.94 5.18 -7.16
N GLY D 707 -39.18 5.04 -6.71
CA GLY D 707 -39.60 5.74 -5.51
C GLY D 707 -41.10 5.92 -5.32
N VAL D 708 -41.47 6.67 -4.28
CA VAL D 708 -42.85 6.98 -3.94
C VAL D 708 -42.88 8.39 -3.33
N PHE D 709 -43.90 9.18 -3.67
CA PHE D 709 -44.02 10.53 -3.12
C PHE D 709 -45.24 10.59 -2.18
N LYS D 710 -45.11 11.26 -1.03
CA LYS D 710 -46.25 11.37 -0.13
C LYS D 710 -47.10 12.52 -0.62
N SER D 711 -46.45 13.48 -1.26
CA SER D 711 -47.14 14.64 -1.82
C SER D 711 -46.28 15.11 -2.98
N LEU D 712 -46.90 15.73 -3.98
CA LEU D 712 -46.20 16.22 -5.15
C LEU D 712 -46.76 17.50 -5.76
N LEU D 713 -45.91 18.48 -5.98
CA LEU D 713 -46.32 19.73 -6.59
C LEU D 713 -45.74 19.84 -8.02
N LEU D 714 -46.50 19.36 -9.00
CA LEU D 714 -46.09 19.34 -10.41
C LEU D 714 -46.48 20.62 -11.17
N LEU D 715 -45.51 21.46 -11.53
CA LEU D 715 -45.82 22.72 -12.23
C LEU D 715 -45.82 22.67 -13.76
N LYS D 716 -44.76 22.12 -14.34
CA LYS D 716 -44.64 22.00 -15.81
C LYS D 716 -43.76 20.80 -16.09
N LYS D 717 -43.48 20.59 -17.36
CA LYS D 717 -42.60 19.48 -17.74
C LYS D 717 -41.22 19.71 -17.12
N LYS D 718 -40.61 18.65 -16.61
CA LYS D 718 -39.28 18.73 -16.01
C LYS D 718 -39.24 19.84 -14.98
N LYS D 719 -40.23 19.91 -14.12
CA LYS D 719 -40.30 20.94 -13.09
C LYS D 719 -41.26 20.58 -11.98
N TYR D 720 -40.76 20.03 -10.89
CA TYR D 720 -41.64 19.67 -9.81
C TYR D 720 -40.97 19.70 -8.46
N ALA D 721 -41.75 19.47 -7.42
CA ALA D 721 -41.26 19.45 -6.05
C ALA D 721 -41.96 18.28 -5.44
N ALA D 722 -41.38 17.67 -4.41
CA ALA D 722 -42.01 16.52 -3.80
C ALA D 722 -41.39 16.07 -2.50
N LEU D 723 -42.14 15.28 -1.75
CA LEU D 723 -41.67 14.73 -0.50
C LEU D 723 -41.49 13.28 -0.86
N VAL D 724 -40.27 12.78 -0.68
CA VAL D 724 -39.98 11.39 -1.02
C VAL D 724 -40.02 10.47 0.19
N VAL D 725 -40.63 9.31 -0.02
CA VAL D 725 -40.78 8.31 1.02
C VAL D 725 -39.46 7.57 1.22
N GLU D 726 -39.07 7.37 2.47
CA GLU D 726 -37.84 6.65 2.82
C GLU D 726 -38.23 5.68 3.93
N PRO D 727 -38.73 4.49 3.56
CA PRO D 727 -39.17 3.43 4.49
C PRO D 727 -38.19 3.12 5.62
N THR D 728 -38.75 2.88 6.80
CA THR D 728 -37.96 2.56 7.98
C THR D 728 -38.36 1.19 8.53
N SER D 729 -39.10 1.17 9.65
CA SER D 729 -39.53 -0.08 10.26
C SER D 729 -41.04 -0.15 10.43
N ASP D 730 -41.60 -1.34 10.18
CA ASP D 730 -43.04 -1.61 10.31
C ASP D 730 -43.91 -0.79 9.35
N GLY D 731 -43.49 -0.72 8.08
CA GLY D 731 -44.26 0.03 7.11
C GLY D 731 -44.17 1.53 7.36
N ASN D 732 -43.41 1.93 8.37
CA ASN D 732 -43.25 3.36 8.70
C ASN D 732 -42.25 3.99 7.75
N TYR D 733 -42.20 5.33 7.74
CA TYR D 733 -41.29 6.03 6.86
C TYR D 733 -41.05 7.46 7.29
N VAL D 734 -40.01 8.07 6.73
CA VAL D 734 -39.68 9.46 6.99
C VAL D 734 -39.86 10.11 5.62
N THR D 735 -39.90 11.44 5.57
CA THR D 735 -40.09 12.13 4.31
C THR D 735 -38.95 13.10 4.03
N LYS D 736 -38.54 13.21 2.77
CA LYS D 736 -37.46 14.12 2.41
C LYS D 736 -37.83 14.93 1.16
N GLN D 737 -37.67 16.24 1.23
CA GLN D 737 -38.00 17.11 0.11
C GLN D 737 -37.01 16.97 -1.03
N GLU D 738 -37.53 16.81 -2.25
CA GLU D 738 -36.72 16.68 -3.46
C GLU D 738 -37.20 17.69 -4.51
N LEU D 739 -36.30 18.54 -4.99
CA LEU D 739 -36.63 19.54 -6.00
C LEU D 739 -36.13 19.12 -7.38
N LYS D 740 -36.73 19.68 -8.42
CA LYS D 740 -36.36 19.37 -9.79
C LYS D 740 -36.75 20.47 -10.77
N GLY D 741 -35.75 21.06 -11.41
CA GLY D 741 -36.00 22.10 -12.38
C GLY D 741 -36.63 23.43 -11.95
N LEU D 742 -37.22 23.49 -10.76
CA LEU D 742 -37.84 24.76 -10.34
C LEU D 742 -36.76 25.82 -10.39
N ASP D 743 -37.16 27.08 -10.53
CA ASP D 743 -36.19 28.17 -10.58
C ASP D 743 -35.35 28.21 -9.29
N ILE D 744 -35.86 27.56 -8.25
CA ILE D 744 -35.18 27.50 -6.95
C ILE D 744 -33.79 26.88 -7.02
N VAL D 745 -33.65 25.82 -7.81
CA VAL D 745 -32.37 25.11 -7.93
C VAL D 745 -31.46 25.69 -8.99
N ARG D 746 -31.88 26.79 -9.61
CA ARG D 746 -31.05 27.39 -10.64
C ARG D 746 -30.09 28.43 -10.11
N ARG D 747 -29.10 28.74 -10.92
CA ARG D 747 -28.05 29.69 -10.61
C ARG D 747 -28.34 31.11 -11.05
N ASP D 748 -29.20 31.27 -12.05
CA ASP D 748 -29.51 32.61 -12.55
C ASP D 748 -30.64 33.38 -11.82
N TRP D 749 -30.84 33.04 -10.54
CA TRP D 749 -31.83 33.69 -9.70
C TRP D 749 -31.20 33.92 -8.34
N CYS D 750 -31.19 35.16 -7.87
CA CYS D 750 -30.62 35.51 -6.56
C CYS D 750 -31.12 34.59 -5.43
N ASP D 751 -30.34 34.50 -4.35
CA ASP D 751 -30.70 33.65 -3.22
C ASP D 751 -31.94 34.15 -2.47
N LEU D 752 -32.16 35.46 -2.50
CA LEU D 752 -33.33 36.03 -1.84
C LEU D 752 -34.55 35.37 -2.46
N ALA D 753 -34.62 35.44 -3.78
CA ALA D 753 -35.72 34.85 -4.52
C ALA D 753 -35.80 33.36 -4.20
N LYS D 754 -34.69 32.65 -4.42
CA LYS D 754 -34.63 31.22 -4.19
C LYS D 754 -34.99 30.76 -2.78
N ASP D 755 -34.43 31.40 -1.77
CA ASP D 755 -34.73 31.01 -0.39
C ASP D 755 -36.22 31.20 -0.09
N THR D 756 -36.79 32.29 -0.61
CA THR D 756 -38.20 32.57 -0.42
C THR D 756 -39.04 31.48 -1.07
N GLY D 757 -38.81 31.26 -2.35
CA GLY D 757 -39.55 30.25 -3.08
C GLY D 757 -39.46 28.89 -2.42
N ASN D 758 -38.37 28.66 -1.70
CA ASN D 758 -38.16 27.38 -1.01
C ASN D 758 -39.10 27.32 0.18
N PHE D 759 -39.27 28.48 0.83
CA PHE D 759 -40.16 28.59 1.98
C PHE D 759 -41.54 28.16 1.49
N VAL D 760 -42.00 28.87 0.47
CA VAL D 760 -43.30 28.61 -0.13
C VAL D 760 -43.50 27.13 -0.46
N ILE D 761 -42.45 26.47 -0.97
CA ILE D 761 -42.53 25.06 -1.33
C ILE D 761 -42.64 24.14 -0.13
N GLY D 762 -41.93 24.47 0.95
CA GLY D 762 -41.99 23.66 2.15
C GLY D 762 -43.41 23.70 2.70
N GLN D 763 -43.98 24.89 2.68
CA GLN D 763 -45.34 25.11 3.15
C GLN D 763 -46.31 24.26 2.32
N ILE D 764 -46.35 24.51 1.02
CA ILE D 764 -47.24 23.80 0.12
C ILE D 764 -47.23 22.28 0.25
N LEU D 765 -46.08 21.70 0.58
CA LEU D 765 -45.99 20.25 0.71
C LEU D 765 -46.37 19.80 2.11
N SER D 766 -46.42 20.76 3.03
CA SER D 766 -46.76 20.52 4.44
C SER D 766 -48.02 19.67 4.69
N ASP D 767 -48.37 19.53 5.96
CA ASP D 767 -49.56 18.78 6.38
C ASP D 767 -50.67 19.75 6.78
N GLN D 768 -50.28 20.97 7.11
CA GLN D 768 -51.21 22.02 7.50
C GLN D 768 -52.35 22.14 6.48
N SER D 769 -53.48 22.67 6.93
CA SER D 769 -54.63 22.85 6.05
C SER D 769 -54.30 23.93 5.01
N ARG D 770 -54.95 23.85 3.86
CA ARG D 770 -54.71 24.82 2.79
C ARG D 770 -54.72 26.25 3.35
N ASP D 771 -55.68 26.54 4.23
CA ASP D 771 -55.79 27.86 4.82
C ASP D 771 -54.59 28.26 5.66
N THR D 772 -54.15 27.36 6.54
CA THR D 772 -53.00 27.65 7.39
C THR D 772 -51.84 28.11 6.52
N ILE D 773 -51.58 27.36 5.46
CA ILE D 773 -50.49 27.65 4.53
C ILE D 773 -50.60 29.01 3.84
N VAL D 774 -51.71 29.24 3.15
CA VAL D 774 -51.92 30.50 2.44
C VAL D 774 -51.65 31.70 3.35
N GLU D 775 -51.92 31.53 4.64
CA GLU D 775 -51.69 32.60 5.61
C GLU D 775 -50.21 32.74 5.90
N ASN D 776 -49.55 31.60 6.15
CA ASN D 776 -48.12 31.60 6.43
C ASN D 776 -47.31 32.19 5.29
N ILE D 777 -47.69 31.87 4.05
CA ILE D 777 -46.96 32.40 2.90
C ILE D 777 -47.15 33.91 2.82
N GLN D 778 -48.38 34.36 3.01
CA GLN D 778 -48.70 35.78 2.99
C GLN D 778 -47.87 36.46 4.08
N LYS D 779 -47.95 35.89 5.28
CA LYS D 779 -47.22 36.37 6.45
C LYS D 779 -45.74 36.56 6.12
N ARG D 780 -45.16 35.52 5.53
CA ARG D 780 -43.76 35.52 5.17
C ARG D 780 -43.41 36.52 4.07
N LEU D 781 -44.12 36.48 2.95
CA LEU D 781 -43.85 37.40 1.85
C LEU D 781 -43.84 38.87 2.27
N ILE D 782 -44.86 39.27 3.03
CA ILE D 782 -45.01 40.64 3.48
C ILE D 782 -43.81 41.09 4.31
N GLU D 783 -43.23 40.15 5.07
CA GLU D 783 -42.06 40.44 5.90
C GLU D 783 -40.87 40.68 4.97
N ILE D 784 -40.65 39.72 4.06
CA ILE D 784 -39.58 39.79 3.08
C ILE D 784 -39.58 41.17 2.42
N GLY D 785 -40.75 41.58 1.96
CA GLY D 785 -40.88 42.88 1.31
C GLY D 785 -40.37 44.02 2.16
N GLU D 786 -40.67 43.98 3.45
CA GLU D 786 -40.22 45.02 4.37
C GLU D 786 -38.72 44.96 4.53
N ASN D 787 -38.22 43.76 4.86
CA ASN D 787 -36.79 43.53 5.05
C ASN D 787 -35.98 44.03 3.84
N VAL D 788 -36.54 43.91 2.65
CA VAL D 788 -35.85 44.35 1.44
C VAL D 788 -35.81 45.87 1.40
N LEU D 789 -36.93 46.50 1.72
CA LEU D 789 -37.07 47.95 1.71
C LEU D 789 -36.28 48.66 2.82
N ASN D 790 -36.20 48.04 4.00
CA ASN D 790 -35.47 48.65 5.11
C ASN D 790 -33.97 48.41 5.00
N GLY D 791 -33.57 47.41 4.22
CA GLY D 791 -32.16 47.11 4.06
C GLY D 791 -31.59 46.12 5.05
N SER D 792 -32.40 45.14 5.44
CA SER D 792 -31.96 44.12 6.39
C SER D 792 -31.53 42.83 5.69
N VAL D 793 -31.53 42.83 4.36
CA VAL D 793 -31.12 41.66 3.59
C VAL D 793 -29.66 41.80 3.16
N PRO D 794 -28.83 40.78 3.48
CA PRO D 794 -27.39 40.70 3.17
C PRO D 794 -27.07 40.88 1.67
N VAL D 795 -26.15 41.79 1.39
CA VAL D 795 -25.74 42.11 0.00
C VAL D 795 -25.46 40.90 -0.87
N SER D 796 -25.21 39.76 -0.23
CA SER D 796 -24.90 38.52 -0.93
C SER D 796 -26.12 37.84 -1.57
N GLN D 797 -27.30 38.01 -0.95
CA GLN D 797 -28.51 37.39 -1.45
C GLN D 797 -29.09 38.05 -2.70
N PHE D 798 -28.62 39.26 -3.02
CA PHE D 798 -29.09 39.98 -4.21
C PHE D 798 -28.28 39.59 -5.44
N GLU D 799 -27.26 38.77 -5.23
CA GLU D 799 -26.39 38.32 -6.31
C GLU D 799 -27.03 37.36 -7.29
N ILE D 800 -26.79 37.61 -8.56
CA ILE D 800 -27.32 36.80 -9.65
C ILE D 800 -26.12 36.25 -10.44
N ASN D 801 -26.11 34.94 -10.67
CA ASN D 801 -25.01 34.31 -11.40
C ASN D 801 -25.39 33.79 -12.79
N LYS D 802 -24.49 33.94 -13.74
CA LYS D 802 -24.70 33.50 -15.12
C LYS D 802 -23.36 33.14 -15.76
N ALA D 803 -23.29 31.99 -16.41
CA ALA D 803 -22.04 31.56 -17.05
C ALA D 803 -21.97 32.05 -18.49
N LEU D 804 -20.78 32.46 -18.94
CA LEU D 804 -20.62 32.94 -20.31
C LEU D 804 -20.39 31.77 -21.24
N THR D 805 -21.07 31.77 -22.38
CA THR D 805 -20.92 30.70 -23.35
C THR D 805 -19.78 31.04 -24.26
N LYS D 806 -19.49 32.32 -24.36
CA LYS D 806 -18.42 32.79 -25.21
C LYS D 806 -17.55 33.77 -24.43
N ASP D 807 -16.36 34.07 -24.93
CA ASP D 807 -15.47 35.01 -24.27
C ASP D 807 -16.12 36.38 -24.38
N PRO D 808 -16.21 37.10 -23.25
CA PRO D 808 -16.82 38.43 -23.19
C PRO D 808 -16.58 39.40 -24.35
N GLN D 809 -15.61 39.12 -25.20
CA GLN D 809 -15.34 39.99 -26.34
C GLN D 809 -16.09 39.55 -27.58
N ASP D 810 -16.58 38.31 -27.56
CA ASP D 810 -17.30 37.77 -28.70
C ASP D 810 -18.81 38.03 -28.70
N TYR D 811 -19.26 38.97 -27.88
CA TYR D 811 -20.69 39.30 -27.83
C TYR D 811 -20.95 40.63 -28.53
N PRO D 812 -21.80 40.61 -29.58
CA PRO D 812 -22.14 41.83 -30.33
C PRO D 812 -23.17 42.76 -29.66
N ASP D 813 -24.20 42.17 -29.05
CA ASP D 813 -25.24 42.97 -28.37
C ASP D 813 -24.86 43.28 -26.93
N LYS D 814 -23.57 43.09 -26.62
CA LYS D 814 -23.01 43.33 -25.29
C LYS D 814 -23.92 44.01 -24.26
N LYS D 815 -23.88 45.35 -24.26
CA LYS D 815 -24.64 46.22 -23.34
C LYS D 815 -25.95 45.69 -22.73
N SER D 816 -26.76 45.03 -23.55
CA SER D 816 -28.05 44.51 -23.10
C SER D 816 -28.00 43.18 -22.32
N LEU D 817 -26.79 42.68 -22.07
CA LEU D 817 -26.62 41.43 -21.34
C LEU D 817 -25.82 41.67 -20.06
N PRO D 818 -26.50 41.65 -18.90
CA PRO D 818 -25.91 41.87 -17.57
C PRO D 818 -24.56 41.21 -17.30
N HIS D 819 -24.51 39.88 -17.31
CA HIS D 819 -23.25 39.18 -17.03
C HIS D 819 -22.13 39.54 -17.99
N VAL D 820 -22.42 39.57 -19.29
CA VAL D 820 -21.39 39.91 -20.28
C VAL D 820 -20.84 41.32 -20.05
N HIS D 821 -21.72 42.22 -19.62
CA HIS D 821 -21.29 43.58 -19.35
C HIS D 821 -20.36 43.56 -18.15
N VAL D 822 -20.82 43.01 -17.02
CA VAL D 822 -20.01 42.94 -15.81
C VAL D 822 -18.67 42.24 -16.08
N ALA D 823 -18.70 41.19 -16.90
CA ALA D 823 -17.49 40.46 -17.23
C ALA D 823 -16.45 41.38 -17.86
N LEU D 824 -16.86 42.15 -18.86
CA LEU D 824 -15.96 43.07 -19.55
C LEU D 824 -15.32 44.05 -18.58
N TRP D 825 -16.06 44.45 -17.55
CA TRP D 825 -15.51 45.36 -16.57
C TRP D 825 -14.38 44.64 -15.86
N ILE D 826 -14.72 43.52 -15.21
CA ILE D 826 -13.74 42.72 -14.50
C ILE D 826 -12.44 42.54 -15.27
N ASN D 827 -12.54 42.01 -16.49
CA ASN D 827 -11.36 41.76 -17.33
C ASN D 827 -10.48 42.98 -17.60
N SER D 828 -11.08 44.02 -18.15
CA SER D 828 -10.32 45.22 -18.49
C SER D 828 -9.92 46.10 -17.31
N GLN D 829 -10.38 45.76 -16.11
CA GLN D 829 -10.02 46.56 -14.94
C GLN D 829 -8.85 46.00 -14.13
N GLY D 830 -8.86 44.69 -13.85
CA GLY D 830 -7.78 44.12 -13.06
C GLY D 830 -7.02 42.90 -13.56
N GLY D 831 -6.61 42.06 -12.60
CA GLY D 831 -5.84 40.86 -12.91
C GLY D 831 -6.47 39.69 -13.66
N ARG D 832 -6.86 38.63 -12.93
CA ARG D 832 -7.49 37.46 -13.54
C ARG D 832 -8.58 37.88 -14.52
N LYS D 833 -8.71 37.13 -15.60
CA LYS D 833 -9.71 37.47 -16.60
C LYS D 833 -10.74 36.39 -16.89
N VAL D 834 -12.00 36.79 -16.86
CA VAL D 834 -13.14 35.92 -17.11
C VAL D 834 -13.18 35.46 -18.56
N LYS D 835 -13.44 34.17 -18.77
CA LYS D 835 -13.50 33.63 -20.11
C LYS D 835 -14.60 32.57 -20.23
N ALA D 836 -14.89 32.19 -21.48
CA ALA D 836 -15.90 31.19 -21.76
C ALA D 836 -15.88 30.10 -20.70
N GLY D 837 -17.05 29.74 -20.20
CA GLY D 837 -17.16 28.71 -19.18
C GLY D 837 -17.20 29.28 -17.79
N ASP D 838 -16.71 30.51 -17.64
CA ASP D 838 -16.67 31.21 -16.36
C ASP D 838 -18.06 31.72 -15.97
N THR D 839 -18.37 31.66 -14.67
CA THR D 839 -19.66 32.15 -14.21
C THR D 839 -19.42 33.54 -13.64
N VAL D 840 -20.25 34.51 -14.03
CA VAL D 840 -20.12 35.87 -13.52
C VAL D 840 -21.20 36.16 -12.48
N SER D 841 -20.82 36.84 -11.41
CA SER D 841 -21.74 37.19 -10.34
C SER D 841 -22.02 38.70 -10.45
N TYR D 842 -23.30 39.10 -10.32
CA TYR D 842 -23.66 40.51 -10.42
C TYR D 842 -24.93 40.88 -9.66
N VAL D 843 -25.25 42.17 -9.68
CA VAL D 843 -26.43 42.71 -9.02
C VAL D 843 -26.89 43.95 -9.77
N ILE D 844 -28.22 44.11 -9.86
CA ILE D 844 -28.79 45.27 -10.55
C ILE D 844 -28.80 46.41 -9.57
N CYS D 845 -28.37 47.58 -10.02
CA CYS D 845 -28.32 48.76 -9.16
C CYS D 845 -28.99 50.02 -9.67
N GLN D 846 -29.25 50.94 -8.73
CA GLN D 846 -29.83 52.22 -9.05
C GLN D 846 -28.67 53.13 -9.43
N ASP D 847 -28.50 53.33 -10.73
CA ASP D 847 -27.44 54.17 -11.26
C ASP D 847 -27.78 55.63 -11.13
N GLY D 848 -29.03 55.95 -11.46
CA GLY D 848 -29.49 57.31 -11.46
C GLY D 848 -29.28 57.73 -12.90
N SER D 849 -29.37 56.75 -13.80
CA SER D 849 -29.18 56.94 -15.23
C SER D 849 -30.40 56.51 -16.03
N ASN D 850 -31.49 56.20 -15.32
CA ASN D 850 -32.76 55.77 -15.90
C ASN D 850 -32.70 54.68 -16.99
N LEU D 851 -31.62 53.90 -17.01
CA LEU D 851 -31.48 52.81 -17.99
C LEU D 851 -32.24 51.57 -17.53
N THR D 852 -32.58 50.68 -18.47
CA THR D 852 -33.33 49.47 -18.12
C THR D 852 -32.53 48.68 -17.08
N ALA D 853 -33.20 47.85 -16.30
CA ALA D 853 -32.52 47.07 -15.27
C ALA D 853 -31.41 46.20 -15.87
N SER D 854 -31.59 45.81 -17.12
CA SER D 854 -30.63 44.96 -17.83
C SER D 854 -29.37 45.71 -18.28
N GLN D 855 -29.35 47.02 -18.03
CA GLN D 855 -28.20 47.84 -18.40
C GLN D 855 -27.60 48.47 -17.16
N ARG D 856 -28.16 48.11 -16.00
CA ARG D 856 -27.70 48.60 -14.72
C ARG D 856 -27.24 47.42 -13.88
N ALA D 857 -26.25 46.68 -14.38
CA ALA D 857 -25.70 45.51 -13.68
C ALA D 857 -24.27 45.79 -13.21
N TYR D 858 -23.95 45.39 -11.99
CA TYR D 858 -22.62 45.61 -11.43
C TYR D 858 -22.14 44.43 -10.59
N ALA D 859 -20.85 44.40 -10.28
CA ALA D 859 -20.27 43.34 -9.45
C ALA D 859 -20.46 43.70 -7.98
N PRO D 860 -20.68 42.69 -7.12
CA PRO D 860 -20.89 42.91 -5.68
C PRO D 860 -19.92 43.91 -5.04
N GLU D 861 -18.66 43.82 -5.46
CA GLU D 861 -17.58 44.67 -4.99
C GLU D 861 -17.78 46.10 -5.49
N GLN D 862 -18.08 46.22 -6.77
CA GLN D 862 -18.31 47.50 -7.43
C GLN D 862 -19.46 48.27 -6.74
N LEU D 863 -20.33 47.53 -6.07
CA LEU D 863 -21.48 48.10 -5.37
C LEU D 863 -21.14 48.60 -3.97
N GLN D 864 -20.65 47.67 -3.15
CA GLN D 864 -20.29 47.95 -1.77
C GLN D 864 -19.18 49.01 -1.65
N LYS D 865 -18.32 49.09 -2.66
CA LYS D 865 -17.22 50.06 -2.66
C LYS D 865 -17.62 51.42 -3.21
N GLN D 866 -18.50 51.43 -4.20
CA GLN D 866 -18.97 52.67 -4.81
C GLN D 866 -20.17 53.23 -4.06
N ASP D 867 -20.30 54.56 -4.04
CA ASP D 867 -21.40 55.20 -3.31
C ASP D 867 -22.66 55.47 -4.12
N ASN D 868 -22.52 56.06 -5.30
CA ASN D 868 -23.67 56.35 -6.15
C ASN D 868 -24.45 55.10 -6.53
N LEU D 869 -23.94 53.94 -6.13
CA LEU D 869 -24.61 52.67 -6.41
C LEU D 869 -25.37 52.17 -5.20
N THR D 870 -26.56 51.63 -5.45
CA THR D 870 -27.42 51.12 -4.40
C THR D 870 -28.42 50.12 -5.01
N ILE D 871 -28.66 49.01 -4.33
CA ILE D 871 -29.58 47.97 -4.80
C ILE D 871 -30.93 48.52 -5.26
N ASP D 872 -31.35 48.13 -6.46
CA ASP D 872 -32.63 48.54 -7.03
C ASP D 872 -33.73 47.64 -6.47
N THR D 873 -34.11 47.89 -5.22
CA THR D 873 -35.16 47.11 -4.54
C THR D 873 -36.40 46.81 -5.39
N GLN D 874 -36.79 47.79 -6.23
CA GLN D 874 -37.95 47.62 -7.10
C GLN D 874 -37.77 46.38 -7.97
N TYR D 875 -36.69 46.36 -8.73
CA TYR D 875 -36.38 45.23 -9.62
C TYR D 875 -36.45 43.90 -8.89
N TYR D 876 -35.75 43.79 -7.77
CA TYR D 876 -35.71 42.55 -7.01
C TYR D 876 -37.06 42.06 -6.49
N LEU D 877 -37.97 42.97 -6.18
CA LEU D 877 -39.26 42.55 -5.69
C LEU D 877 -40.20 42.15 -6.82
N ALA D 878 -40.11 42.83 -7.94
CA ALA D 878 -40.98 42.54 -9.07
C ALA D 878 -40.39 41.55 -10.08
N GLN D 879 -39.09 41.72 -10.37
CA GLN D 879 -38.39 40.91 -11.36
C GLN D 879 -37.69 39.62 -10.88
N GLN D 880 -37.63 39.43 -9.57
CA GLN D 880 -36.98 38.24 -9.02
C GLN D 880 -37.88 37.41 -8.13
N ILE D 881 -38.21 37.96 -6.96
CA ILE D 881 -39.03 37.26 -5.99
C ILE D 881 -40.45 36.97 -6.50
N HIS D 882 -41.08 37.99 -7.08
CA HIS D 882 -42.43 37.84 -7.61
C HIS D 882 -42.55 36.72 -8.64
N PRO D 883 -41.68 36.73 -9.68
CA PRO D 883 -41.75 35.68 -10.71
C PRO D 883 -41.68 34.27 -10.16
N VAL D 884 -40.77 34.06 -9.21
CA VAL D 884 -40.58 32.75 -8.61
C VAL D 884 -41.77 32.26 -7.80
N VAL D 885 -42.28 33.12 -6.92
CA VAL D 885 -43.40 32.75 -6.09
C VAL D 885 -44.69 32.63 -6.91
N ALA D 886 -44.83 33.48 -7.92
CA ALA D 886 -46.02 33.42 -8.78
C ALA D 886 -46.10 32.06 -9.46
N ARG D 887 -45.00 31.63 -10.08
CA ARG D 887 -44.94 30.34 -10.80
C ARG D 887 -45.06 29.11 -9.90
N ILE D 888 -44.73 29.27 -8.63
CA ILE D 888 -44.82 28.13 -7.73
C ILE D 888 -46.23 28.00 -7.18
N CYS D 889 -46.92 29.13 -7.02
CA CYS D 889 -48.28 29.16 -6.49
C CYS D 889 -49.36 29.15 -7.57
N GLU D 890 -48.94 29.16 -8.82
CA GLU D 890 -49.86 29.17 -9.95
C GLU D 890 -51.01 28.17 -9.76
N PRO D 891 -50.69 26.92 -9.36
CA PRO D 891 -51.77 25.94 -9.19
C PRO D 891 -52.43 26.02 -7.81
N ILE D 892 -51.93 26.90 -6.94
CA ILE D 892 -52.49 27.01 -5.60
C ILE D 892 -53.71 27.91 -5.54
N ASP D 893 -54.77 27.38 -4.93
CA ASP D 893 -56.01 28.12 -4.76
C ASP D 893 -55.86 29.01 -3.55
N GLY D 894 -56.09 30.31 -3.72
CA GLY D 894 -55.94 31.23 -2.61
C GLY D 894 -54.82 32.19 -2.88
N ILE D 895 -53.90 31.80 -3.77
CA ILE D 895 -52.77 32.65 -4.12
C ILE D 895 -52.87 33.07 -5.58
N ASP D 896 -52.42 34.29 -5.88
CA ASP D 896 -52.48 34.80 -7.23
C ASP D 896 -51.38 35.82 -7.50
N ALA D 897 -51.07 36.02 -8.78
CA ALA D 897 -50.04 36.96 -9.21
C ALA D 897 -50.30 38.35 -8.62
N VAL D 898 -51.49 38.87 -8.87
CA VAL D 898 -51.90 40.19 -8.38
C VAL D 898 -51.85 40.25 -6.85
N LEU D 899 -52.18 39.11 -6.23
CA LEU D 899 -52.20 38.98 -4.77
C LEU D 899 -50.79 39.02 -4.18
N ILE D 900 -49.82 38.44 -4.88
CA ILE D 900 -48.43 38.41 -4.43
C ILE D 900 -47.77 39.79 -4.55
N ALA D 901 -48.06 40.47 -5.66
CA ALA D 901 -47.51 41.80 -5.90
C ALA D 901 -47.83 42.78 -4.79
N THR D 902 -49.03 42.68 -4.22
CA THR D 902 -49.44 43.57 -3.14
C THR D 902 -48.72 43.29 -1.83
N TRP D 903 -48.54 42.01 -1.50
CA TRP D 903 -47.86 41.62 -0.27
C TRP D 903 -46.42 42.13 -0.21
N LEU D 904 -45.82 42.28 -1.38
CA LEU D 904 -44.44 42.74 -1.48
C LEU D 904 -44.37 44.27 -1.60
N GLY D 905 -45.53 44.90 -1.78
CA GLY D 905 -45.57 46.35 -1.89
C GLY D 905 -45.48 46.90 -3.30
N LEU D 906 -46.08 46.20 -4.25
CA LEU D 906 -46.06 46.63 -5.65
C LEU D 906 -47.44 46.97 -6.19
N ASP D 907 -47.48 47.83 -7.20
CA ASP D 907 -48.73 48.23 -7.85
C ASP D 907 -49.14 47.08 -8.75
N PRO D 908 -50.18 46.32 -8.35
CA PRO D 908 -50.71 45.16 -9.09
C PRO D 908 -50.74 45.28 -10.62
N THR D 909 -50.88 46.51 -11.11
CA THR D 909 -50.92 46.77 -12.54
C THR D 909 -49.52 46.88 -13.15
OAC 2ZE G . 27.72 -15.31 16.04
CAV 2ZE G . 27.18 -15.63 17.33
CAN 2ZE G . 26.90 -14.34 18.11
CAW 2ZE G . 26.37 -14.74 19.49
CAT 2ZE G . 25.84 -13.54 17.37
OAB 2ZE G . 26.28 -13.29 16.03
CAU 2ZE G . 25.59 -12.21 18.09
CAQ 2ZE G . 26.88 -11.40 18.05
CAF 2ZE G . 27.97 -12.14 18.80
CAS 2ZE G . 27.60 -12.23 20.29
CAH 2ZE G . 28.19 -13.53 18.21
CAO 2ZE G . 29.27 -14.29 18.95
CAM 2ZE G . 30.58 -13.52 18.89
CAG 2ZE G . 30.35 -12.13 19.46
CAK 2ZE G . 31.53 -11.19 19.43
CAJ 2ZE G . 30.88 -9.82 19.24
CAI 2ZE G . 29.38 -10.06 19.37
CAE 2ZE G . 29.30 -11.39 18.65
CAL 2ZE G . 29.65 -11.26 17.18
CAR 2ZE G . 30.98 -10.57 16.91
CAP 2ZE G . 31.17 -9.36 17.82
OAA 2ZE G . 30.27 -8.32 17.45
CAX 2ZE G . 32.62 -8.89 17.69
OAD 2ZE G . 33.08 -9.14 16.36
OAC 2ZE H . -24.36 10.14 -23.44
CAV 2ZE H . -24.48 11.54 -23.23
CAN 2ZE H . -25.13 11.81 -21.86
CAW 2ZE H . -25.27 13.33 -21.70
CAT 2ZE H . -24.21 11.28 -20.77
OAB 2ZE H . -23.86 9.91 -21.03
CAU 2ZE H . -24.88 11.40 -19.41
CAQ 2ZE H . -26.17 10.59 -19.39
CAF 2ZE H . -27.13 11.13 -20.44
CAS 2ZE H . -27.56 12.54 -20.04
CAH 2ZE H . -26.48 11.11 -21.81
CAO 2ZE H . -27.42 11.62 -22.90
CAM 2ZE H . -28.68 10.78 -22.92
CAG 2ZE H . -29.31 10.81 -21.54
CAK 2ZE H . -30.56 9.96 -21.36
CAJ 2ZE H . -30.48 9.58 -19.88
CAI 2ZE H . -29.29 10.34 -19.31
CAE 2ZE H . -28.36 10.24 -20.51
CAL 2ZE H . -27.95 8.80 -20.79
CAR 2ZE H . -29.08 7.78 -20.79
CAP 2ZE H . -30.19 8.10 -19.80
OAA 2ZE H . -29.79 7.74 -18.47
CAX 2ZE H . -31.45 7.32 -20.21
OAD 2ZE H . -31.07 6.23 -21.06
#